data_7CFV
#
_entry.id   7CFV
#
_entity_poly.entity_id   1
_entity_poly.type   'polypeptide(L)'
_entity_poly.pdbx_seq_one_letter_code
;EALTGDALILSDRGWLRIDDPTLQECRVLSYNESTQQWEWQQVLRWLDQGVRETWKIKTFQTEIKCTGNHLIRTDKGWIK
AANITPKMKILSPEIDAAVKTALQDVESIEKLGVNHVYDIEVEHNHNFVANGLLVHN
;
_entity_poly.pdbx_strand_id   A
#
# COMPACT_ATOMS: atom_id res chain seq x y z
N GLU A 1 3.44 0.09 6.47
CA GLU A 1 4.15 -0.74 7.48
C GLU A 1 3.26 -1.91 7.86
N ALA A 2 2.03 -1.61 8.25
CA ALA A 2 1.06 -2.63 8.67
C ALA A 2 -0.31 -2.35 8.10
N LEU A 3 -0.99 -3.42 7.68
CA LEU A 3 -2.32 -3.30 7.10
C LEU A 3 -3.32 -4.10 7.93
N THR A 4 -4.55 -3.62 8.04
CA THR A 4 -5.57 -4.32 8.83
C THR A 4 -5.94 -5.63 8.14
N GLY A 5 -6.53 -6.56 8.91
CA GLY A 5 -6.88 -7.88 8.40
C GLY A 5 -7.84 -7.80 7.21
N ASP A 6 -8.80 -6.88 7.28
CA ASP A 6 -9.78 -6.71 6.18
C ASP A 6 -9.20 -5.88 5.01
N ALA A 7 -7.94 -5.41 5.17
CA ALA A 7 -7.27 -4.65 4.12
C ALA A 7 -6.87 -5.57 2.98
N LEU A 8 -6.60 -4.98 1.80
CA LEU A 8 -6.20 -5.76 0.63
C LEU A 8 -4.95 -5.17 -0.02
N ILE A 9 -4.08 -6.07 -0.51
CA ILE A 9 -2.81 -5.67 -1.10
C ILE A 9 -2.66 -6.25 -2.51
N LEU A 10 -2.06 -5.46 -3.40
CA LEU A 10 -1.83 -5.88 -4.78
C LEU A 10 -0.81 -7.01 -4.83
N SER A 11 -1.07 -7.99 -5.68
CA SER A 11 -0.18 -9.11 -5.88
C SER A 11 -0.11 -9.45 -7.37
N ASP A 12 0.57 -10.54 -7.71
CA ASP A 12 0.72 -10.92 -9.11
C ASP A 12 -0.65 -11.09 -9.77
N ARG A 13 -1.61 -11.71 -9.04
CA ARG A 13 -2.97 -11.88 -9.57
C ARG A 13 -3.74 -10.54 -9.58
N GLY A 14 -3.49 -9.69 -8.57
CA GLY A 14 -4.21 -8.39 -8.46
C GLY A 14 -4.59 -8.06 -6.99
N TRP A 15 -5.72 -7.36 -6.81
CA TRP A 15 -6.19 -6.95 -5.47
C TRP A 15 -6.73 -8.14 -4.67
N LEU A 16 -6.09 -8.43 -3.52
CA LEU A 16 -6.55 -9.53 -2.64
C LEU A 16 -6.37 -9.16 -1.15
N ARG A 17 -7.08 -9.88 -0.27
CA ARG A 17 -6.98 -9.65 1.19
C ARG A 17 -5.54 -9.83 1.68
N ILE A 18 -5.15 -9.02 2.66
CA ILE A 18 -3.76 -9.02 3.21
C ILE A 18 -3.20 -10.43 3.48
N ASP A 19 -4.08 -11.42 3.60
CA ASP A 19 -3.66 -12.80 3.92
C ASP A 19 -4.01 -13.76 2.76
N ASP A 20 -3.86 -13.27 1.54
CA ASP A 20 -4.14 -14.06 0.33
C ASP A 20 -2.89 -14.87 -0.14
N PRO A 21 -3.08 -15.96 -0.93
CA PRO A 21 -1.94 -16.79 -1.46
C PRO A 21 -0.97 -15.99 -2.34
N THR A 22 -1.50 -15.08 -3.18
CA THR A 22 -0.68 -14.31 -4.11
C THR A 22 0.22 -13.30 -3.39
N LEU A 23 -0.28 -12.69 -2.33
CA LEU A 23 0.54 -11.76 -1.56
C LEU A 23 1.68 -12.53 -0.88
N GLN A 24 1.35 -13.70 -0.35
CA GLN A 24 2.30 -14.48 0.47
C GLN A 24 3.17 -15.45 -0.36
N GLU A 25 2.83 -15.66 -1.65
CA GLU A 25 3.60 -16.60 -2.51
C GLU A 25 3.95 -16.02 -3.89
N CYS A 26 3.39 -14.85 -4.24
CA CYS A 26 3.63 -14.23 -5.54
C CYS A 26 4.11 -12.79 -5.41
N ARG A 27 4.69 -12.28 -6.50
CA ARG A 27 5.25 -10.92 -6.52
C ARG A 27 4.15 -9.88 -6.33
N VAL A 28 4.55 -8.67 -5.92
CA VAL A 28 3.59 -7.57 -5.69
C VAL A 28 4.03 -6.29 -6.40
N LEU A 29 3.08 -5.38 -6.63
CA LEU A 29 3.35 -4.12 -7.32
C LEU A 29 4.08 -3.13 -6.42
N SER A 30 5.15 -2.53 -6.96
CA SER A 30 5.95 -1.55 -6.25
C SER A 30 6.42 -0.46 -7.20
N TYR A 31 6.90 0.67 -6.66
CA TYR A 31 7.44 1.74 -7.48
C TYR A 31 8.95 1.66 -7.43
N ASN A 32 9.53 1.11 -8.50
CA ASN A 32 10.95 0.90 -8.54
C ASN A 32 11.68 2.21 -8.70
N GLU A 33 12.29 2.67 -7.61
CA GLU A 33 13.07 3.91 -7.62
C GLU A 33 14.23 3.78 -8.61
N SER A 34 14.81 2.57 -8.67
CA SER A 34 15.95 2.27 -9.52
C SER A 34 15.64 2.50 -11.01
N THR A 35 14.48 2.00 -11.47
CA THR A 35 14.09 2.14 -12.89
C THR A 35 13.06 3.25 -13.13
N GLN A 36 12.58 3.87 -12.03
CA GLN A 36 11.59 4.94 -12.11
C GLN A 36 10.32 4.48 -12.85
N GLN A 37 9.93 3.22 -12.60
CA GLN A 37 8.72 2.64 -13.21
C GLN A 37 8.16 1.52 -12.35
N TRP A 38 6.90 1.13 -12.62
CA TRP A 38 6.24 0.07 -11.86
C TRP A 38 6.84 -1.30 -12.20
N GLU A 39 7.16 -2.08 -11.17
CA GLU A 39 7.73 -3.41 -11.34
C GLU A 39 7.27 -4.35 -10.23
N TRP A 40 7.30 -5.67 -10.51
CA TRP A 40 6.91 -6.68 -9.53
C TRP A 40 8.12 -7.16 -8.73
N GLN A 41 7.98 -7.16 -7.40
CA GLN A 41 9.04 -7.61 -6.49
C GLN A 41 8.57 -8.83 -5.72
N GLN A 42 9.50 -9.70 -5.31
CA GLN A 42 9.14 -10.92 -4.61
C GLN A 42 8.79 -10.62 -3.17
N VAL A 43 7.71 -11.26 -2.71
CA VAL A 43 7.25 -11.12 -1.35
C VAL A 43 8.08 -12.04 -0.44
N LEU A 44 8.95 -11.42 0.33
CA LEU A 44 9.92 -12.16 1.15
C LEU A 44 9.28 -13.08 2.19
N ARG A 45 8.31 -12.56 2.99
CA ARG A 45 7.75 -13.37 4.09
C ARG A 45 6.56 -12.67 4.77
N TRP A 46 5.44 -13.40 4.92
CA TRP A 46 4.25 -12.86 5.57
C TRP A 46 4.47 -12.73 7.08
N LEU A 47 4.26 -11.52 7.60
CA LEU A 47 4.41 -11.25 9.02
C LEU A 47 3.14 -10.70 9.63
N ASP A 48 2.80 -11.22 10.83
CA ASP A 48 1.63 -10.75 11.56
C ASP A 48 2.05 -9.62 12.51
N GLN A 49 1.08 -8.82 12.96
CA GLN A 49 1.36 -7.71 13.88
C GLN A 49 0.32 -7.63 15.02
N GLY A 50 -0.74 -8.43 14.93
CA GLY A 50 -1.75 -8.51 15.98
C GLY A 50 -2.41 -7.16 16.28
N VAL A 51 -2.46 -6.83 17.57
CA VAL A 51 -3.15 -5.63 18.06
C VAL A 51 -2.34 -4.36 17.73
N ARG A 52 -2.95 -3.47 16.91
CA ARG A 52 -2.33 -2.19 16.54
C ARG A 52 -3.38 -1.16 16.08
N GLU A 53 -3.21 0.09 16.52
CA GLU A 53 -4.10 1.20 16.13
C GLU A 53 -3.92 1.51 14.64
N THR A 54 -5.01 1.90 13.94
CA THR A 54 -4.92 2.17 12.48
C THR A 54 -5.74 3.40 12.02
N TRP A 55 -5.21 4.09 10.99
CA TRP A 55 -5.86 5.25 10.37
C TRP A 55 -6.26 4.89 8.93
N LYS A 56 -7.49 5.25 8.53
CA LYS A 56 -8.00 4.90 7.20
C LYS A 56 -7.93 6.07 6.22
N ILE A 57 -6.87 6.06 5.41
CA ILE A 57 -6.70 7.05 4.34
C ILE A 57 -7.63 6.69 3.18
N LYS A 58 -8.53 7.60 2.88
CA LYS A 58 -9.53 7.40 1.83
C LYS A 58 -9.20 8.25 0.61
N THR A 59 -9.27 7.64 -0.58
CA THR A 59 -9.00 8.33 -1.85
C THR A 59 -10.11 8.02 -2.85
N PHE A 60 -10.16 8.79 -3.94
CA PHE A 60 -11.18 8.59 -4.97
C PHE A 60 -11.01 7.25 -5.70
N GLN A 61 -9.76 6.79 -5.84
CA GLN A 61 -9.48 5.52 -6.54
C GLN A 61 -9.53 4.33 -5.58
N THR A 62 -9.17 4.55 -4.31
CA THR A 62 -9.16 3.46 -3.31
C THR A 62 -9.20 4.01 -1.87
N GLU A 63 -9.16 3.08 -0.92
CA GLU A 63 -9.14 3.41 0.50
C GLU A 63 -8.53 2.26 1.30
N ILE A 64 -7.84 2.58 2.40
CA ILE A 64 -7.20 1.53 3.22
C ILE A 64 -6.80 2.03 4.61
N LYS A 65 -6.67 1.10 5.57
CA LYS A 65 -6.29 1.43 6.94
C LYS A 65 -4.96 0.76 7.32
N CYS A 66 -4.03 1.58 7.81
CA CYS A 66 -2.69 1.13 8.19
C CYS A 66 -2.26 1.81 9.51
N THR A 67 -1.00 1.59 9.92
CA THR A 67 -0.48 2.15 11.19
C THR A 67 -0.85 3.65 11.32
N GLY A 68 -0.69 4.40 10.23
CA GLY A 68 -1.07 5.82 10.20
C GLY A 68 0.10 6.75 10.59
N ASN A 69 1.20 6.16 11.10
CA ASN A 69 2.39 6.95 11.47
C ASN A 69 3.55 6.73 10.49
N HIS A 70 3.49 5.62 9.73
CA HIS A 70 4.52 5.29 8.75
C HIS A 70 4.36 6.15 7.49
N LEU A 71 5.49 6.51 6.87
CA LEU A 71 5.48 7.32 5.65
C LEU A 71 5.00 6.50 4.47
N ILE A 72 4.18 7.13 3.62
CA ILE A 72 3.68 6.50 2.41
C ILE A 72 3.96 7.41 1.22
N ARG A 73 4.08 6.82 0.03
CA ARG A 73 4.40 7.60 -1.17
C ARG A 73 3.23 8.49 -1.58
N THR A 74 3.57 9.73 -1.91
CA THR A 74 2.60 10.70 -2.42
C THR A 74 3.17 11.33 -3.69
N ASP A 75 2.43 12.28 -4.27
CA ASP A 75 2.88 12.95 -5.49
C ASP A 75 4.23 13.63 -5.24
N LYS A 76 4.38 14.21 -4.06
CA LYS A 76 5.63 14.91 -3.69
C LYS A 76 6.71 13.92 -3.18
N GLY A 77 6.29 12.68 -2.83
CA GLY A 77 7.23 11.66 -2.32
C GLY A 77 6.71 11.03 -1.02
N TRP A 78 7.61 10.39 -0.26
CA TRP A 78 7.24 9.74 1.02
C TRP A 78 6.80 10.80 2.03
N ILE A 79 5.64 10.58 2.64
CA ILE A 79 5.07 11.51 3.64
C ILE A 79 4.39 10.74 4.78
N LYS A 80 4.56 11.23 6.01
CA LYS A 80 3.94 10.61 7.19
C LYS A 80 2.42 10.50 6.98
N ALA A 81 1.87 9.32 7.25
CA ALA A 81 0.43 9.06 7.04
C ALA A 81 -0.42 10.03 7.86
N ALA A 82 0.00 10.31 9.09
CA ALA A 82 -0.69 11.26 9.96
C ALA A 82 -0.73 12.65 9.31
N ASN A 83 0.37 13.00 8.63
CA ASN A 83 0.50 14.31 7.97
C ASN A 83 -0.39 14.41 6.72
N ILE A 84 -0.66 13.27 6.07
CA ILE A 84 -1.48 13.26 4.84
C ILE A 84 -2.84 13.94 5.09
N THR A 85 -3.24 14.77 4.13
CA THR A 85 -4.51 15.48 4.17
C THR A 85 -5.28 15.25 2.87
N PRO A 86 -6.61 15.49 2.82
CA PRO A 86 -7.40 15.26 1.58
C PRO A 86 -6.73 15.84 0.33
N LYS A 87 -6.05 16.98 0.51
CA LYS A 87 -5.36 17.66 -0.61
C LYS A 87 -4.31 16.75 -1.24
N MET A 88 -3.59 16.00 -0.39
CA MET A 88 -2.51 15.12 -0.86
C MET A 88 -3.03 14.11 -1.90
N LYS A 89 -2.18 13.84 -2.90
CA LYS A 89 -2.49 12.85 -3.94
C LYS A 89 -1.41 11.78 -3.98
N ILE A 90 -1.80 10.55 -4.32
CA ILE A 90 -0.87 9.42 -4.37
C ILE A 90 -0.91 8.73 -5.75
N LEU A 91 0.27 8.50 -6.32
CA LEU A 91 0.36 7.82 -7.62
C LEU A 91 0.07 6.34 -7.45
N SER A 92 -0.81 5.82 -8.31
CA SER A 92 -1.21 4.42 -8.25
C SER A 92 -1.03 3.74 -9.64
N PRO A 93 -0.74 2.41 -9.69
CA PRO A 93 -0.53 1.69 -10.98
C PRO A 93 -1.84 1.46 -11.73
N GLU A 94 -1.74 1.39 -13.06
CA GLU A 94 -2.90 1.11 -13.90
C GLU A 94 -2.62 -0.10 -14.76
N ILE A 95 -3.48 -1.11 -14.66
CA ILE A 95 -3.30 -2.35 -15.41
C ILE A 95 -4.02 -2.29 -16.77
N ASP A 96 -3.26 -2.57 -17.83
CA ASP A 96 -3.75 -2.52 -19.20
C ASP A 96 -2.67 -3.08 -20.14
N ALA A 97 -2.65 -2.61 -21.41
CA ALA A 97 -1.63 -3.05 -22.37
C ALA A 97 -0.24 -2.69 -21.82
N ALA A 98 -0.15 -1.51 -21.19
CA ALA A 98 1.08 -1.06 -20.55
C ALA A 98 0.75 -0.42 -19.20
N VAL A 99 1.60 -0.69 -18.20
CA VAL A 99 1.38 -0.15 -16.85
C VAL A 99 1.52 1.38 -16.88
N LYS A 100 0.54 2.07 -16.30
CA LYS A 100 0.53 3.55 -16.30
C LYS A 100 0.28 4.09 -14.90
N THR A 101 0.98 5.17 -14.54
CA THR A 101 0.82 5.79 -13.22
C THR A 101 -0.27 6.87 -13.25
N ALA A 102 -1.12 6.87 -12.22
CA ALA A 102 -2.21 7.85 -12.11
C ALA A 102 -2.42 8.27 -10.66
N LEU A 103 -2.47 9.58 -10.43
CA LEU A 103 -2.65 10.13 -9.08
C LEU A 103 -4.10 9.98 -8.64
N GLN A 104 -4.28 9.73 -7.33
CA GLN A 104 -5.61 9.65 -6.73
C GLN A 104 -5.75 10.74 -5.66
N ASP A 105 -6.96 11.29 -5.51
CA ASP A 105 -7.19 12.37 -4.57
C ASP A 105 -7.69 11.82 -3.25
N VAL A 106 -7.06 12.26 -2.16
CA VAL A 106 -7.45 11.81 -0.83
C VAL A 106 -8.74 12.54 -0.42
N GLU A 107 -9.79 11.75 -0.12
CA GLU A 107 -11.03 12.34 0.36
C GLU A 107 -10.86 12.79 1.81
N SER A 108 -10.33 11.86 2.65
CA SER A 108 -10.05 12.14 4.06
C SER A 108 -9.47 10.88 4.73
N ILE A 109 -8.98 11.05 5.97
CA ILE A 109 -8.47 9.91 6.76
C ILE A 109 -9.38 9.70 7.99
N GLU A 110 -9.86 8.45 8.17
CA GLU A 110 -10.77 8.15 9.28
C GLU A 110 -10.17 7.12 10.22
N LYS A 111 -10.15 7.46 11.52
CA LYS A 111 -9.59 6.58 12.53
C LYS A 111 -10.39 5.29 12.63
N LEU A 112 -9.68 4.17 12.68
CA LEU A 112 -10.31 2.84 12.85
C LEU A 112 -9.95 2.25 14.22
N GLY A 113 -8.86 2.77 14.84
CA GLY A 113 -8.44 2.33 16.16
C GLY A 113 -7.69 1.02 16.12
N VAL A 114 -7.72 0.32 17.26
CA VAL A 114 -7.02 -0.95 17.42
C VAL A 114 -7.67 -2.02 16.52
N ASN A 115 -6.85 -2.63 15.68
CA ASN A 115 -7.29 -3.68 14.76
C ASN A 115 -6.21 -4.72 14.58
N HIS A 116 -6.60 -5.88 14.03
CA HIS A 116 -5.64 -6.93 13.71
C HIS A 116 -4.87 -6.52 12.47
N VAL A 117 -3.54 -6.59 12.54
CA VAL A 117 -2.67 -6.13 11.43
C VAL A 117 -1.75 -7.22 10.93
N TYR A 118 -1.57 -7.24 9.61
CA TYR A 118 -0.69 -8.20 8.95
C TYR A 118 -0.01 -7.48 7.78
N ASP A 119 1.20 -7.91 7.43
CA ASP A 119 1.93 -7.30 6.31
C ASP A 119 3.08 -8.19 5.86
N ILE A 120 3.56 -7.96 4.63
CA ILE A 120 4.64 -8.78 4.05
C ILE A 120 5.75 -7.92 3.46
N GLU A 121 6.98 -8.41 3.61
CA GLU A 121 8.18 -7.72 3.15
C GLU A 121 8.49 -8.03 1.68
N VAL A 122 9.20 -7.10 1.04
CA VAL A 122 9.60 -7.25 -0.37
C VAL A 122 11.12 -7.15 -0.51
N GLU A 123 11.64 -7.66 -1.62
CA GLU A 123 13.12 -7.74 -1.82
C GLU A 123 13.79 -6.44 -2.36
N HIS A 124 13.77 -6.26 -3.69
CA HIS A 124 14.57 -5.19 -4.36
C HIS A 124 14.22 -3.75 -3.93
N ASN A 125 12.99 -3.31 -4.20
CA ASN A 125 12.61 -1.91 -3.94
C ASN A 125 12.22 -1.65 -2.48
N HIS A 126 12.07 -2.73 -1.70
CA HIS A 126 11.74 -2.61 -0.26
C HIS A 126 10.42 -1.82 -0.04
N ASN A 127 9.52 -1.84 -1.03
CA ASN A 127 8.22 -1.17 -0.92
C ASN A 127 7.12 -1.96 -1.63
N PHE A 128 5.87 -1.75 -1.23
CA PHE A 128 4.73 -2.45 -1.86
C PHE A 128 3.48 -1.57 -1.87
N VAL A 129 2.51 -1.93 -2.72
CA VAL A 129 1.27 -1.17 -2.85
C VAL A 129 0.11 -1.92 -2.19
N ALA A 130 -0.52 -1.28 -1.20
CA ALA A 130 -1.68 -1.87 -0.52
C ALA A 130 -2.97 -1.21 -1.00
N ASN A 131 -3.84 -2.01 -1.63
CA ASN A 131 -5.10 -1.53 -2.18
C ASN A 131 -4.88 -0.31 -3.10
N GLY A 132 -3.83 -0.37 -3.92
CA GLY A 132 -3.52 0.69 -4.89
C GLY A 132 -2.78 1.89 -4.25
N LEU A 133 -2.50 1.81 -2.94
CA LEU A 133 -1.79 2.89 -2.23
C LEU A 133 -0.37 2.42 -1.88
N LEU A 134 0.65 3.14 -2.42
CA LEU A 134 2.05 2.78 -2.19
C LEU A 134 2.49 3.08 -0.75
N VAL A 135 2.99 2.04 -0.07
CA VAL A 135 3.43 2.14 1.32
C VAL A 135 4.89 1.65 1.47
N HIS A 136 5.70 2.44 2.18
CA HIS A 136 7.10 2.10 2.45
C HIS A 136 7.18 0.96 3.47
N ASN A 137 8.15 0.05 3.27
CA ASN A 137 8.34 -1.08 4.17
C ASN A 137 9.73 -1.72 4.00
N GLU A 1 3.58 -0.09 6.90
CA GLU A 1 4.20 -1.00 7.92
C GLU A 1 3.24 -2.15 8.23
N ALA A 2 1.95 -1.81 8.35
CA ALA A 2 0.92 -2.80 8.66
C ALA A 2 -0.41 -2.44 8.02
N LEU A 3 -1.14 -3.47 7.59
CA LEU A 3 -2.46 -3.29 6.99
C LEU A 3 -3.47 -4.09 7.77
N THR A 4 -4.68 -3.52 7.98
CA THR A 4 -5.71 -4.24 8.76
C THR A 4 -6.04 -5.54 8.07
N GLY A 5 -6.57 -6.51 8.84
CA GLY A 5 -6.87 -7.83 8.32
C GLY A 5 -7.82 -7.78 7.14
N ASP A 6 -8.83 -6.92 7.23
CA ASP A 6 -9.80 -6.76 6.14
C ASP A 6 -9.20 -6.08 4.91
N ALA A 7 -8.14 -5.29 5.11
CA ALA A 7 -7.49 -4.57 4.01
C ALA A 7 -6.95 -5.55 2.98
N LEU A 8 -6.81 -5.06 1.75
CA LEU A 8 -6.32 -5.90 0.62
C LEU A 8 -5.11 -5.26 -0.07
N ILE A 9 -4.21 -6.12 -0.55
CA ILE A 9 -2.97 -5.68 -1.21
C ILE A 9 -2.86 -6.29 -2.61
N LEU A 10 -2.36 -5.48 -3.57
CA LEU A 10 -2.18 -5.94 -4.94
C LEU A 10 -1.11 -7.02 -5.01
N SER A 11 -1.40 -8.09 -5.76
CA SER A 11 -0.47 -9.19 -5.94
C SER A 11 -0.48 -9.62 -7.39
N ASP A 12 0.35 -10.62 -7.74
CA ASP A 12 0.47 -11.08 -9.13
C ASP A 12 -0.92 -11.26 -9.77
N ARG A 13 -1.86 -11.84 -9.01
CA ARG A 13 -3.21 -12.07 -9.50
C ARG A 13 -4.01 -10.76 -9.60
N GLY A 14 -3.73 -9.82 -8.68
CA GLY A 14 -4.45 -8.53 -8.65
C GLY A 14 -4.85 -8.16 -7.21
N TRP A 15 -5.92 -7.36 -7.08
CA TRP A 15 -6.40 -6.93 -5.76
C TRP A 15 -6.88 -8.14 -4.95
N LEU A 16 -6.14 -8.46 -3.89
CA LEU A 16 -6.47 -9.61 -3.03
C LEU A 16 -6.25 -9.27 -1.55
N ARG A 17 -6.87 -10.06 -0.67
CA ARG A 17 -6.80 -9.81 0.78
C ARG A 17 -5.35 -9.83 1.29
N ILE A 18 -5.07 -8.99 2.28
CA ILE A 18 -3.72 -8.81 2.84
C ILE A 18 -3.03 -10.13 3.21
N ASP A 19 -3.82 -11.20 3.46
CA ASP A 19 -3.24 -12.48 3.92
C ASP A 19 -3.43 -13.62 2.91
N ASP A 20 -3.75 -13.28 1.65
CA ASP A 20 -3.96 -14.29 0.60
C ASP A 20 -2.61 -14.93 0.14
N PRO A 21 -2.65 -16.19 -0.38
CA PRO A 21 -1.41 -16.90 -0.84
C PRO A 21 -0.65 -16.13 -1.92
N THR A 22 -1.35 -15.21 -2.59
CA THR A 22 -0.72 -14.38 -3.63
C THR A 22 0.35 -13.50 -2.98
N LEU A 23 -0.02 -12.84 -1.89
CA LEU A 23 0.92 -12.00 -1.15
C LEU A 23 2.06 -12.81 -0.57
N GLN A 24 1.74 -13.98 0.01
CA GLN A 24 2.76 -14.82 0.65
C GLN A 24 3.72 -15.51 -0.33
N GLU A 25 3.21 -16.00 -1.48
CA GLU A 25 4.04 -16.79 -2.41
C GLU A 25 4.23 -16.16 -3.80
N CYS A 26 3.60 -14.99 -4.05
CA CYS A 26 3.72 -14.35 -5.37
C CYS A 26 4.17 -12.90 -5.27
N ARG A 27 4.69 -12.39 -6.38
CA ARG A 27 5.20 -11.01 -6.46
C ARG A 27 4.08 -9.99 -6.26
N VAL A 28 4.45 -8.79 -5.82
CA VAL A 28 3.48 -7.70 -5.61
C VAL A 28 3.93 -6.42 -6.32
N LEU A 29 2.96 -5.53 -6.61
CA LEU A 29 3.24 -4.29 -7.32
C LEU A 29 3.98 -3.29 -6.44
N SER A 30 5.07 -2.72 -6.99
CA SER A 30 5.88 -1.75 -6.27
C SER A 30 6.44 -0.71 -7.24
N TYR A 31 6.92 0.42 -6.70
CA TYR A 31 7.51 1.46 -7.52
C TYR A 31 9.02 1.35 -7.45
N ASN A 32 9.64 1.04 -8.58
CA ASN A 32 11.07 0.90 -8.64
C ASN A 32 11.71 2.24 -8.91
N GLU A 33 12.14 2.91 -7.83
CA GLU A 33 12.79 4.22 -7.93
C GLU A 33 14.06 4.13 -8.79
N SER A 34 14.75 3.00 -8.68
CA SER A 34 16.00 2.78 -9.42
C SER A 34 15.79 2.88 -10.93
N THR A 35 14.69 2.29 -11.43
CA THR A 35 14.38 2.31 -12.87
C THR A 35 13.28 3.34 -13.22
N GLN A 36 12.68 3.96 -12.20
CA GLN A 36 11.61 4.95 -12.39
C GLN A 36 10.41 4.33 -13.15
N GLN A 37 10.20 3.02 -12.97
CA GLN A 37 9.09 2.31 -13.61
C GLN A 37 8.45 1.33 -12.63
N TRP A 38 7.20 0.92 -12.92
CA TRP A 38 6.50 -0.04 -12.08
C TRP A 38 7.02 -1.44 -12.34
N GLU A 39 7.38 -2.15 -11.27
CA GLU A 39 7.90 -3.51 -11.37
C GLU A 39 7.39 -4.40 -10.25
N TRP A 40 7.39 -5.70 -10.50
CA TRP A 40 6.95 -6.68 -9.50
C TRP A 40 8.13 -7.15 -8.66
N GLN A 41 8.01 -7.00 -7.34
CA GLN A 41 9.04 -7.43 -6.39
C GLN A 41 8.66 -8.77 -5.79
N GLN A 42 9.60 -9.39 -5.05
CA GLN A 42 9.35 -10.69 -4.45
C GLN A 42 8.94 -10.55 -3.01
N VAL A 43 7.81 -11.16 -2.65
CA VAL A 43 7.30 -11.14 -1.30
C VAL A 43 8.14 -12.05 -0.42
N LEU A 44 8.78 -11.44 0.55
CA LEU A 44 9.69 -12.13 1.43
C LEU A 44 8.98 -13.14 2.31
N ARG A 45 8.01 -12.66 3.11
CA ARG A 45 7.31 -13.52 4.06
C ARG A 45 6.11 -12.82 4.70
N TRP A 46 5.30 -13.58 5.46
CA TRP A 46 4.09 -13.04 6.09
C TRP A 46 4.36 -12.57 7.52
N LEU A 47 4.26 -11.26 7.72
CA LEU A 47 4.46 -10.64 9.04
C LEU A 47 3.11 -10.37 9.71
N ASP A 48 2.83 -11.08 10.81
CA ASP A 48 1.60 -10.87 11.57
C ASP A 48 1.86 -9.86 12.69
N GLN A 49 1.51 -8.60 12.44
CA GLN A 49 1.76 -7.53 13.40
C GLN A 49 0.99 -7.74 14.69
N GLY A 50 -0.26 -8.21 14.57
CA GLY A 50 -1.12 -8.44 15.75
C GLY A 50 -2.20 -7.37 15.85
N VAL A 51 -2.39 -6.83 17.06
CA VAL A 51 -3.39 -5.79 17.28
C VAL A 51 -2.72 -4.41 17.39
N ARG A 52 -3.16 -3.48 16.53
CA ARG A 52 -2.59 -2.13 16.52
C ARG A 52 -3.57 -1.11 15.91
N GLU A 53 -3.48 0.12 16.40
CA GLU A 53 -4.32 1.23 15.96
C GLU A 53 -4.09 1.53 14.49
N THR A 54 -5.16 1.92 13.76
CA THR A 54 -5.02 2.21 12.32
C THR A 54 -5.80 3.45 11.87
N TRP A 55 -5.27 4.12 10.84
CA TRP A 55 -5.90 5.29 10.23
C TRP A 55 -6.29 4.95 8.79
N LYS A 56 -7.53 5.27 8.41
CA LYS A 56 -8.04 4.95 7.07
C LYS A 56 -7.93 6.15 6.13
N ILE A 57 -6.90 6.11 5.29
CA ILE A 57 -6.72 7.12 4.25
C ILE A 57 -7.65 6.81 3.09
N LYS A 58 -8.69 7.63 2.99
CA LYS A 58 -9.72 7.50 1.98
C LYS A 58 -9.33 8.29 0.74
N THR A 59 -9.37 7.65 -0.44
CA THR A 59 -9.04 8.32 -1.71
C THR A 59 -10.12 8.08 -2.74
N PHE A 60 -10.13 8.89 -3.79
CA PHE A 60 -11.13 8.82 -4.85
C PHE A 60 -11.10 7.47 -5.56
N GLN A 61 -9.89 6.95 -5.81
CA GLN A 61 -9.74 5.69 -6.54
C GLN A 61 -9.77 4.48 -5.60
N THR A 62 -9.27 4.67 -4.36
CA THR A 62 -9.20 3.56 -3.39
C THR A 62 -9.30 4.05 -1.94
N GLU A 63 -9.10 3.11 -0.99
CA GLU A 63 -9.11 3.39 0.44
C GLU A 63 -8.24 2.35 1.15
N ILE A 64 -7.64 2.73 2.28
CA ILE A 64 -6.74 1.82 2.99
C ILE A 64 -6.52 2.25 4.45
N LYS A 65 -6.47 1.25 5.35
CA LYS A 65 -6.21 1.50 6.78
C LYS A 65 -4.92 0.83 7.22
N CYS A 66 -3.99 1.63 7.76
CA CYS A 66 -2.68 1.16 8.20
C CYS A 66 -2.26 1.86 9.50
N THR A 67 -1.04 1.57 9.99
CA THR A 67 -0.53 2.13 11.27
C THR A 67 -0.96 3.61 11.47
N GLY A 68 -0.92 4.39 10.38
CA GLY A 68 -1.34 5.81 10.43
C GLY A 68 -0.15 6.76 10.55
N ASN A 69 0.99 6.25 11.00
CA ASN A 69 2.23 7.05 11.09
C ASN A 69 3.26 6.62 10.02
N HIS A 70 2.94 5.53 9.30
CA HIS A 70 3.81 5.01 8.26
C HIS A 70 3.84 5.96 7.06
N LEU A 71 5.03 6.14 6.45
CA LEU A 71 5.17 7.02 5.29
C LEU A 71 4.49 6.41 4.08
N ILE A 72 3.80 7.26 3.32
CA ILE A 72 3.08 6.83 2.12
C ILE A 72 3.50 7.72 0.94
N ARG A 73 3.90 7.08 -0.18
CA ARG A 73 4.30 7.83 -1.37
C ARG A 73 3.19 8.77 -1.80
N THR A 74 3.55 10.03 -2.06
CA THR A 74 2.62 11.04 -2.51
C THR A 74 3.28 11.94 -3.57
N ASP A 75 2.55 12.96 -4.02
CA ASP A 75 3.08 13.88 -5.02
C ASP A 75 4.41 14.51 -4.55
N LYS A 76 4.58 14.61 -3.22
CA LYS A 76 5.82 15.17 -2.63
C LYS A 76 6.84 14.07 -2.25
N GLY A 77 6.46 12.79 -2.43
CA GLY A 77 7.33 11.66 -2.07
C GLY A 77 6.76 10.93 -0.85
N TRP A 78 7.57 10.07 -0.22
CA TRP A 78 7.11 9.33 0.96
C TRP A 78 6.99 10.27 2.17
N ILE A 79 5.76 10.35 2.70
CA ILE A 79 5.46 11.26 3.82
C ILE A 79 4.58 10.55 4.86
N LYS A 80 4.85 10.84 6.15
CA LYS A 80 4.08 10.24 7.26
C LYS A 80 2.57 10.30 7.00
N ALA A 81 1.88 9.18 7.25
CA ALA A 81 0.43 9.07 7.02
C ALA A 81 -0.33 10.11 7.84
N ALA A 82 0.11 10.31 9.08
CA ALA A 82 -0.51 11.32 9.95
C ALA A 82 -0.39 12.71 9.31
N ASN A 83 0.73 12.93 8.61
CA ASN A 83 1.01 14.19 7.96
C ASN A 83 0.12 14.38 6.71
N ILE A 84 -0.24 13.26 6.05
CA ILE A 84 -1.09 13.32 4.84
C ILE A 84 -2.43 14.00 5.13
N THR A 85 -2.86 14.82 4.18
CA THR A 85 -4.13 15.55 4.29
C THR A 85 -4.99 15.27 3.02
N PRO A 86 -6.30 15.55 3.04
CA PRO A 86 -7.18 15.27 1.86
C PRO A 86 -6.59 15.81 0.55
N LYS A 87 -5.90 16.95 0.66
CA LYS A 87 -5.29 17.60 -0.50
C LYS A 87 -4.26 16.69 -1.17
N MET A 88 -3.49 15.95 -0.37
CA MET A 88 -2.42 15.10 -0.88
C MET A 88 -2.92 14.14 -1.98
N LYS A 89 -2.03 13.87 -2.93
CA LYS A 89 -2.31 12.95 -4.03
C LYS A 89 -1.33 11.78 -3.99
N ILE A 90 -1.83 10.57 -4.27
CA ILE A 90 -0.98 9.38 -4.30
C ILE A 90 -1.07 8.69 -5.67
N LEU A 91 0.09 8.47 -6.30
CA LEU A 91 0.12 7.81 -7.60
C LEU A 91 -0.15 6.32 -7.46
N SER A 92 -1.19 5.85 -8.19
CA SER A 92 -1.60 4.45 -8.12
C SER A 92 -1.29 3.72 -9.45
N PRO A 93 -0.79 2.46 -9.42
CA PRO A 93 -0.48 1.68 -10.66
C PRO A 93 -1.76 1.22 -11.35
N GLU A 94 -1.70 1.08 -12.67
CA GLU A 94 -2.85 0.62 -13.46
C GLU A 94 -2.47 -0.57 -14.32
N ILE A 95 -3.24 -1.64 -14.21
CA ILE A 95 -3.00 -2.87 -14.97
C ILE A 95 -3.77 -2.84 -16.29
N ASP A 96 -3.03 -3.00 -17.39
CA ASP A 96 -3.61 -2.97 -18.73
C ASP A 96 -2.54 -3.46 -19.74
N ALA A 97 -2.62 -2.99 -21.02
CA ALA A 97 -1.62 -3.35 -22.02
C ALA A 97 -0.23 -2.93 -21.53
N ALA A 98 -0.17 -1.75 -20.90
CA ALA A 98 1.06 -1.23 -20.32
C ALA A 98 0.75 -0.56 -18.98
N VAL A 99 1.64 -0.75 -18.00
CA VAL A 99 1.43 -0.16 -16.66
C VAL A 99 1.35 1.37 -16.76
N LYS A 100 0.36 1.94 -16.08
CA LYS A 100 0.16 3.40 -16.09
C LYS A 100 -0.02 3.94 -14.68
N THR A 101 0.41 5.18 -14.47
CA THR A 101 0.31 5.84 -13.16
C THR A 101 -0.74 6.94 -13.18
N ALA A 102 -1.59 6.95 -12.14
CA ALA A 102 -2.62 7.97 -12.00
C ALA A 102 -2.76 8.40 -10.56
N LEU A 103 -2.72 9.72 -10.32
CA LEU A 103 -2.84 10.27 -8.97
C LEU A 103 -4.27 10.14 -8.45
N GLN A 104 -4.39 9.81 -7.16
CA GLN A 104 -5.70 9.70 -6.50
C GLN A 104 -5.84 10.82 -5.47
N ASP A 105 -7.06 11.33 -5.30
CA ASP A 105 -7.30 12.43 -4.36
C ASP A 105 -7.79 11.90 -3.02
N VAL A 106 -7.10 12.28 -1.94
CA VAL A 106 -7.48 11.84 -0.62
C VAL A 106 -8.74 12.58 -0.17
N GLU A 107 -9.85 11.84 0.01
CA GLU A 107 -11.09 12.43 0.49
C GLU A 107 -10.92 12.84 1.95
N SER A 108 -10.32 11.95 2.74
CA SER A 108 -10.06 12.19 4.18
C SER A 108 -9.37 10.98 4.82
N ILE A 109 -8.93 11.17 6.06
CA ILE A 109 -8.32 10.08 6.84
C ILE A 109 -9.23 9.81 8.06
N GLU A 110 -9.69 8.55 8.20
CA GLU A 110 -10.62 8.20 9.30
C GLU A 110 -10.06 7.09 10.18
N LYS A 111 -9.91 7.39 11.48
CA LYS A 111 -9.39 6.41 12.43
C LYS A 111 -10.32 5.21 12.56
N LEU A 112 -9.72 4.02 12.57
CA LEU A 112 -10.46 2.76 12.75
C LEU A 112 -10.17 2.16 14.14
N GLY A 113 -9.04 2.55 14.74
CA GLY A 113 -8.65 2.07 16.05
C GLY A 113 -7.85 0.79 15.98
N VAL A 114 -7.76 0.09 17.12
CA VAL A 114 -6.98 -1.15 17.21
C VAL A 114 -7.68 -2.27 16.43
N ASN A 115 -6.94 -2.84 15.48
CA ASN A 115 -7.44 -3.91 14.63
C ASN A 115 -6.34 -4.92 14.36
N HIS A 116 -6.72 -6.09 13.83
CA HIS A 116 -5.74 -7.09 13.44
C HIS A 116 -4.98 -6.56 12.24
N VAL A 117 -3.66 -6.73 12.26
CA VAL A 117 -2.79 -6.19 11.18
C VAL A 117 -1.83 -7.24 10.64
N TYR A 118 -1.73 -7.30 9.31
CA TYR A 118 -0.83 -8.23 8.63
C TYR A 118 -0.18 -7.50 7.45
N ASP A 119 1.04 -7.91 7.10
CA ASP A 119 1.78 -7.29 6.00
C ASP A 119 2.93 -8.19 5.53
N ILE A 120 3.44 -7.96 4.30
CA ILE A 120 4.55 -8.77 3.78
C ILE A 120 5.72 -7.89 3.29
N GLU A 121 6.94 -8.39 3.49
CA GLU A 121 8.16 -7.70 3.10
C GLU A 121 8.50 -7.96 1.64
N VAL A 122 9.28 -7.05 1.03
CA VAL A 122 9.68 -7.20 -0.39
C VAL A 122 11.21 -7.11 -0.53
N GLU A 123 11.74 -7.64 -1.65
CA GLU A 123 13.21 -7.76 -1.83
C GLU A 123 13.91 -6.52 -2.43
N HIS A 124 13.62 -6.21 -3.71
CA HIS A 124 14.43 -5.22 -4.48
C HIS A 124 14.33 -3.77 -3.97
N ASN A 125 13.12 -3.17 -4.00
CA ASN A 125 12.96 -1.73 -3.66
C ASN A 125 12.43 -1.47 -2.25
N HIS A 126 12.09 -2.54 -1.51
CA HIS A 126 11.62 -2.40 -0.12
C HIS A 126 10.32 -1.55 -0.03
N ASN A 127 9.39 -1.77 -0.96
CA ASN A 127 8.08 -1.08 -0.95
C ASN A 127 7.03 -1.88 -1.69
N PHE A 128 5.75 -1.60 -1.39
CA PHE A 128 4.62 -2.31 -2.03
C PHE A 128 3.35 -1.45 -2.04
N VAL A 129 2.37 -1.86 -2.85
CA VAL A 129 1.10 -1.12 -2.97
C VAL A 129 -0.05 -1.89 -2.30
N ALA A 130 -0.71 -1.23 -1.33
CA ALA A 130 -1.87 -1.82 -0.66
C ALA A 130 -3.12 -1.07 -1.08
N ASN A 131 -4.08 -1.79 -1.67
CA ASN A 131 -5.32 -1.17 -2.16
C ASN A 131 -5.01 0.01 -3.10
N GLY A 132 -3.95 -0.13 -3.91
CA GLY A 132 -3.57 0.92 -4.87
C GLY A 132 -2.77 2.06 -4.20
N LEU A 133 -2.51 1.93 -2.88
CA LEU A 133 -1.76 2.95 -2.14
C LEU A 133 -0.33 2.46 -1.88
N LEU A 134 0.64 3.19 -2.44
CA LEU A 134 2.06 2.84 -2.32
C LEU A 134 2.63 3.21 -0.94
N VAL A 135 3.33 2.22 -0.32
CA VAL A 135 3.95 2.41 0.99
C VAL A 135 5.42 1.98 0.97
N HIS A 136 6.19 2.56 1.89
CA HIS A 136 7.64 2.28 2.00
C HIS A 136 7.91 1.22 3.09
N ASN A 137 8.28 0.00 2.66
CA ASN A 137 8.62 -1.08 3.60
C ASN A 137 9.11 -2.33 2.86
N GLU A 1 3.35 0.22 5.83
CA GLU A 1 4.16 -0.72 6.65
C GLU A 1 3.26 -1.82 7.21
N ALA A 2 2.07 -1.44 7.66
CA ALA A 2 1.12 -2.38 8.23
C ALA A 2 -0.29 -2.15 7.66
N LEU A 3 -0.99 -3.25 7.33
CA LEU A 3 -2.34 -3.17 6.77
C LEU A 3 -3.32 -3.96 7.62
N THR A 4 -4.57 -3.48 7.74
CA THR A 4 -5.58 -4.22 8.51
C THR A 4 -5.86 -5.56 7.83
N GLY A 5 -6.41 -6.52 8.58
CA GLY A 5 -6.65 -7.87 8.06
C GLY A 5 -7.60 -7.84 6.87
N ASP A 6 -8.64 -7.01 6.97
CA ASP A 6 -9.63 -6.88 5.88
C ASP A 6 -9.04 -6.17 4.65
N ALA A 7 -7.95 -5.42 4.87
CA ALA A 7 -7.29 -4.66 3.80
C ALA A 7 -6.76 -5.60 2.72
N LEU A 8 -6.52 -5.04 1.52
CA LEU A 8 -6.02 -5.83 0.39
C LEU A 8 -4.75 -5.23 -0.21
N ILE A 9 -3.86 -6.12 -0.66
CA ILE A 9 -2.58 -5.74 -1.26
C ILE A 9 -2.49 -6.35 -2.68
N LEU A 10 -1.94 -5.57 -3.62
CA LEU A 10 -1.80 -6.04 -4.99
C LEU A 10 -0.82 -7.20 -5.06
N SER A 11 -1.15 -8.20 -5.89
CA SER A 11 -0.31 -9.37 -6.07
C SER A 11 -0.20 -9.75 -7.54
N ASP A 12 0.43 -10.89 -7.84
CA ASP A 12 0.64 -11.32 -9.22
C ASP A 12 -0.68 -11.32 -9.99
N ARG A 13 -1.76 -11.74 -9.32
CA ARG A 13 -3.08 -11.79 -9.95
C ARG A 13 -3.77 -10.42 -9.92
N GLY A 14 -3.52 -9.62 -8.86
CA GLY A 14 -4.14 -8.29 -8.72
C GLY A 14 -4.52 -7.98 -7.28
N TRP A 15 -5.61 -7.19 -7.11
CA TRP A 15 -6.09 -6.79 -5.78
C TRP A 15 -6.61 -8.00 -4.99
N LEU A 16 -5.90 -8.36 -3.90
CA LEU A 16 -6.32 -9.48 -3.05
C LEU A 16 -6.08 -9.18 -1.56
N ARG A 17 -6.78 -9.93 -0.69
CA ARG A 17 -6.66 -9.73 0.78
C ARG A 17 -5.21 -9.85 1.25
N ILE A 18 -4.87 -9.04 2.27
CA ILE A 18 -3.51 -8.99 2.84
C ILE A 18 -2.96 -10.39 3.18
N ASP A 19 -3.84 -11.36 3.40
CA ASP A 19 -3.43 -12.73 3.72
C ASP A 19 -3.81 -13.70 2.58
N ASP A 20 -3.77 -13.20 1.34
CA ASP A 20 -4.09 -14.00 0.16
C ASP A 20 -2.85 -14.74 -0.38
N PRO A 21 -2.97 -16.03 -0.80
CA PRO A 21 -1.80 -16.83 -1.31
C PRO A 21 -0.97 -16.10 -2.38
N THR A 22 -1.62 -15.20 -3.14
CA THR A 22 -0.94 -14.48 -4.21
C THR A 22 0.21 -13.62 -3.68
N LEU A 23 0.00 -12.95 -2.54
CA LEU A 23 1.09 -12.16 -1.93
C LEU A 23 1.93 -13.01 -0.94
N GLN A 24 1.37 -14.14 -0.49
CA GLN A 24 2.08 -15.02 0.45
C GLN A 24 3.32 -15.61 -0.21
N GLU A 25 3.20 -16.00 -1.51
CA GLU A 25 4.34 -16.66 -2.22
C GLU A 25 4.66 -16.05 -3.60
N CYS A 26 3.74 -15.25 -4.18
CA CYS A 26 3.98 -14.68 -5.53
C CYS A 26 4.27 -13.20 -5.49
N ARG A 27 4.72 -12.69 -6.63
CA ARG A 27 5.15 -11.30 -6.77
C ARG A 27 4.02 -10.30 -6.50
N VAL A 28 4.40 -9.12 -5.98
CA VAL A 28 3.44 -8.04 -5.68
C VAL A 28 3.90 -6.72 -6.29
N LEU A 29 2.95 -5.77 -6.45
CA LEU A 29 3.27 -4.47 -7.05
C LEU A 29 4.04 -3.56 -6.10
N SER A 30 5.07 -2.93 -6.64
CA SER A 30 5.91 -2.00 -5.89
C SER A 30 6.55 -1.00 -6.84
N TYR A 31 6.91 0.18 -6.33
CA TYR A 31 7.52 1.20 -7.16
C TYR A 31 9.02 1.10 -7.02
N ASN A 32 9.70 0.80 -8.12
CA ASN A 32 11.12 0.66 -8.11
C ASN A 32 11.76 2.02 -8.28
N GLU A 33 12.14 2.61 -7.15
CA GLU A 33 12.77 3.94 -7.15
C GLU A 33 14.06 3.93 -7.95
N SER A 34 14.80 2.81 -7.88
CA SER A 34 16.07 2.68 -8.58
C SER A 34 15.88 2.82 -10.10
N THR A 35 14.85 2.17 -10.64
CA THR A 35 14.56 2.22 -12.09
C THR A 35 13.50 3.30 -12.44
N GLN A 36 12.88 3.89 -11.42
CA GLN A 36 11.85 4.92 -11.60
C GLN A 36 10.69 4.40 -12.48
N GLN A 37 10.37 3.12 -12.30
CA GLN A 37 9.29 2.47 -13.06
C GLN A 37 8.55 1.45 -12.19
N TRP A 38 7.32 1.10 -12.60
CA TRP A 38 6.53 0.08 -11.89
C TRP A 38 7.10 -1.30 -12.17
N GLU A 39 7.33 -2.07 -11.11
CA GLU A 39 7.86 -3.41 -11.24
C GLU A 39 7.26 -4.35 -10.21
N TRP A 40 7.26 -5.64 -10.53
CA TRP A 40 6.78 -6.68 -9.62
C TRP A 40 7.94 -7.21 -8.79
N GLN A 41 7.78 -7.17 -7.47
CA GLN A 41 8.81 -7.62 -6.55
C GLN A 41 8.37 -8.90 -5.85
N GLN A 42 9.33 -9.67 -5.34
CA GLN A 42 9.02 -10.93 -4.68
C GLN A 42 8.63 -10.71 -3.23
N VAL A 43 7.61 -11.44 -2.79
CA VAL A 43 7.12 -11.34 -1.43
C VAL A 43 8.06 -12.10 -0.48
N LEU A 44 8.82 -11.32 0.23
CA LEU A 44 9.86 -11.79 1.12
C LEU A 44 9.32 -12.71 2.22
N ARG A 45 8.38 -12.19 3.03
CA ARG A 45 7.81 -12.97 4.13
C ARG A 45 6.62 -12.25 4.76
N TRP A 46 5.65 -13.03 5.26
CA TRP A 46 4.42 -12.47 5.84
C TRP A 46 4.52 -12.36 7.36
N LEU A 47 4.40 -11.11 7.85
CA LEU A 47 4.48 -10.84 9.28
C LEU A 47 3.12 -10.44 9.85
N ASP A 48 2.73 -11.06 10.96
CA ASP A 48 1.49 -10.71 11.66
C ASP A 48 1.79 -9.70 12.77
N GLN A 49 1.23 -8.48 12.65
CA GLN A 49 1.45 -7.44 13.68
C GLN A 49 0.45 -7.53 14.84
N GLY A 50 -0.53 -8.44 14.74
CA GLY A 50 -1.55 -8.60 15.78
C GLY A 50 -2.30 -7.30 15.99
N VAL A 51 -2.39 -6.86 17.25
CA VAL A 51 -3.10 -5.63 17.59
C VAL A 51 -2.25 -4.38 17.27
N ARG A 52 -2.78 -3.55 16.36
CA ARG A 52 -2.11 -2.31 15.95
C ARG A 52 -3.15 -1.29 15.47
N GLU A 53 -2.89 -0.01 15.73
CA GLU A 53 -3.78 1.07 15.31
C GLU A 53 -3.67 1.30 13.82
N THR A 54 -4.77 1.78 13.21
CA THR A 54 -4.75 2.05 11.76
C THR A 54 -5.58 3.27 11.39
N TRP A 55 -5.23 3.88 10.25
CA TRP A 55 -5.91 5.05 9.73
C TRP A 55 -6.39 4.76 8.30
N LYS A 56 -7.71 4.92 8.08
CA LYS A 56 -8.30 4.67 6.75
C LYS A 56 -8.15 5.88 5.87
N ILE A 57 -7.10 5.87 5.06
CA ILE A 57 -6.84 6.94 4.12
C ILE A 57 -7.71 6.73 2.89
N LYS A 58 -8.81 7.47 2.86
CA LYS A 58 -9.79 7.37 1.79
C LYS A 58 -9.41 8.29 0.63
N THR A 59 -9.35 7.71 -0.58
CA THR A 59 -9.01 8.47 -1.80
C THR A 59 -10.10 8.32 -2.84
N PHE A 60 -10.06 9.17 -3.86
CA PHE A 60 -11.07 9.18 -4.91
C PHE A 60 -11.14 7.83 -5.64
N GLN A 61 -9.97 7.28 -5.97
CA GLN A 61 -9.92 6.03 -6.74
C GLN A 61 -9.94 4.79 -5.83
N THR A 62 -9.43 4.93 -4.60
CA THR A 62 -9.36 3.79 -3.67
C THR A 62 -9.45 4.24 -2.19
N GLU A 63 -9.28 3.27 -1.28
CA GLU A 63 -9.26 3.52 0.16
C GLU A 63 -8.45 2.39 0.84
N ILE A 64 -7.72 2.72 1.92
CA ILE A 64 -6.88 1.72 2.59
C ILE A 64 -6.54 2.13 4.01
N LYS A 65 -6.54 1.16 4.94
CA LYS A 65 -6.20 1.44 6.34
C LYS A 65 -4.83 0.87 6.69
N CYS A 66 -3.92 1.77 7.07
CA CYS A 66 -2.55 1.42 7.41
C CYS A 66 -2.05 2.30 8.55
N THR A 67 -0.80 2.06 8.98
CA THR A 67 -0.21 2.84 10.09
C THR A 67 -0.35 4.34 9.83
N GLY A 68 -0.65 5.08 10.90
CA GLY A 68 -0.84 6.53 10.82
C GLY A 68 0.48 7.29 11.06
N ASN A 69 1.58 6.57 11.31
CA ASN A 69 2.87 7.22 11.61
C ASN A 69 3.93 6.93 10.52
N HIS A 70 3.70 5.89 9.70
CA HIS A 70 4.65 5.51 8.65
C HIS A 70 4.44 6.34 7.37
N LEU A 71 5.53 6.69 6.69
CA LEU A 71 5.47 7.50 5.47
C LEU A 71 4.88 6.70 4.30
N ILE A 72 4.10 7.39 3.46
CA ILE A 72 3.51 6.78 2.27
C ILE A 72 3.81 7.66 1.06
N ARG A 73 3.85 7.06 -0.14
CA ARG A 73 4.18 7.83 -1.35
C ARG A 73 3.07 8.80 -1.74
N THR A 74 3.46 10.02 -2.07
CA THR A 74 2.53 11.06 -2.52
C THR A 74 3.14 11.80 -3.70
N ASP A 75 2.36 12.69 -4.33
CA ASP A 75 2.88 13.50 -5.44
C ASP A 75 4.06 14.38 -4.96
N LYS A 76 4.20 14.51 -3.63
CA LYS A 76 5.29 15.26 -3.01
C LYS A 76 6.34 14.30 -2.39
N GLY A 77 6.35 13.03 -2.86
CA GLY A 77 7.27 12.02 -2.34
C GLY A 77 6.72 11.36 -1.09
N TRP A 78 7.57 10.61 -0.36
CA TRP A 78 7.15 9.94 0.88
C TRP A 78 6.78 10.98 1.93
N ILE A 79 5.60 10.82 2.53
CA ILE A 79 5.10 11.73 3.56
C ILE A 79 4.48 10.96 4.72
N LYS A 80 4.80 11.38 5.94
CA LYS A 80 4.28 10.74 7.16
C LYS A 80 2.75 10.68 7.10
N ALA A 81 2.19 9.50 7.44
CA ALA A 81 0.74 9.28 7.34
C ALA A 81 -0.04 10.28 8.18
N ALA A 82 0.47 10.58 9.38
CA ALA A 82 -0.16 11.57 10.25
C ALA A 82 -0.19 12.95 9.56
N ASN A 83 0.87 13.25 8.80
CA ASN A 83 0.98 14.53 8.09
C ASN A 83 0.02 14.59 6.89
N ILE A 84 -0.29 13.41 6.30
CA ILE A 84 -1.18 13.36 5.13
C ILE A 84 -2.50 14.08 5.43
N THR A 85 -2.91 14.91 4.49
CA THR A 85 -4.16 15.68 4.58
C THR A 85 -4.95 15.52 3.26
N PRO A 86 -6.30 15.56 3.28
CA PRO A 86 -7.12 15.31 2.07
C PRO A 86 -6.56 15.92 0.76
N LYS A 87 -5.87 17.07 0.85
CA LYS A 87 -5.32 17.73 -0.37
C LYS A 87 -4.21 16.87 -1.03
N MET A 88 -3.51 16.07 -0.21
CA MET A 88 -2.43 15.21 -0.71
C MET A 88 -2.95 14.23 -1.76
N LYS A 89 -2.11 13.92 -2.74
CA LYS A 89 -2.46 12.98 -3.81
C LYS A 89 -1.41 11.88 -3.91
N ILE A 90 -1.85 10.67 -4.25
CA ILE A 90 -0.94 9.51 -4.34
C ILE A 90 -1.04 8.85 -5.72
N LEU A 91 0.13 8.60 -6.34
CA LEU A 91 0.16 7.92 -7.63
C LEU A 91 -0.23 6.46 -7.45
N SER A 92 -1.25 6.05 -8.21
CA SER A 92 -1.77 4.69 -8.13
C SER A 92 -1.55 3.93 -9.45
N PRO A 93 -0.90 2.73 -9.43
CA PRO A 93 -0.65 1.95 -10.68
C PRO A 93 -1.96 1.39 -11.23
N GLU A 94 -2.02 1.25 -12.55
CA GLU A 94 -3.20 0.71 -13.22
C GLU A 94 -2.86 -0.58 -13.92
N ILE A 95 -3.65 -1.61 -13.66
CA ILE A 95 -3.41 -2.94 -14.24
C ILE A 95 -4.15 -3.08 -15.58
N ASP A 96 -3.39 -3.36 -16.63
CA ASP A 96 -3.92 -3.51 -17.98
C ASP A 96 -2.81 -4.06 -18.91
N ALA A 97 -2.91 -3.79 -20.24
CA ALA A 97 -1.89 -4.25 -21.18
C ALA A 97 -0.53 -3.66 -20.79
N ALA A 98 -0.56 -2.39 -20.36
CA ALA A 98 0.64 -1.71 -19.89
C ALA A 98 0.32 -0.90 -18.63
N VAL A 99 1.16 -1.02 -17.61
CA VAL A 99 0.94 -0.32 -16.35
C VAL A 99 0.83 1.19 -16.58
N LYS A 100 -0.18 1.82 -15.96
CA LYS A 100 -0.38 3.27 -16.11
C LYS A 100 -0.52 3.96 -14.74
N THR A 101 0.22 5.05 -14.58
CA THR A 101 0.25 5.80 -13.31
C THR A 101 -0.82 6.91 -13.30
N ALA A 102 -1.60 6.97 -12.22
CA ALA A 102 -2.64 7.99 -12.07
C ALA A 102 -2.80 8.39 -10.60
N LEU A 103 -2.72 9.70 -10.34
CA LEU A 103 -2.85 10.24 -8.97
C LEU A 103 -4.29 10.11 -8.48
N GLN A 104 -4.44 9.95 -7.15
CA GLN A 104 -5.77 9.88 -6.52
C GLN A 104 -5.87 10.94 -5.42
N ASP A 105 -7.07 11.50 -5.24
CA ASP A 105 -7.30 12.58 -4.28
C ASP A 105 -7.80 12.07 -2.94
N VAL A 106 -7.02 12.31 -1.87
CA VAL A 106 -7.42 11.87 -0.52
C VAL A 106 -8.69 12.63 -0.09
N GLU A 107 -9.82 11.92 -0.04
CA GLU A 107 -11.07 12.52 0.40
C GLU A 107 -11.00 12.82 1.90
N SER A 108 -10.45 11.86 2.65
CA SER A 108 -10.29 11.98 4.10
C SER A 108 -9.53 10.79 4.68
N ILE A 109 -9.14 10.91 5.94
CA ILE A 109 -8.46 9.83 6.67
C ILE A 109 -9.26 9.52 7.94
N GLU A 110 -9.60 8.23 8.16
CA GLU A 110 -10.43 7.85 9.34
C GLU A 110 -9.76 6.81 10.23
N LYS A 111 -9.37 7.24 11.43
CA LYS A 111 -8.75 6.34 12.41
C LYS A 111 -9.75 5.25 12.84
N LEU A 112 -9.26 4.00 12.89
CA LEU A 112 -10.10 2.86 13.32
C LEU A 112 -9.60 2.31 14.64
N GLY A 113 -8.29 2.50 14.91
CA GLY A 113 -7.69 2.06 16.14
C GLY A 113 -7.25 0.60 16.08
N VAL A 114 -7.21 -0.04 17.25
CA VAL A 114 -6.73 -1.43 17.36
C VAL A 114 -7.55 -2.37 16.46
N ASN A 115 -6.84 -3.00 15.53
CA ASN A 115 -7.41 -4.00 14.63
C ASN A 115 -6.37 -5.07 14.37
N HIS A 116 -6.77 -6.13 13.66
CA HIS A 116 -5.82 -7.15 13.25
C HIS A 116 -5.03 -6.60 12.10
N VAL A 117 -3.70 -6.59 12.21
CA VAL A 117 -2.85 -5.96 11.20
C VAL A 117 -1.76 -6.93 10.71
N TYR A 118 -1.65 -7.06 9.39
CA TYR A 118 -0.70 -7.98 8.76
C TYR A 118 -0.02 -7.27 7.58
N ASP A 119 1.20 -7.70 7.24
CA ASP A 119 1.92 -7.11 6.10
C ASP A 119 3.04 -8.04 5.63
N ILE A 120 3.56 -7.75 4.43
CA ILE A 120 4.62 -8.57 3.83
C ILE A 120 5.72 -7.70 3.20
N GLU A 121 6.95 -8.15 3.39
CA GLU A 121 8.14 -7.46 2.90
C GLU A 121 8.49 -7.89 1.49
N VAL A 122 9.21 -7.02 0.77
CA VAL A 122 9.65 -7.32 -0.60
C VAL A 122 11.17 -7.33 -0.70
N GLU A 123 11.69 -8.14 -1.60
CA GLU A 123 13.13 -8.38 -1.74
C GLU A 123 13.90 -7.30 -2.55
N HIS A 124 13.21 -6.43 -3.31
CA HIS A 124 13.95 -5.46 -4.19
C HIS A 124 14.01 -4.02 -3.64
N ASN A 125 12.86 -3.36 -3.52
CA ASN A 125 12.82 -1.93 -3.05
C ASN A 125 12.28 -1.78 -1.63
N HIS A 126 11.94 -2.89 -0.98
CA HIS A 126 11.39 -2.86 0.38
C HIS A 126 10.11 -1.99 0.44
N ASN A 127 9.35 -1.96 -0.68
CA ASN A 127 8.10 -1.21 -0.76
C ASN A 127 7.02 -2.04 -1.46
N PHE A 128 5.75 -1.73 -1.16
CA PHE A 128 4.62 -2.43 -1.77
C PHE A 128 3.41 -1.52 -1.90
N VAL A 129 2.45 -1.91 -2.75
CA VAL A 129 1.23 -1.11 -2.96
C VAL A 129 0.03 -1.82 -2.34
N ALA A 130 -0.66 -1.12 -1.43
CA ALA A 130 -1.85 -1.66 -0.78
C ALA A 130 -3.11 -1.02 -1.34
N ASN A 131 -3.95 -1.84 -1.94
CA ASN A 131 -5.22 -1.38 -2.51
C ASN A 131 -5.01 -0.19 -3.47
N GLY A 132 -3.96 -0.28 -4.30
CA GLY A 132 -3.66 0.76 -5.30
C GLY A 132 -2.89 1.96 -4.72
N LEU A 133 -2.56 1.90 -3.40
CA LEU A 133 -1.82 2.98 -2.75
C LEU A 133 -0.42 2.51 -2.34
N LEU A 134 0.61 3.19 -2.87
CA LEU A 134 2.00 2.84 -2.58
C LEU A 134 2.37 3.19 -1.14
N VAL A 135 2.83 2.17 -0.40
CA VAL A 135 3.22 2.33 0.99
C VAL A 135 4.66 1.81 1.21
N HIS A 136 5.47 2.62 1.89
CA HIS A 136 6.84 2.26 2.23
C HIS A 136 6.86 1.17 3.30
N ASN A 137 7.80 0.21 3.19
CA ASN A 137 7.94 -0.88 4.16
C ASN A 137 9.36 -0.95 4.71
N GLU A 1 3.55 0.16 6.82
CA GLU A 1 4.29 -1.10 7.16
C GLU A 1 3.31 -2.20 7.59
N ALA A 2 2.10 -1.80 8.05
CA ALA A 2 1.10 -2.74 8.51
C ALA A 2 -0.26 -2.42 7.93
N LEU A 3 -0.98 -3.45 7.47
CA LEU A 3 -2.32 -3.27 6.89
C LEU A 3 -3.32 -4.09 7.67
N THR A 4 -4.53 -3.54 7.89
CA THR A 4 -5.57 -4.26 8.66
C THR A 4 -5.96 -5.53 7.91
N GLY A 5 -6.55 -6.49 8.64
CA GLY A 5 -6.93 -7.78 8.06
C GLY A 5 -7.91 -7.64 6.90
N ASP A 6 -8.88 -6.73 7.05
CA ASP A 6 -9.91 -6.49 6.03
C ASP A 6 -9.34 -5.81 4.77
N ALA A 7 -8.23 -5.09 4.94
CA ALA A 7 -7.60 -4.37 3.82
C ALA A 7 -7.12 -5.34 2.74
N LEU A 8 -6.90 -4.81 1.52
CA LEU A 8 -6.44 -5.63 0.39
C LEU A 8 -5.16 -5.05 -0.23
N ILE A 9 -4.29 -5.95 -0.74
CA ILE A 9 -3.02 -5.56 -1.34
C ILE A 9 -2.88 -6.17 -2.74
N LEU A 10 -2.31 -5.38 -3.66
CA LEU A 10 -2.09 -5.84 -5.03
C LEU A 10 -1.07 -6.97 -5.04
N SER A 11 -1.32 -7.98 -5.87
CA SER A 11 -0.44 -9.13 -5.97
C SER A 11 -0.26 -9.53 -7.44
N ASP A 12 0.46 -10.63 -7.69
CA ASP A 12 0.75 -11.07 -9.05
C ASP A 12 -0.54 -11.19 -9.86
N ARG A 13 -1.60 -11.75 -9.24
CA ARG A 13 -2.89 -11.90 -9.91
C ARG A 13 -3.62 -10.55 -10.03
N GLY A 14 -3.43 -9.67 -9.03
CA GLY A 14 -4.11 -8.37 -9.00
C GLY A 14 -4.56 -8.02 -7.58
N TRP A 15 -5.65 -7.24 -7.47
CA TRP A 15 -6.20 -6.83 -6.17
C TRP A 15 -6.71 -8.05 -5.39
N LEU A 16 -6.07 -8.33 -4.25
CA LEU A 16 -6.49 -9.44 -3.38
C LEU A 16 -6.36 -9.06 -1.91
N ARG A 17 -7.04 -9.81 -1.04
CA ARG A 17 -6.99 -9.56 0.41
C ARG A 17 -5.54 -9.51 0.90
N ILE A 18 -5.29 -8.69 1.93
CA ILE A 18 -3.95 -8.54 2.51
C ILE A 18 -3.34 -9.88 2.91
N ASP A 19 -4.20 -10.81 3.32
CA ASP A 19 -3.73 -12.14 3.77
C ASP A 19 -3.84 -13.20 2.64
N ASP A 20 -4.05 -12.72 1.40
CA ASP A 20 -4.19 -13.61 0.24
C ASP A 20 -2.83 -14.28 -0.16
N PRO A 21 -2.83 -15.59 -0.51
CA PRO A 21 -1.57 -16.31 -0.93
C PRO A 21 -0.84 -15.60 -2.07
N THR A 22 -1.56 -14.79 -2.87
CA THR A 22 -0.94 -14.11 -4.01
C THR A 22 0.14 -13.13 -3.57
N LEU A 23 -0.10 -12.40 -2.47
CA LEU A 23 0.90 -11.45 -1.99
C LEU A 23 1.92 -12.12 -1.05
N GLN A 24 1.46 -13.16 -0.31
CA GLN A 24 2.37 -13.90 0.59
C GLN A 24 3.38 -14.77 -0.16
N GLU A 25 2.94 -15.42 -1.26
CA GLU A 25 3.79 -16.38 -1.99
C GLU A 25 4.17 -15.93 -3.41
N CYS A 26 3.51 -14.88 -3.95
CA CYS A 26 3.81 -14.41 -5.30
C CYS A 26 4.17 -12.93 -5.32
N ARG A 27 4.60 -12.48 -6.49
CA ARG A 27 5.08 -11.11 -6.67
C ARG A 27 4.07 -10.07 -6.22
N VAL A 28 4.59 -9.02 -5.60
CA VAL A 28 3.78 -7.89 -5.12
C VAL A 28 4.30 -6.58 -5.74
N LEU A 29 3.36 -5.66 -6.06
CA LEU A 29 3.71 -4.40 -6.74
C LEU A 29 4.46 -3.43 -5.82
N SER A 30 5.47 -2.76 -6.41
CA SER A 30 6.27 -1.77 -5.70
C SER A 30 6.92 -0.81 -6.70
N TYR A 31 7.24 0.41 -6.25
CA TYR A 31 7.89 1.40 -7.12
C TYR A 31 9.38 1.17 -7.11
N ASN A 32 9.93 0.76 -8.25
CA ASN A 32 11.35 0.53 -8.36
C ASN A 32 12.05 1.82 -8.73
N GLU A 33 12.16 2.70 -7.74
CA GLU A 33 12.85 3.98 -7.91
C GLU A 33 14.26 3.77 -8.49
N SER A 34 14.80 2.54 -8.29
CA SER A 34 16.09 2.17 -8.86
C SER A 34 16.02 2.26 -10.39
N THR A 35 14.91 1.75 -10.96
CA THR A 35 14.70 1.78 -12.41
C THR A 35 13.73 2.91 -12.84
N GLN A 36 13.16 3.63 -11.85
CA GLN A 36 12.23 4.74 -12.12
C GLN A 36 10.98 4.26 -12.89
N GLN A 37 10.48 3.08 -12.52
CA GLN A 37 9.28 2.51 -13.16
C GLN A 37 8.64 1.44 -12.27
N TRP A 38 7.39 1.05 -12.61
CA TRP A 38 6.68 0.02 -11.85
C TRP A 38 7.34 -1.33 -12.06
N GLU A 39 7.55 -2.06 -10.95
CA GLU A 39 8.15 -3.38 -11.01
C GLU A 39 7.54 -4.31 -9.97
N TRP A 40 7.51 -5.61 -10.28
CA TRP A 40 6.99 -6.60 -9.36
C TRP A 40 8.14 -7.15 -8.51
N GLN A 41 8.01 -6.95 -7.20
CA GLN A 41 9.01 -7.43 -6.25
C GLN A 41 8.56 -8.73 -5.63
N GLN A 42 9.53 -9.56 -5.25
CA GLN A 42 9.21 -10.85 -4.65
C GLN A 42 9.00 -10.70 -3.15
N VAL A 43 7.87 -11.22 -2.66
CA VAL A 43 7.52 -11.19 -1.27
C VAL A 43 8.45 -12.10 -0.47
N LEU A 44 9.28 -11.49 0.35
CA LEU A 44 10.25 -12.20 1.18
C LEU A 44 9.56 -13.09 2.21
N ARG A 45 8.52 -12.55 2.87
CA ARG A 45 7.86 -13.27 3.97
C ARG A 45 6.58 -12.54 4.46
N TRP A 46 5.62 -13.32 5.00
CA TRP A 46 4.38 -12.76 5.54
C TRP A 46 4.49 -12.62 7.06
N LEU A 47 4.45 -11.38 7.55
CA LEU A 47 4.57 -11.11 8.99
C LEU A 47 3.24 -10.65 9.58
N ASP A 48 2.82 -11.32 10.67
CA ASP A 48 1.57 -10.98 11.36
C ASP A 48 1.85 -9.98 12.48
N GLN A 49 1.58 -8.70 12.23
CA GLN A 49 1.81 -7.65 13.23
C GLN A 49 0.93 -7.84 14.48
N GLY A 50 -0.32 -8.26 14.27
CA GLY A 50 -1.26 -8.48 15.38
C GLY A 50 -2.11 -7.24 15.63
N VAL A 51 -2.49 -7.03 16.90
CA VAL A 51 -3.33 -5.87 17.27
C VAL A 51 -2.53 -4.57 17.20
N ARG A 52 -2.98 -3.64 16.35
CA ARG A 52 -2.31 -2.34 16.19
C ARG A 52 -3.30 -1.26 15.71
N GLU A 53 -3.12 -0.05 16.26
CA GLU A 53 -3.95 1.11 15.91
C GLU A 53 -3.82 1.41 14.43
N THR A 54 -4.94 1.81 13.75
CA THR A 54 -4.87 2.06 12.29
C THR A 54 -5.65 3.30 11.83
N TRP A 55 -5.13 3.92 10.76
CA TRP A 55 -5.76 5.09 10.11
C TRP A 55 -6.24 4.70 8.72
N LYS A 56 -7.50 5.02 8.41
CA LYS A 56 -8.07 4.70 7.09
C LYS A 56 -7.87 5.86 6.12
N ILE A 57 -6.79 5.81 5.35
CA ILE A 57 -6.54 6.80 4.31
C ILE A 57 -7.43 6.50 3.13
N LYS A 58 -8.38 7.40 2.89
CA LYS A 58 -9.35 7.24 1.83
C LYS A 58 -8.96 8.07 0.61
N THR A 59 -9.13 7.49 -0.56
CA THR A 59 -8.85 8.17 -1.82
C THR A 59 -10.04 7.98 -2.76
N PHE A 60 -10.10 8.83 -3.78
CA PHE A 60 -11.21 8.78 -4.73
C PHE A 60 -11.25 7.44 -5.46
N GLN A 61 -10.07 6.89 -5.77
CA GLN A 61 -9.99 5.63 -6.51
C GLN A 61 -9.99 4.43 -5.56
N THR A 62 -9.39 4.59 -4.37
CA THR A 62 -9.28 3.48 -3.41
C THR A 62 -9.39 3.95 -1.95
N GLU A 63 -9.32 3.00 -1.02
CA GLU A 63 -9.34 3.27 0.42
C GLU A 63 -8.69 2.11 1.17
N ILE A 64 -7.99 2.39 2.27
CA ILE A 64 -7.32 1.33 3.02
C ILE A 64 -6.79 1.84 4.36
N LYS A 65 -6.64 0.92 5.34
CA LYS A 65 -6.16 1.30 6.67
C LYS A 65 -4.79 0.69 6.97
N CYS A 66 -3.91 1.51 7.57
CA CYS A 66 -2.55 1.07 7.91
C CYS A 66 -2.12 1.68 9.25
N THR A 67 -0.84 1.51 9.62
CA THR A 67 -0.32 1.97 10.90
C THR A 67 -0.64 3.46 11.11
N GLY A 68 -0.52 4.26 10.04
CA GLY A 68 -0.83 5.70 10.11
C GLY A 68 0.41 6.54 10.48
N ASN A 69 1.50 5.87 10.90
CA ASN A 69 2.73 6.56 11.29
C ASN A 69 3.85 6.37 10.25
N HIS A 70 3.72 5.35 9.39
CA HIS A 70 4.70 5.13 8.33
C HIS A 70 4.45 6.07 7.16
N LEU A 71 5.52 6.39 6.42
CA LEU A 71 5.42 7.31 5.28
C LEU A 71 4.72 6.65 4.10
N ILE A 72 3.86 7.41 3.44
CA ILE A 72 3.13 6.95 2.26
C ILE A 72 3.55 7.80 1.06
N ARG A 73 3.92 7.14 -0.06
CA ARG A 73 4.37 7.89 -1.24
C ARG A 73 3.27 8.83 -1.72
N THR A 74 3.66 10.09 -1.97
CA THR A 74 2.72 11.11 -2.45
C THR A 74 3.32 11.81 -3.67
N ASP A 75 2.57 12.79 -4.23
CA ASP A 75 3.06 13.52 -5.42
C ASP A 75 4.39 14.22 -5.13
N LYS A 76 4.55 14.71 -3.89
CA LYS A 76 5.79 15.39 -3.48
C LYS A 76 6.83 14.38 -2.92
N GLY A 77 6.44 13.09 -2.79
CA GLY A 77 7.35 12.07 -2.27
C GLY A 77 6.79 11.40 -1.02
N TRP A 78 7.65 10.66 -0.31
CA TRP A 78 7.25 9.97 0.91
C TRP A 78 6.89 10.99 1.99
N ILE A 79 5.70 10.82 2.59
CA ILE A 79 5.22 11.75 3.63
C ILE A 79 4.57 10.98 4.79
N LYS A 80 4.79 11.47 6.02
CA LYS A 80 4.21 10.87 7.23
C LYS A 80 2.71 10.62 7.02
N ALA A 81 2.27 9.37 7.28
CA ALA A 81 0.86 8.99 7.08
C ALA A 81 -0.06 9.87 7.92
N ALA A 82 0.36 10.14 9.16
CA ALA A 82 -0.39 11.00 10.06
C ALA A 82 -0.54 12.40 9.45
N ASN A 83 0.52 12.87 8.79
CA ASN A 83 0.54 14.20 8.17
C ASN A 83 -0.34 14.29 6.93
N ILE A 84 -0.53 13.15 6.23
CA ILE A 84 -1.33 13.14 4.98
C ILE A 84 -2.69 13.80 5.22
N THR A 85 -3.13 14.58 4.23
CA THR A 85 -4.40 15.28 4.28
C THR A 85 -5.19 15.02 2.98
N PRO A 86 -6.51 15.27 2.94
CA PRO A 86 -7.33 15.00 1.71
C PRO A 86 -6.71 15.58 0.44
N LYS A 87 -6.11 16.77 0.56
CA LYS A 87 -5.49 17.45 -0.59
C LYS A 87 -4.31 16.65 -1.20
N MET A 88 -3.67 15.80 -0.37
CA MET A 88 -2.52 15.00 -0.86
C MET A 88 -2.96 14.05 -1.97
N LYS A 89 -2.12 13.96 -3.02
CA LYS A 89 -2.38 13.05 -4.14
C LYS A 89 -1.31 11.98 -4.17
N ILE A 90 -1.74 10.73 -4.39
CA ILE A 90 -0.81 9.60 -4.42
C ILE A 90 -0.93 8.81 -5.74
N LEU A 91 0.23 8.56 -6.37
CA LEU A 91 0.27 7.82 -7.63
C LEU A 91 -0.14 6.37 -7.40
N SER A 92 -1.04 5.88 -8.24
CA SER A 92 -1.54 4.52 -8.15
C SER A 92 -1.46 3.87 -9.53
N PRO A 93 -1.24 2.54 -9.62
CA PRO A 93 -1.15 1.85 -10.95
C PRO A 93 -2.53 1.66 -11.59
N GLU A 94 -2.54 1.53 -12.92
CA GLU A 94 -3.78 1.31 -13.67
C GLU A 94 -3.68 0.01 -14.44
N ILE A 95 -4.77 -0.78 -14.40
CA ILE A 95 -4.82 -2.08 -15.08
C ILE A 95 -5.37 -1.91 -16.50
N ASP A 96 -4.61 -2.39 -17.48
CA ASP A 96 -4.97 -2.30 -18.88
C ASP A 96 -4.00 -3.16 -19.71
N ALA A 97 -3.87 -2.86 -21.02
CA ALA A 97 -2.93 -3.59 -21.88
C ALA A 97 -1.51 -3.46 -21.30
N ALA A 98 -1.20 -2.25 -20.80
CA ALA A 98 0.08 -1.98 -20.15
C ALA A 98 -0.17 -1.17 -18.89
N VAL A 99 0.49 -1.57 -17.79
CA VAL A 99 0.35 -0.87 -16.51
C VAL A 99 0.72 0.61 -16.67
N LYS A 100 -0.14 1.48 -16.13
CA LYS A 100 0.07 2.93 -16.20
C LYS A 100 0.01 3.54 -14.80
N THR A 101 0.44 4.79 -14.68
CA THR A 101 0.46 5.51 -13.39
C THR A 101 -0.56 6.66 -13.40
N ALA A 102 -1.35 6.77 -12.31
CA ALA A 102 -2.34 7.84 -12.19
C ALA A 102 -2.54 8.24 -10.74
N LEU A 103 -2.52 9.55 -10.47
CA LEU A 103 -2.68 10.06 -9.11
C LEU A 103 -4.14 10.02 -8.67
N GLN A 104 -4.34 9.81 -7.37
CA GLN A 104 -5.68 9.78 -6.79
C GLN A 104 -5.79 10.84 -5.68
N ASP A 105 -7.00 11.32 -5.45
CA ASP A 105 -7.24 12.39 -4.47
C ASP A 105 -7.73 11.83 -3.14
N VAL A 106 -6.93 12.02 -2.09
CA VAL A 106 -7.31 11.55 -0.76
C VAL A 106 -8.64 12.21 -0.36
N GLU A 107 -9.68 11.39 -0.17
CA GLU A 107 -10.97 11.90 0.26
C GLU A 107 -10.88 12.33 1.72
N SER A 108 -10.29 11.47 2.54
CA SER A 108 -10.08 11.74 3.97
C SER A 108 -9.40 10.57 4.67
N ILE A 109 -8.81 10.84 5.85
CA ILE A 109 -8.21 9.80 6.67
C ILE A 109 -9.10 9.60 7.91
N GLU A 110 -9.58 8.36 8.13
CA GLU A 110 -10.50 8.10 9.27
C GLU A 110 -9.92 7.11 10.25
N LYS A 111 -9.86 7.53 11.53
CA LYS A 111 -9.33 6.67 12.58
C LYS A 111 -10.26 5.48 12.84
N LEU A 112 -9.65 4.30 12.98
CA LEU A 112 -10.40 3.07 13.26
C LEU A 112 -9.96 2.45 14.61
N GLY A 113 -8.72 2.75 15.01
CA GLY A 113 -8.18 2.26 16.26
C GLY A 113 -7.52 0.90 16.11
N VAL A 114 -7.27 0.24 17.25
CA VAL A 114 -6.62 -1.06 17.27
C VAL A 114 -7.35 -2.07 16.38
N ASN A 115 -6.59 -2.74 15.52
CA ASN A 115 -7.12 -3.74 14.61
C ASN A 115 -6.07 -4.79 14.31
N HIS A 116 -6.50 -5.94 13.79
CA HIS A 116 -5.56 -7.00 13.41
C HIS A 116 -4.87 -6.58 12.12
N VAL A 117 -3.53 -6.60 12.14
CA VAL A 117 -2.75 -6.15 10.97
C VAL A 117 -1.80 -7.24 10.46
N TYR A 118 -1.70 -7.31 9.14
CA TYR A 118 -0.82 -8.25 8.47
C TYR A 118 -0.10 -7.51 7.33
N ASP A 119 1.12 -7.93 7.02
CA ASP A 119 1.91 -7.28 5.96
C ASP A 119 3.09 -8.16 5.53
N ILE A 120 3.75 -7.80 4.42
CA ILE A 120 4.89 -8.58 3.90
C ILE A 120 6.10 -7.69 3.61
N GLU A 121 7.23 -8.35 3.31
CA GLU A 121 8.47 -7.68 2.96
C GLU A 121 8.84 -7.98 1.52
N VAL A 122 9.63 -7.09 0.89
CA VAL A 122 10.04 -7.28 -0.52
C VAL A 122 11.57 -7.31 -0.64
N GLU A 123 12.06 -7.93 -1.72
CA GLU A 123 13.51 -8.16 -1.90
C GLU A 123 14.40 -6.89 -1.94
N HIS A 124 13.98 -5.84 -2.69
CA HIS A 124 14.88 -4.65 -2.87
C HIS A 124 14.30 -3.31 -2.38
N ASN A 125 13.20 -2.86 -3.00
CA ASN A 125 12.64 -1.53 -2.69
C ASN A 125 12.12 -1.43 -1.26
N HIS A 126 11.90 -2.59 -0.63
CA HIS A 126 11.40 -2.63 0.75
C HIS A 126 10.08 -1.84 0.88
N ASN A 127 9.30 -1.81 -0.21
CA ASN A 127 8.01 -1.10 -0.23
C ASN A 127 6.97 -1.93 -0.99
N PHE A 128 5.69 -1.60 -0.79
CA PHE A 128 4.60 -2.32 -1.46
C PHE A 128 3.37 -1.44 -1.65
N VAL A 129 2.47 -1.87 -2.55
CA VAL A 129 1.24 -1.11 -2.84
C VAL A 129 0.03 -1.86 -2.25
N ALA A 130 -0.68 -1.19 -1.35
CA ALA A 130 -1.88 -1.76 -0.72
C ALA A 130 -3.13 -1.09 -1.27
N ASN A 131 -4.00 -1.88 -1.89
CA ASN A 131 -5.24 -1.37 -2.47
C ASN A 131 -4.95 -0.19 -3.42
N GLY A 132 -3.87 -0.33 -4.20
CA GLY A 132 -3.45 0.72 -5.15
C GLY A 132 -2.81 1.93 -4.43
N LEU A 133 -2.45 1.76 -3.15
CA LEU A 133 -1.83 2.83 -2.37
C LEU A 133 -0.39 2.46 -2.01
N LEU A 134 0.57 3.22 -2.56
CA LEU A 134 2.00 2.96 -2.31
C LEU A 134 2.40 3.38 -0.90
N VAL A 135 2.94 2.41 -0.15
CA VAL A 135 3.39 2.65 1.22
C VAL A 135 4.82 2.17 1.43
N HIS A 136 5.48 2.80 2.40
CA HIS A 136 6.85 2.47 2.75
C HIS A 136 6.87 1.43 3.88
N ASN A 137 7.31 0.21 3.55
CA ASN A 137 7.38 -0.88 4.54
C ASN A 137 8.58 -0.69 5.46
N GLU A 1 3.13 0.23 5.42
CA GLU A 1 4.02 -0.50 6.35
C GLU A 1 3.24 -1.62 7.04
N ALA A 2 2.04 -1.28 7.52
CA ALA A 2 1.18 -2.24 8.21
C ALA A 2 -0.25 -2.12 7.70
N LEU A 3 -0.90 -3.27 7.44
CA LEU A 3 -2.28 -3.27 6.92
C LEU A 3 -3.20 -4.05 7.85
N THR A 4 -4.46 -3.57 7.98
CA THR A 4 -5.45 -4.28 8.81
C THR A 4 -5.80 -5.60 8.15
N GLY A 5 -6.40 -6.53 8.90
CA GLY A 5 -6.73 -7.86 8.37
C GLY A 5 -7.66 -7.80 7.16
N ASP A 6 -8.67 -6.92 7.23
CA ASP A 6 -9.64 -6.77 6.11
C ASP A 6 -8.99 -6.08 4.89
N ALA A 7 -7.95 -5.28 5.14
CA ALA A 7 -7.26 -4.55 4.06
C ALA A 7 -6.74 -5.52 3.01
N LEU A 8 -6.49 -5.00 1.79
CA LEU A 8 -6.02 -5.84 0.67
C LEU A 8 -4.79 -5.26 -0.04
N ILE A 9 -3.92 -6.16 -0.49
CA ILE A 9 -2.66 -5.79 -1.15
C ILE A 9 -2.63 -6.35 -2.57
N LEU A 10 -1.98 -5.61 -3.47
CA LEU A 10 -1.85 -6.04 -4.85
C LEU A 10 -0.87 -7.21 -4.91
N SER A 11 -1.22 -8.24 -5.69
CA SER A 11 -0.36 -9.40 -5.85
C SER A 11 -0.30 -9.81 -7.32
N ASP A 12 0.38 -10.92 -7.61
CA ASP A 12 0.56 -11.38 -8.98
C ASP A 12 -0.79 -11.57 -9.66
N ARG A 13 -1.77 -12.12 -8.93
CA ARG A 13 -3.12 -12.30 -9.48
C ARG A 13 -3.84 -10.96 -9.60
N GLY A 14 -3.58 -10.04 -8.65
CA GLY A 14 -4.25 -8.72 -8.64
C GLY A 14 -4.73 -8.37 -7.23
N TRP A 15 -5.82 -7.56 -7.17
CA TRP A 15 -6.39 -7.13 -5.89
C TRP A 15 -6.79 -8.34 -5.02
N LEU A 16 -6.03 -8.58 -3.94
CA LEU A 16 -6.33 -9.66 -2.99
C LEU A 16 -6.07 -9.23 -1.56
N ARG A 17 -6.82 -9.81 -0.62
CA ARG A 17 -6.69 -9.47 0.79
C ARG A 17 -5.25 -9.63 1.28
N ILE A 18 -4.88 -8.76 2.23
CA ILE A 18 -3.53 -8.69 2.81
C ILE A 18 -2.99 -10.04 3.24
N ASP A 19 -3.88 -11.02 3.48
CA ASP A 19 -3.44 -12.35 3.97
C ASP A 19 -3.71 -13.48 2.95
N ASP A 20 -3.98 -13.11 1.67
CA ASP A 20 -4.23 -14.10 0.61
C ASP A 20 -2.91 -14.78 0.10
N PRO A 21 -2.99 -16.04 -0.39
CA PRO A 21 -1.78 -16.81 -0.86
C PRO A 21 -0.92 -16.07 -1.89
N THR A 22 -1.56 -15.22 -2.72
CA THR A 22 -0.85 -14.51 -3.79
C THR A 22 0.28 -13.63 -3.22
N LEU A 23 0.07 -13.09 -2.01
CA LEU A 23 1.13 -12.33 -1.35
C LEU A 23 2.03 -13.29 -0.52
N GLN A 24 1.46 -14.44 -0.12
CA GLN A 24 2.19 -15.41 0.70
C GLN A 24 3.37 -16.01 -0.09
N GLU A 25 3.15 -16.34 -1.39
CA GLU A 25 4.18 -17.01 -2.19
C GLU A 25 4.38 -16.41 -3.60
N CYS A 26 3.56 -15.42 -4.01
CA CYS A 26 3.69 -14.84 -5.36
C CYS A 26 4.04 -13.36 -5.32
N ARG A 27 4.55 -12.87 -6.43
CA ARG A 27 5.03 -11.49 -6.57
C ARG A 27 3.96 -10.46 -6.21
N VAL A 28 4.41 -9.30 -5.72
CA VAL A 28 3.49 -8.20 -5.35
C VAL A 28 3.92 -6.87 -5.98
N LEU A 29 2.99 -5.92 -6.05
CA LEU A 29 3.23 -4.62 -6.69
C LEU A 29 4.06 -3.69 -5.80
N SER A 30 5.06 -3.04 -6.41
CA SER A 30 5.93 -2.09 -5.71
C SER A 30 6.51 -1.10 -6.71
N TYR A 31 6.87 0.10 -6.22
CA TYR A 31 7.45 1.12 -7.07
C TYR A 31 8.94 0.91 -7.15
N ASN A 32 9.42 0.56 -8.34
CA ASN A 32 10.83 0.32 -8.54
C ASN A 32 11.56 1.64 -8.69
N GLU A 33 12.08 2.14 -7.58
CA GLU A 33 12.79 3.44 -7.57
C GLU A 33 13.99 3.40 -8.52
N SER A 34 14.59 2.22 -8.68
CA SER A 34 15.76 2.03 -9.53
C SER A 34 15.46 2.40 -10.99
N THR A 35 14.30 1.94 -11.46
CA THR A 35 13.87 2.18 -12.86
C THR A 35 12.85 3.33 -12.97
N GLN A 36 12.29 3.76 -11.83
CA GLN A 36 11.25 4.80 -11.79
C GLN A 36 9.98 4.33 -12.54
N GLN A 37 9.75 3.00 -12.51
CA GLN A 37 8.57 2.41 -13.15
C GLN A 37 7.96 1.35 -12.23
N TRP A 38 6.67 1.02 -12.47
CA TRP A 38 6.00 0.00 -11.66
C TRP A 38 6.52 -1.38 -12.02
N GLU A 39 6.84 -2.18 -11.00
CA GLU A 39 7.38 -3.52 -11.20
C GLU A 39 6.88 -4.48 -10.13
N TRP A 40 6.93 -5.79 -10.45
CA TRP A 40 6.52 -6.83 -9.50
C TRP A 40 7.73 -7.34 -8.72
N GLN A 41 7.66 -7.23 -7.40
CA GLN A 41 8.72 -7.70 -6.51
C GLN A 41 8.32 -9.04 -5.90
N GLN A 42 9.27 -9.71 -5.22
CA GLN A 42 8.99 -11.01 -4.61
C GLN A 42 8.66 -10.84 -3.13
N VAL A 43 7.64 -11.57 -2.69
CA VAL A 43 7.20 -11.53 -1.31
C VAL A 43 8.23 -12.22 -0.42
N LEU A 44 8.79 -11.43 0.46
CA LEU A 44 9.87 -11.83 1.32
C LEU A 44 9.43 -12.73 2.47
N ARG A 45 8.52 -12.21 3.29
CA ARG A 45 8.09 -12.91 4.49
C ARG A 45 6.84 -12.23 5.06
N TRP A 46 5.79 -13.04 5.27
CA TRP A 46 4.53 -12.52 5.81
C TRP A 46 4.63 -12.37 7.32
N LEU A 47 4.51 -11.12 7.79
CA LEU A 47 4.60 -10.83 9.23
C LEU A 47 3.22 -10.54 9.82
N ASP A 48 2.86 -11.30 10.85
CA ASP A 48 1.61 -11.09 11.56
C ASP A 48 1.83 -10.16 12.75
N GLN A 49 1.43 -8.90 12.58
CA GLN A 49 1.61 -7.88 13.61
C GLN A 49 0.83 -8.20 14.88
N GLY A 50 -0.40 -8.67 14.69
CA GLY A 50 -1.29 -8.91 15.81
C GLY A 50 -2.29 -7.78 15.91
N VAL A 51 -2.08 -6.89 16.89
CA VAL A 51 -2.96 -5.72 17.07
C VAL A 51 -2.17 -4.41 16.97
N ARG A 52 -2.65 -3.51 16.11
CA ARG A 52 -2.00 -2.19 15.91
C ARG A 52 -3.00 -1.12 15.45
N GLU A 53 -2.81 0.11 15.94
CA GLU A 53 -3.66 1.26 15.57
C GLU A 53 -3.57 1.50 14.05
N THR A 54 -4.70 1.87 13.41
CA THR A 54 -4.69 2.11 11.95
C THR A 54 -5.56 3.31 11.52
N TRP A 55 -5.15 3.94 10.42
CA TRP A 55 -5.88 5.08 9.84
C TRP A 55 -6.36 4.73 8.44
N LYS A 56 -7.67 4.94 8.18
CA LYS A 56 -8.26 4.65 6.87
C LYS A 56 -8.12 5.83 5.92
N ILE A 57 -7.02 5.83 5.17
CA ILE A 57 -6.79 6.87 4.16
C ILE A 57 -7.66 6.57 2.95
N LYS A 58 -8.66 7.43 2.74
CA LYS A 58 -9.61 7.26 1.64
C LYS A 58 -9.21 8.13 0.45
N THR A 59 -9.16 7.52 -0.73
CA THR A 59 -8.86 8.24 -1.97
C THR A 59 -9.95 7.97 -2.99
N PHE A 60 -10.01 8.80 -4.02
CA PHE A 60 -11.04 8.69 -5.04
C PHE A 60 -10.96 7.34 -5.78
N GLN A 61 -9.73 6.87 -6.04
CA GLN A 61 -9.54 5.62 -6.78
C GLN A 61 -9.54 4.41 -5.85
N THR A 62 -9.06 4.60 -4.62
CA THR A 62 -8.98 3.49 -3.65
C THR A 62 -9.13 3.97 -2.20
N GLU A 63 -9.09 3.02 -1.27
CA GLU A 63 -9.14 3.31 0.17
C GLU A 63 -8.48 2.15 0.92
N ILE A 64 -7.78 2.44 2.02
CA ILE A 64 -7.07 1.40 2.76
C ILE A 64 -6.68 1.88 4.16
N LYS A 65 -6.65 0.95 5.12
CA LYS A 65 -6.28 1.30 6.49
C LYS A 65 -4.91 0.71 6.85
N CYS A 66 -4.00 1.61 7.24
CA CYS A 66 -2.63 1.25 7.58
C CYS A 66 -2.11 2.18 8.67
N THR A 67 -0.91 1.86 9.22
CA THR A 67 -0.33 2.70 10.29
C THR A 67 -0.46 4.19 9.98
N GLY A 68 -0.74 4.98 11.01
CA GLY A 68 -0.93 6.43 10.86
C GLY A 68 0.36 7.23 11.08
N ASN A 69 1.48 6.54 11.38
CA ASN A 69 2.77 7.22 11.64
C ASN A 69 3.83 6.88 10.58
N HIS A 70 3.61 5.81 9.81
CA HIS A 70 4.56 5.40 8.77
C HIS A 70 4.50 6.37 7.56
N LEU A 71 5.61 6.45 6.81
CA LEU A 71 5.66 7.32 5.63
C LEU A 71 5.07 6.59 4.42
N ILE A 72 4.27 7.30 3.62
CA ILE A 72 3.68 6.74 2.40
C ILE A 72 3.96 7.66 1.22
N ARG A 73 4.03 7.10 0.00
CA ARG A 73 4.35 7.90 -1.17
C ARG A 73 3.23 8.86 -1.53
N THR A 74 3.61 10.11 -1.81
CA THR A 74 2.66 11.15 -2.21
C THR A 74 3.22 11.92 -3.40
N ASP A 75 2.50 12.95 -3.85
CA ASP A 75 2.94 13.76 -4.99
C ASP A 75 4.34 14.33 -4.71
N LYS A 76 4.56 14.74 -3.46
CA LYS A 76 5.81 15.39 -3.06
C LYS A 76 6.87 14.36 -2.59
N GLY A 77 6.44 13.10 -2.35
CA GLY A 77 7.35 12.04 -1.90
C GLY A 77 6.81 11.36 -0.66
N TRP A 78 7.66 10.57 0.00
CA TRP A 78 7.26 9.84 1.22
C TRP A 78 6.86 10.83 2.32
N ILE A 79 5.66 10.65 2.88
CA ILE A 79 5.14 11.55 3.94
C ILE A 79 4.38 10.76 5.02
N LYS A 80 4.50 11.22 6.28
CA LYS A 80 3.82 10.61 7.42
C LYS A 80 2.30 10.58 7.19
N ALA A 81 1.69 9.42 7.50
CA ALA A 81 0.24 9.22 7.29
C ALA A 81 -0.58 10.23 8.09
N ALA A 82 -0.11 10.51 9.31
CA ALA A 82 -0.78 11.49 10.18
C ALA A 82 -0.81 12.87 9.51
N ASN A 83 0.28 13.20 8.80
CA ASN A 83 0.41 14.49 8.12
C ASN A 83 -0.50 14.57 6.87
N ILE A 84 -0.75 13.42 6.23
CA ILE A 84 -1.57 13.38 5.01
C ILE A 84 -2.92 14.07 5.22
N THR A 85 -3.33 14.84 4.22
CA THR A 85 -4.61 15.54 4.24
C THR A 85 -5.36 15.28 2.91
N PRO A 86 -6.69 15.47 2.83
CA PRO A 86 -7.46 15.22 1.57
C PRO A 86 -6.83 15.90 0.35
N LYS A 87 -6.12 16.99 0.61
CA LYS A 87 -5.43 17.73 -0.46
C LYS A 87 -4.38 16.84 -1.14
N MET A 88 -3.66 16.08 -0.33
CA MET A 88 -2.57 15.24 -0.82
C MET A 88 -3.07 14.25 -1.87
N LYS A 89 -2.24 14.02 -2.91
CA LYS A 89 -2.57 13.05 -3.96
C LYS A 89 -1.45 12.03 -4.08
N ILE A 90 -1.81 10.77 -4.35
CA ILE A 90 -0.81 9.69 -4.43
C ILE A 90 -0.89 8.96 -5.77
N LEU A 91 0.25 8.92 -6.47
CA LEU A 91 0.33 8.21 -7.76
C LEU A 91 0.02 6.71 -7.57
N SER A 92 -0.82 6.16 -8.44
CA SER A 92 -1.21 4.75 -8.36
C SER A 92 -1.04 4.04 -9.73
N PRO A 93 -0.69 2.73 -9.75
CA PRO A 93 -0.52 1.98 -11.03
C PRO A 93 -1.87 1.66 -11.67
N GLU A 94 -1.87 1.56 -13.01
CA GLU A 94 -3.09 1.24 -13.76
C GLU A 94 -2.84 0.06 -14.68
N ILE A 95 -3.76 -0.91 -14.65
CA ILE A 95 -3.64 -2.12 -15.48
C ILE A 95 -4.37 -1.91 -16.81
N ASP A 96 -3.60 -1.95 -17.89
CA ASP A 96 -4.12 -1.78 -19.25
C ASP A 96 -3.14 -2.45 -20.25
N ALA A 97 -3.05 -1.94 -21.50
CA ALA A 97 -2.09 -2.47 -22.46
C ALA A 97 -0.67 -2.31 -21.89
N ALA A 98 -0.44 -1.17 -21.22
CA ALA A 98 0.82 -0.90 -20.54
C ALA A 98 0.54 -0.19 -19.23
N VAL A 99 1.36 -0.48 -18.20
CA VAL A 99 1.16 0.14 -16.88
C VAL A 99 1.18 1.66 -16.99
N LYS A 100 0.23 2.30 -16.30
CA LYS A 100 0.12 3.77 -16.34
C LYS A 100 -0.09 4.33 -14.93
N THR A 101 0.67 5.39 -14.61
CA THR A 101 0.60 6.02 -13.29
C THR A 101 -0.33 7.24 -13.32
N ALA A 102 -1.20 7.33 -12.31
CA ALA A 102 -2.13 8.44 -12.19
C ALA A 102 -2.36 8.80 -10.72
N LEU A 103 -2.45 10.10 -10.44
CA LEU A 103 -2.65 10.57 -9.07
C LEU A 103 -4.06 10.32 -8.58
N GLN A 104 -4.18 9.98 -7.30
CA GLN A 104 -5.48 9.76 -6.67
C GLN A 104 -5.73 10.85 -5.61
N ASP A 105 -6.98 11.32 -5.50
CA ASP A 105 -7.32 12.42 -4.60
C ASP A 105 -7.82 11.92 -3.27
N VAL A 106 -7.12 12.29 -2.17
CA VAL A 106 -7.54 11.87 -0.83
C VAL A 106 -8.81 12.65 -0.44
N GLU A 107 -9.86 11.92 -0.06
CA GLU A 107 -11.12 12.56 0.36
C GLU A 107 -11.12 12.76 1.87
N SER A 108 -10.65 11.75 2.60
CA SER A 108 -10.58 11.81 4.05
C SER A 108 -9.82 10.62 4.62
N ILE A 109 -9.32 10.79 5.85
CA ILE A 109 -8.65 9.73 6.58
C ILE A 109 -9.47 9.42 7.83
N GLU A 110 -9.92 8.15 7.98
CA GLU A 110 -10.77 7.79 9.15
C GLU A 110 -10.06 6.80 10.04
N LYS A 111 -9.70 7.25 11.25
CA LYS A 111 -9.01 6.39 12.21
C LYS A 111 -9.95 5.36 12.82
N LEU A 112 -9.62 4.09 12.61
CA LEU A 112 -10.40 2.97 13.17
C LEU A 112 -9.85 2.55 14.53
N GLY A 113 -8.53 2.75 14.73
CA GLY A 113 -7.89 2.42 15.98
C GLY A 113 -7.20 1.05 15.91
N VAL A 114 -7.13 0.39 17.06
CA VAL A 114 -6.47 -0.91 17.16
C VAL A 114 -7.30 -1.99 16.45
N ASN A 115 -6.66 -2.66 15.50
CA ASN A 115 -7.29 -3.73 14.73
C ASN A 115 -6.30 -4.84 14.45
N HIS A 116 -6.81 -5.97 13.93
CA HIS A 116 -5.94 -7.06 13.51
C HIS A 116 -5.11 -6.56 12.35
N VAL A 117 -3.80 -6.82 12.39
CA VAL A 117 -2.88 -6.32 11.33
C VAL A 117 -1.90 -7.37 10.85
N TYR A 118 -1.52 -7.21 9.59
CA TYR A 118 -0.55 -8.09 8.95
C TYR A 118 0.10 -7.32 7.81
N ASP A 119 1.32 -7.72 7.42
CA ASP A 119 2.00 -7.07 6.30
C ASP A 119 3.17 -7.92 5.82
N ILE A 120 3.69 -7.60 4.62
CA ILE A 120 4.78 -8.40 4.04
C ILE A 120 5.85 -7.53 3.36
N GLU A 121 7.07 -8.04 3.37
CA GLU A 121 8.25 -7.35 2.83
C GLU A 121 8.61 -7.83 1.43
N VAL A 122 9.31 -6.98 0.66
CA VAL A 122 9.71 -7.33 -0.72
C VAL A 122 11.25 -7.44 -0.82
N GLU A 123 11.70 -8.21 -1.82
CA GLU A 123 13.14 -8.53 -1.98
C GLU A 123 14.05 -7.35 -2.37
N HIS A 124 13.60 -6.47 -3.29
CA HIS A 124 14.52 -5.42 -3.83
C HIS A 124 14.23 -3.98 -3.36
N ASN A 125 13.05 -3.46 -3.72
CA ASN A 125 12.72 -2.04 -3.42
C ASN A 125 12.27 -1.81 -1.97
N HIS A 126 12.01 -2.90 -1.24
CA HIS A 126 11.59 -2.82 0.17
C HIS A 126 10.31 -1.98 0.35
N ASN A 127 9.47 -1.94 -0.71
CA ASN A 127 8.20 -1.21 -0.66
C ASN A 127 7.10 -2.03 -1.31
N PHE A 128 5.85 -1.71 -0.98
CA PHE A 128 4.70 -2.43 -1.54
C PHE A 128 3.47 -1.51 -1.65
N VAL A 129 2.49 -1.95 -2.46
CA VAL A 129 1.27 -1.16 -2.67
C VAL A 129 0.06 -1.88 -2.06
N ALA A 130 -0.66 -1.19 -1.18
CA ALA A 130 -1.86 -1.75 -0.56
C ALA A 130 -3.10 -1.13 -1.18
N ASN A 131 -3.88 -1.96 -1.86
CA ASN A 131 -5.10 -1.51 -2.53
C ASN A 131 -4.83 -0.29 -3.43
N GLY A 132 -3.70 -0.34 -4.16
CA GLY A 132 -3.32 0.72 -5.09
C GLY A 132 -2.61 1.90 -4.40
N LEU A 133 -2.36 1.79 -3.07
CA LEU A 133 -1.66 2.85 -2.32
C LEU A 133 -0.24 2.41 -1.98
N LEU A 134 0.75 3.14 -2.51
CA LEU A 134 2.16 2.82 -2.27
C LEU A 134 2.62 3.24 -0.87
N VAL A 135 3.22 2.29 -0.15
CA VAL A 135 3.74 2.52 1.18
C VAL A 135 5.20 2.06 1.31
N HIS A 136 5.93 2.70 2.21
CA HIS A 136 7.33 2.36 2.47
C HIS A 136 7.44 1.45 3.69
N ASN A 137 8.00 0.25 3.48
CA ASN A 137 8.17 -0.73 4.56
C ASN A 137 9.47 -0.45 5.32
N GLU A 1 3.33 0.39 6.42
CA GLU A 1 4.18 -0.65 7.07
C GLU A 1 3.30 -1.81 7.54
N ALA A 2 2.10 -1.48 8.06
CA ALA A 2 1.17 -2.49 8.56
C ALA A 2 -0.25 -2.20 8.07
N LEU A 3 -0.94 -3.25 7.61
CA LEU A 3 -2.30 -3.12 7.10
C LEU A 3 -3.23 -3.98 7.94
N THR A 4 -4.49 -3.54 8.12
CA THR A 4 -5.45 -4.34 8.91
C THR A 4 -5.69 -5.68 8.23
N GLY A 5 -6.17 -6.66 9.00
CA GLY A 5 -6.40 -8.01 8.49
C GLY A 5 -7.38 -8.01 7.33
N ASP A 6 -8.43 -7.20 7.47
CA ASP A 6 -9.44 -7.07 6.42
C ASP A 6 -8.89 -6.34 5.18
N ALA A 7 -7.77 -5.59 5.36
CA ALA A 7 -7.15 -4.84 4.29
C ALA A 7 -6.67 -5.77 3.17
N LEU A 8 -6.47 -5.18 1.97
CA LEU A 8 -6.03 -5.94 0.79
C LEU A 8 -4.84 -5.27 0.09
N ILE A 9 -3.94 -6.09 -0.46
CA ILE A 9 -2.72 -5.61 -1.11
C ILE A 9 -2.61 -6.19 -2.53
N LEU A 10 -2.11 -5.37 -3.46
CA LEU A 10 -1.93 -5.79 -4.84
C LEU A 10 -0.97 -6.97 -4.91
N SER A 11 -1.29 -7.92 -5.79
CA SER A 11 -0.48 -9.11 -5.99
C SER A 11 -0.47 -9.49 -7.46
N ASP A 12 0.21 -10.60 -7.80
CA ASP A 12 0.34 -11.01 -9.19
C ASP A 12 -1.03 -11.11 -9.87
N ARG A 13 -2.02 -11.66 -9.14
CA ARG A 13 -3.38 -11.77 -9.68
C ARG A 13 -4.09 -10.39 -9.69
N GLY A 14 -3.77 -9.56 -8.69
CA GLY A 14 -4.40 -8.24 -8.55
C GLY A 14 -4.68 -7.93 -7.08
N TRP A 15 -5.78 -7.23 -6.81
CA TRP A 15 -6.17 -6.88 -5.43
C TRP A 15 -6.65 -8.11 -4.66
N LEU A 16 -5.92 -8.47 -3.61
CA LEU A 16 -6.30 -9.60 -2.75
C LEU A 16 -6.02 -9.28 -1.28
N ARG A 17 -6.76 -9.94 -0.38
CA ARG A 17 -6.65 -9.69 1.07
C ARG A 17 -5.22 -9.95 1.57
N ILE A 18 -4.80 -9.15 2.56
CA ILE A 18 -3.43 -9.17 3.12
C ILE A 18 -2.90 -10.59 3.42
N ASP A 19 -3.79 -11.58 3.52
CA ASP A 19 -3.37 -12.96 3.84
C ASP A 19 -3.75 -13.94 2.72
N ASP A 20 -3.81 -13.44 1.48
CA ASP A 20 -4.12 -14.29 0.32
C ASP A 20 -2.84 -14.93 -0.31
N PRO A 21 -2.96 -16.12 -0.95
CA PRO A 21 -1.79 -16.84 -1.56
C PRO A 21 -0.99 -15.98 -2.54
N THR A 22 -1.66 -15.04 -3.21
CA THR A 22 -1.01 -14.21 -4.23
C THR A 22 0.08 -13.30 -3.64
N LEU A 23 -0.17 -12.72 -2.46
CA LEU A 23 0.87 -11.89 -1.78
C LEU A 23 1.75 -12.74 -0.84
N GLN A 24 1.33 -14.00 -0.57
CA GLN A 24 2.11 -14.89 0.28
C GLN A 24 3.16 -15.67 -0.54
N GLU A 25 2.82 -16.03 -1.80
CA GLU A 25 3.71 -16.85 -2.64
C GLU A 25 4.04 -16.20 -4.01
N CYS A 26 3.33 -15.12 -4.38
CA CYS A 26 3.56 -14.47 -5.68
C CYS A 26 3.94 -13.00 -5.52
N ARG A 27 4.51 -12.44 -6.58
CA ARG A 27 5.01 -11.06 -6.57
C ARG A 27 3.90 -10.04 -6.34
N VAL A 28 4.29 -8.88 -5.82
CA VAL A 28 3.34 -7.78 -5.57
C VAL A 28 3.87 -6.48 -6.19
N LEU A 29 2.95 -5.53 -6.44
CA LEU A 29 3.31 -4.26 -7.06
C LEU A 29 4.08 -3.35 -6.12
N SER A 30 5.10 -2.70 -6.67
CA SER A 30 5.93 -1.75 -5.92
C SER A 30 6.58 -0.77 -6.89
N TYR A 31 6.99 0.40 -6.38
CA TYR A 31 7.62 1.40 -7.22
C TYR A 31 9.12 1.23 -7.14
N ASN A 32 9.72 0.81 -8.25
CA ASN A 32 11.14 0.59 -8.31
C ASN A 32 11.86 1.90 -8.50
N GLU A 33 12.31 2.48 -7.39
CA GLU A 33 13.04 3.75 -7.43
C GLU A 33 14.30 3.62 -8.30
N SER A 34 14.83 2.40 -8.39
CA SER A 34 16.03 2.12 -9.17
C SER A 34 15.82 2.46 -10.65
N THR A 35 14.66 2.05 -11.19
CA THR A 35 14.34 2.30 -12.62
C THR A 35 13.23 3.37 -12.81
N GLN A 36 12.68 3.87 -11.70
CA GLN A 36 11.61 4.87 -11.73
C GLN A 36 10.39 4.36 -12.53
N GLN A 37 10.13 3.04 -12.42
CA GLN A 37 9.01 2.40 -13.10
C GLN A 37 8.37 1.34 -12.21
N TRP A 38 7.11 0.99 -12.51
CA TRP A 38 6.38 -0.04 -11.75
C TRP A 38 6.96 -1.42 -12.07
N GLU A 39 7.18 -2.22 -11.02
CA GLU A 39 7.70 -3.58 -11.17
C GLU A 39 7.12 -4.51 -10.12
N TRP A 40 7.12 -5.82 -10.43
CA TRP A 40 6.65 -6.84 -9.50
C TRP A 40 7.83 -7.47 -8.77
N GLN A 41 7.89 -7.24 -7.46
CA GLN A 41 8.93 -7.83 -6.61
C GLN A 41 8.36 -9.03 -5.87
N GLN A 42 9.23 -9.97 -5.49
CA GLN A 42 8.79 -11.19 -4.83
C GLN A 42 8.53 -10.95 -3.36
N VAL A 43 7.49 -11.62 -2.86
CA VAL A 43 7.08 -11.51 -1.47
C VAL A 43 8.00 -12.38 -0.59
N LEU A 44 8.87 -11.71 0.18
CA LEU A 44 9.86 -12.43 0.98
C LEU A 44 9.22 -13.34 2.02
N ARG A 45 8.29 -12.78 2.83
CA ARG A 45 7.65 -13.56 3.89
C ARG A 45 6.56 -12.73 4.61
N TRP A 46 5.40 -13.33 4.83
CA TRP A 46 4.28 -12.65 5.49
C TRP A 46 4.62 -12.34 6.95
N LEU A 47 4.54 -11.05 7.30
CA LEU A 47 4.84 -10.57 8.65
C LEU A 47 3.58 -10.13 9.37
N ASP A 48 3.35 -10.65 10.58
CA ASP A 48 2.22 -10.24 11.41
C ASP A 48 2.64 -9.08 12.31
N GLN A 49 1.70 -8.19 12.62
CA GLN A 49 1.99 -7.02 13.47
C GLN A 49 1.14 -7.02 14.76
N GLY A 50 0.12 -7.89 14.81
CA GLY A 50 -0.76 -7.99 15.99
C GLY A 50 -1.67 -6.78 16.11
N VAL A 51 -2.10 -6.50 17.35
CA VAL A 51 -2.99 -5.36 17.62
C VAL A 51 -2.28 -4.02 17.45
N ARG A 52 -2.80 -3.17 16.56
CA ARG A 52 -2.22 -1.84 16.31
C ARG A 52 -3.28 -0.86 15.83
N GLU A 53 -3.19 0.38 16.32
CA GLU A 53 -4.10 1.46 15.92
C GLU A 53 -3.95 1.73 14.43
N THR A 54 -5.08 2.03 13.73
CA THR A 54 -4.99 2.25 12.27
C THR A 54 -5.76 3.49 11.78
N TRP A 55 -5.20 4.13 10.74
CA TRP A 55 -5.81 5.31 10.11
C TRP A 55 -6.23 4.95 8.67
N LYS A 56 -7.50 5.24 8.33
CA LYS A 56 -8.03 4.91 6.99
C LYS A 56 -7.95 6.10 6.04
N ILE A 57 -6.94 6.08 5.19
CA ILE A 57 -6.78 7.10 4.16
C ILE A 57 -7.73 6.78 3.00
N LYS A 58 -8.75 7.62 2.87
CA LYS A 58 -9.77 7.48 1.85
C LYS A 58 -9.40 8.30 0.61
N THR A 59 -9.43 7.64 -0.56
CA THR A 59 -9.12 8.32 -1.83
C THR A 59 -10.23 8.05 -2.85
N PHE A 60 -10.26 8.87 -3.89
CA PHE A 60 -11.28 8.74 -4.93
C PHE A 60 -11.21 7.38 -5.61
N GLN A 61 -9.99 6.90 -5.88
CA GLN A 61 -9.80 5.63 -6.59
C GLN A 61 -9.76 4.44 -5.63
N THR A 62 -9.27 4.66 -4.40
CA THR A 62 -9.13 3.56 -3.42
C THR A 62 -9.29 4.04 -1.97
N GLU A 63 -9.12 3.09 -1.04
CA GLU A 63 -9.18 3.36 0.40
C GLU A 63 -8.39 2.27 1.15
N ILE A 64 -7.74 2.63 2.26
CA ILE A 64 -6.94 1.65 3.02
C ILE A 64 -6.64 2.12 4.45
N LYS A 65 -6.59 1.16 5.40
CA LYS A 65 -6.26 1.47 6.79
C LYS A 65 -4.94 0.82 7.19
N CYS A 66 -3.98 1.68 7.59
CA CYS A 66 -2.64 1.23 7.97
C CYS A 66 -2.23 1.87 9.31
N THR A 67 -0.96 1.70 9.73
CA THR A 67 -0.49 2.23 11.01
C THR A 67 -0.83 3.73 11.14
N GLY A 68 -0.59 4.48 10.07
CA GLY A 68 -0.90 5.92 10.06
C GLY A 68 0.29 6.79 10.53
N ASN A 69 1.34 6.14 11.07
CA ASN A 69 2.52 6.86 11.56
C ASN A 69 3.73 6.69 10.62
N HIS A 70 3.70 5.65 9.77
CA HIS A 70 4.77 5.39 8.82
C HIS A 70 4.63 6.26 7.58
N LEU A 71 5.75 6.53 6.91
CA LEU A 71 5.75 7.36 5.71
C LEU A 71 5.20 6.56 4.53
N ILE A 72 4.40 7.22 3.69
CA ILE A 72 3.83 6.59 2.50
C ILE A 72 4.07 7.48 1.29
N ARG A 73 4.20 6.87 0.11
CA ARG A 73 4.50 7.64 -1.10
C ARG A 73 3.29 8.46 -1.54
N THR A 74 3.55 9.72 -1.89
CA THR A 74 2.53 10.63 -2.39
C THR A 74 3.11 11.50 -3.51
N ASP A 75 2.32 12.46 -4.00
CA ASP A 75 2.76 13.35 -5.08
C ASP A 75 4.04 14.10 -4.69
N LYS A 76 4.26 14.28 -3.37
CA LYS A 76 5.45 14.98 -2.86
C LYS A 76 6.54 13.99 -2.35
N GLY A 77 6.35 12.69 -2.62
CA GLY A 77 7.30 11.65 -2.16
C GLY A 77 6.81 11.04 -0.85
N TRP A 78 7.74 10.41 -0.10
CA TRP A 78 7.37 9.77 1.18
C TRP A 78 6.90 10.82 2.18
N ILE A 79 5.69 10.62 2.70
CA ILE A 79 5.10 11.54 3.70
C ILE A 79 4.34 10.75 4.77
N LYS A 80 4.49 11.17 6.02
CA LYS A 80 3.81 10.53 7.15
C LYS A 80 2.30 10.51 6.89
N ALA A 81 1.67 9.35 7.12
CA ALA A 81 0.22 9.18 6.86
C ALA A 81 -0.59 10.18 7.66
N ALA A 82 -0.17 10.41 8.91
CA ALA A 82 -0.83 11.37 9.77
C ALA A 82 -0.76 12.78 9.16
N ASN A 83 0.36 13.07 8.50
CA ASN A 83 0.60 14.38 7.87
C ASN A 83 -0.26 14.55 6.61
N ILE A 84 -0.56 13.43 5.93
CA ILE A 84 -1.35 13.47 4.70
C ILE A 84 -2.68 14.21 4.93
N THR A 85 -3.01 15.08 3.99
CA THR A 85 -4.25 15.86 4.03
C THR A 85 -5.11 15.46 2.83
N PRO A 86 -6.43 15.73 2.81
CA PRO A 86 -7.30 15.37 1.66
C PRO A 86 -6.77 15.93 0.33
N LYS A 87 -6.01 17.01 0.42
CA LYS A 87 -5.39 17.65 -0.75
C LYS A 87 -4.37 16.69 -1.41
N MET A 88 -3.62 15.96 -0.58
CA MET A 88 -2.56 15.07 -1.08
C MET A 88 -3.13 14.10 -2.13
N LYS A 89 -2.31 13.82 -3.15
CA LYS A 89 -2.69 12.89 -4.22
C LYS A 89 -1.62 11.80 -4.35
N ILE A 90 -2.07 10.56 -4.57
CA ILE A 90 -1.15 9.41 -4.64
C ILE A 90 -1.20 8.78 -6.04
N LEU A 91 -0.02 8.59 -6.67
CA LEU A 91 0.02 7.96 -8.00
C LEU A 91 -0.18 6.46 -7.87
N SER A 92 -1.30 5.97 -8.41
CA SER A 92 -1.66 4.56 -8.33
C SER A 92 -1.39 3.85 -9.68
N PRO A 93 -0.97 2.56 -9.67
CA PRO A 93 -0.67 1.81 -10.93
C PRO A 93 -1.93 1.40 -11.68
N GLU A 94 -1.84 1.38 -13.02
CA GLU A 94 -2.95 0.96 -13.86
C GLU A 94 -2.53 -0.23 -14.71
N ILE A 95 -3.35 -1.30 -14.68
CA ILE A 95 -3.05 -2.53 -15.41
C ILE A 95 -3.65 -2.48 -16.82
N ASP A 96 -2.79 -2.66 -17.82
CA ASP A 96 -3.20 -2.64 -19.22
C ASP A 96 -2.01 -3.13 -20.09
N ALA A 97 -1.98 -2.75 -21.38
CA ALA A 97 -0.87 -3.12 -22.25
C ALA A 97 0.45 -2.60 -21.66
N ALA A 98 0.37 -1.38 -21.10
CA ALA A 98 1.51 -0.77 -20.43
C ALA A 98 1.05 -0.16 -19.10
N VAL A 99 1.85 -0.36 -18.04
CA VAL A 99 1.51 0.16 -16.72
C VAL A 99 1.47 1.69 -16.76
N LYS A 100 0.39 2.28 -16.24
CA LYS A 100 0.20 3.73 -16.25
C LYS A 100 -0.14 4.26 -14.86
N THR A 101 0.53 5.35 -14.47
CA THR A 101 0.28 5.99 -13.18
C THR A 101 -1.01 6.80 -13.24
N ALA A 102 -1.67 6.92 -12.11
CA ALA A 102 -2.92 7.70 -12.01
C ALA A 102 -3.10 8.23 -10.59
N LEU A 103 -2.97 9.54 -10.43
CA LEU A 103 -3.10 10.18 -9.13
C LEU A 103 -4.53 10.06 -8.62
N GLN A 104 -4.67 9.80 -7.32
CA GLN A 104 -6.00 9.71 -6.67
C GLN A 104 -6.12 10.78 -5.59
N ASP A 105 -7.32 11.35 -5.45
CA ASP A 105 -7.56 12.44 -4.51
C ASP A 105 -8.01 11.93 -3.16
N VAL A 106 -7.25 12.26 -2.11
CA VAL A 106 -7.59 11.83 -0.76
C VAL A 106 -8.85 12.57 -0.29
N GLU A 107 -9.96 11.83 -0.13
CA GLU A 107 -11.20 12.43 0.35
C GLU A 107 -11.07 12.83 1.82
N SER A 108 -10.46 11.92 2.61
CA SER A 108 -10.26 12.15 4.05
C SER A 108 -9.54 10.96 4.67
N ILE A 109 -9.17 11.10 5.94
CA ILE A 109 -8.54 10.00 6.71
C ILE A 109 -9.43 9.71 7.94
N GLU A 110 -9.83 8.43 8.09
CA GLU A 110 -10.74 8.05 9.20
C GLU A 110 -10.13 6.99 10.10
N LYS A 111 -9.99 7.31 11.39
CA LYS A 111 -9.42 6.36 12.36
C LYS A 111 -10.36 5.19 12.62
N LEU A 112 -9.77 3.99 12.67
CA LEU A 112 -10.51 2.76 12.98
C LEU A 112 -10.06 2.18 14.34
N GLY A 113 -8.93 2.69 14.87
CA GLY A 113 -8.40 2.23 16.16
C GLY A 113 -7.61 0.95 16.03
N VAL A 114 -7.37 0.30 17.17
CA VAL A 114 -6.59 -0.94 17.20
C VAL A 114 -7.27 -2.05 16.43
N ASN A 115 -6.44 -2.80 15.72
CA ASN A 115 -6.90 -3.89 14.88
C ASN A 115 -5.78 -4.89 14.67
N HIS A 116 -6.12 -6.06 14.14
CA HIS A 116 -5.11 -7.06 13.83
C HIS A 116 -4.46 -6.73 12.51
N VAL A 117 -3.21 -6.30 12.57
CA VAL A 117 -2.47 -5.87 11.36
C VAL A 117 -1.52 -6.93 10.87
N TYR A 118 -1.49 -7.07 9.54
CA TYR A 118 -0.62 -8.01 8.87
C TYR A 118 -0.03 -7.31 7.65
N ASP A 119 1.13 -7.76 7.21
CA ASP A 119 1.80 -7.15 6.06
C ASP A 119 2.85 -8.09 5.49
N ILE A 120 3.43 -7.71 4.34
CA ILE A 120 4.45 -8.52 3.66
C ILE A 120 5.65 -7.67 3.23
N GLU A 121 6.81 -8.32 3.15
CA GLU A 121 8.05 -7.68 2.73
C GLU A 121 8.42 -8.09 1.30
N VAL A 122 9.19 -7.20 0.62
CA VAL A 122 9.64 -7.47 -0.74
C VAL A 122 11.18 -7.57 -0.79
N GLU A 123 11.68 -8.34 -1.76
CA GLU A 123 13.12 -8.64 -1.87
C GLU A 123 14.02 -7.50 -2.36
N HIS A 124 13.50 -6.51 -3.13
CA HIS A 124 14.40 -5.43 -3.68
C HIS A 124 14.05 -4.01 -3.25
N ASN A 125 12.86 -3.52 -3.65
CA ASN A 125 12.49 -2.11 -3.38
C ASN A 125 11.92 -1.92 -1.96
N HIS A 126 11.93 -2.99 -1.15
CA HIS A 126 11.44 -2.92 0.25
C HIS A 126 10.18 -2.06 0.41
N ASN A 127 9.37 -1.97 -0.66
CA ASN A 127 8.13 -1.20 -0.64
C ASN A 127 7.04 -1.96 -1.39
N PHE A 128 5.78 -1.63 -1.11
CA PHE A 128 4.66 -2.29 -1.77
C PHE A 128 3.42 -1.39 -1.84
N VAL A 129 2.45 -1.78 -2.66
CA VAL A 129 1.21 -1.02 -2.81
C VAL A 129 0.05 -1.80 -2.18
N ALA A 130 -0.59 -1.19 -1.17
CA ALA A 130 -1.73 -1.80 -0.50
C ALA A 130 -3.02 -1.13 -0.95
N ASN A 131 -3.89 -1.92 -1.58
CA ASN A 131 -5.18 -1.41 -2.08
C ASN A 131 -4.98 -0.13 -2.93
N GLY A 132 -3.93 -0.14 -3.78
CA GLY A 132 -3.64 0.99 -4.68
C GLY A 132 -2.86 2.13 -3.98
N LEU A 133 -2.52 1.94 -2.69
CA LEU A 133 -1.76 2.96 -1.94
C LEU A 133 -0.33 2.49 -1.71
N LEU A 134 0.64 3.25 -2.23
CA LEU A 134 2.06 2.91 -2.07
C LEU A 134 2.56 3.28 -0.67
N VAL A 135 3.15 2.28 0.01
CA VAL A 135 3.65 2.47 1.38
C VAL A 135 5.10 1.98 1.50
N HIS A 136 5.82 2.55 2.48
CA HIS A 136 7.21 2.20 2.75
C HIS A 136 7.28 1.15 3.87
N ASN A 137 8.00 0.05 3.60
CA ASN A 137 8.17 -1.02 4.57
C ASN A 137 9.61 -1.05 5.09
N GLU A 1 3.46 -0.21 6.66
CA GLU A 1 4.14 -1.46 7.10
C GLU A 1 3.10 -2.52 7.53
N ALA A 2 1.89 -2.05 7.92
CA ALA A 2 0.83 -2.97 8.37
C ALA A 2 -0.50 -2.61 7.73
N LEU A 3 -1.21 -3.63 7.25
CA LEU A 3 -2.53 -3.44 6.63
C LEU A 3 -3.58 -4.23 7.39
N THR A 4 -4.78 -3.64 7.56
CA THR A 4 -5.85 -4.34 8.30
C THR A 4 -6.25 -5.62 7.58
N GLY A 5 -6.87 -6.54 8.33
CA GLY A 5 -7.20 -7.86 7.82
C GLY A 5 -8.10 -7.80 6.60
N ASP A 6 -9.08 -6.91 6.61
CA ASP A 6 -10.01 -6.76 5.46
C ASP A 6 -9.35 -6.02 4.29
N ALA A 7 -8.20 -5.36 4.55
CA ALA A 7 -7.47 -4.63 3.52
C ALA A 7 -6.86 -5.61 2.51
N LEU A 8 -6.68 -5.15 1.26
CA LEU A 8 -6.09 -5.98 0.22
C LEU A 8 -4.89 -5.31 -0.44
N ILE A 9 -3.92 -6.13 -0.85
CA ILE A 9 -2.66 -5.64 -1.43
C ILE A 9 -2.45 -6.26 -2.81
N LEU A 10 -1.94 -5.44 -3.73
CA LEU A 10 -1.64 -5.90 -5.08
C LEU A 10 -0.61 -7.02 -5.02
N SER A 11 -0.84 -8.06 -5.83
CA SER A 11 0.06 -9.19 -5.90
C SER A 11 0.27 -9.63 -7.35
N ASP A 12 1.04 -10.69 -7.56
CA ASP A 12 1.33 -11.17 -8.90
C ASP A 12 0.04 -11.50 -9.65
N ARG A 13 -0.90 -12.14 -8.94
CA ARG A 13 -2.19 -12.47 -9.54
C ARG A 13 -3.06 -11.21 -9.72
N GLY A 14 -2.92 -10.26 -8.77
CA GLY A 14 -3.69 -9.01 -8.80
C GLY A 14 -4.10 -8.58 -7.39
N TRP A 15 -5.17 -7.78 -7.28
CA TRP A 15 -5.66 -7.30 -5.97
C TRP A 15 -6.17 -8.49 -5.14
N LEU A 16 -5.46 -8.79 -4.04
CA LEU A 16 -5.86 -9.90 -3.15
C LEU A 16 -5.80 -9.45 -1.69
N ARG A 17 -6.63 -10.05 -0.83
CA ARG A 17 -6.66 -9.71 0.60
C ARG A 17 -5.29 -9.95 1.26
N ILE A 18 -5.01 -9.14 2.26
CA ILE A 18 -3.72 -9.14 2.97
C ILE A 18 -3.19 -10.53 3.35
N ASP A 19 -4.08 -11.55 3.36
CA ASP A 19 -3.67 -12.90 3.84
C ASP A 19 -3.83 -14.00 2.79
N ASP A 20 -3.87 -13.62 1.50
CA ASP A 20 -4.01 -14.60 0.42
C ASP A 20 -2.65 -15.17 -0.07
N PRO A 21 -2.64 -16.40 -0.65
CA PRO A 21 -1.38 -17.07 -1.11
C PRO A 21 -0.52 -16.19 -2.01
N THR A 22 -1.16 -15.26 -2.73
CA THR A 22 -0.43 -14.38 -3.64
C THR A 22 0.55 -13.49 -2.86
N LEU A 23 0.09 -12.94 -1.72
CA LEU A 23 0.97 -12.14 -0.87
C LEU A 23 2.05 -13.00 -0.20
N GLN A 24 1.64 -14.19 0.28
CA GLN A 24 2.57 -15.07 1.03
C GLN A 24 3.65 -15.71 0.15
N GLU A 25 3.28 -16.13 -1.08
CA GLU A 25 4.22 -16.87 -1.94
C GLU A 25 4.52 -16.18 -3.27
N CYS A 26 3.76 -15.12 -3.62
CA CYS A 26 3.97 -14.42 -4.91
C CYS A 26 4.36 -12.96 -4.72
N ARG A 27 5.13 -12.48 -5.68
CA ARG A 27 5.63 -11.08 -5.72
C ARG A 27 4.48 -10.07 -5.75
N VAL A 28 4.77 -8.84 -5.28
CA VAL A 28 3.76 -7.77 -5.22
C VAL A 28 4.27 -6.47 -5.89
N LEU A 29 3.32 -5.57 -6.24
CA LEU A 29 3.68 -4.30 -6.90
C LEU A 29 4.36 -3.32 -5.97
N SER A 30 5.32 -2.59 -6.54
CA SER A 30 6.08 -1.57 -5.81
C SER A 30 6.65 -0.58 -6.81
N TYR A 31 7.06 0.61 -6.34
CA TYR A 31 7.65 1.61 -7.22
C TYR A 31 9.15 1.45 -7.25
N ASN A 32 9.67 0.97 -8.39
CA ASN A 32 11.10 0.80 -8.54
C ASN A 32 11.72 2.13 -8.91
N GLU A 33 11.83 3.01 -7.91
CA GLU A 33 12.44 4.33 -8.10
C GLU A 33 13.84 4.20 -8.73
N SER A 34 14.44 3.00 -8.61
CA SER A 34 15.72 2.71 -9.22
C SER A 34 15.61 2.85 -10.74
N THR A 35 14.50 2.35 -11.31
CA THR A 35 14.26 2.43 -12.76
C THR A 35 13.13 3.43 -13.12
N GLN A 36 12.49 4.02 -12.10
CA GLN A 36 11.40 5.00 -12.29
C GLN A 36 10.20 4.36 -13.03
N GLN A 37 9.95 3.08 -12.76
CA GLN A 37 8.83 2.35 -13.36
C GLN A 37 8.20 1.39 -12.34
N TRP A 38 6.93 1.02 -12.58
CA TRP A 38 6.26 0.05 -11.70
C TRP A 38 6.87 -1.32 -11.91
N GLU A 39 7.24 -1.98 -10.81
CA GLU A 39 7.86 -3.30 -10.89
C GLU A 39 7.44 -4.17 -9.72
N TRP A 40 7.39 -5.49 -9.96
CA TRP A 40 7.05 -6.45 -8.92
C TRP A 40 8.29 -6.86 -8.13
N GLN A 41 8.07 -7.14 -6.84
CA GLN A 41 9.13 -7.61 -5.96
C GLN A 41 8.67 -8.87 -5.23
N GLN A 42 9.60 -9.79 -4.98
CA GLN A 42 9.26 -11.04 -4.30
C GLN A 42 8.98 -10.82 -2.82
N VAL A 43 7.86 -11.39 -2.36
CA VAL A 43 7.44 -11.29 -0.97
C VAL A 43 8.34 -12.17 -0.11
N LEU A 44 9.21 -11.52 0.65
CA LEU A 44 10.17 -12.21 1.48
C LEU A 44 9.49 -13.06 2.54
N ARG A 45 8.48 -12.49 3.19
CA ARG A 45 7.80 -13.18 4.28
C ARG A 45 6.46 -12.54 4.61
N TRP A 46 5.62 -13.29 5.35
CA TRP A 46 4.32 -12.79 5.78
C TRP A 46 4.29 -12.67 7.30
N LEU A 47 4.13 -11.44 7.80
CA LEU A 47 4.14 -11.19 9.24
C LEU A 47 2.77 -10.72 9.74
N ASP A 48 2.26 -11.43 10.75
CA ASP A 48 0.95 -11.10 11.36
C ASP A 48 1.18 -10.18 12.56
N GLN A 49 0.99 -8.88 12.35
CA GLN A 49 1.19 -7.88 13.42
C GLN A 49 0.05 -7.91 14.46
N GLY A 50 -1.06 -8.58 14.13
CA GLY A 50 -2.20 -8.70 15.04
C GLY A 50 -2.77 -7.34 15.40
N VAL A 51 -3.00 -7.10 16.69
CA VAL A 51 -3.58 -5.85 17.16
C VAL A 51 -2.65 -4.65 16.88
N ARG A 52 -3.12 -3.72 16.03
CA ARG A 52 -2.35 -2.52 15.70
C ARG A 52 -3.29 -1.37 15.28
N GLU A 53 -3.04 -0.18 15.83
CA GLU A 53 -3.83 1.01 15.50
C GLU A 53 -3.65 1.36 14.02
N THR A 54 -4.74 1.76 13.34
CA THR A 54 -4.66 2.06 11.89
C THR A 54 -5.50 3.26 11.46
N TRP A 55 -5.06 3.93 10.37
CA TRP A 55 -5.75 5.07 9.80
C TRP A 55 -6.25 4.75 8.39
N LYS A 56 -7.54 5.03 8.14
CA LYS A 56 -8.15 4.77 6.82
C LYS A 56 -8.00 5.97 5.90
N ILE A 57 -6.99 5.94 5.07
CA ILE A 57 -6.73 6.99 4.10
C ILE A 57 -7.63 6.76 2.89
N LYS A 58 -8.64 7.60 2.78
CA LYS A 58 -9.64 7.53 1.72
C LYS A 58 -9.21 8.40 0.54
N THR A 59 -9.25 7.82 -0.67
CA THR A 59 -8.90 8.56 -1.90
C THR A 59 -9.98 8.37 -2.94
N PHE A 60 -9.95 9.22 -3.97
CA PHE A 60 -10.95 9.19 -5.03
C PHE A 60 -10.91 7.85 -5.78
N GLN A 61 -9.70 7.33 -6.01
CA GLN A 61 -9.54 6.08 -6.78
C GLN A 61 -9.61 4.84 -5.88
N THR A 62 -9.22 4.99 -4.60
CA THR A 62 -9.22 3.85 -3.67
C THR A 62 -9.24 4.30 -2.20
N GLU A 63 -9.25 3.32 -1.29
CA GLU A 63 -9.23 3.58 0.15
C GLU A 63 -8.68 2.37 0.90
N ILE A 64 -7.86 2.60 1.92
CA ILE A 64 -7.27 1.49 2.69
C ILE A 64 -6.72 1.95 4.05
N LYS A 65 -6.68 1.01 5.02
CA LYS A 65 -6.22 1.31 6.39
C LYS A 65 -4.84 0.71 6.67
N CYS A 66 -3.91 1.59 7.11
CA CYS A 66 -2.54 1.21 7.44
C CYS A 66 -1.99 2.11 8.56
N THR A 67 -0.76 1.83 9.01
CA THR A 67 -0.13 2.61 10.07
C THR A 67 -0.16 4.11 9.72
N GLY A 68 -0.60 4.93 10.69
CA GLY A 68 -0.72 6.38 10.50
C GLY A 68 0.58 7.13 10.85
N ASN A 69 1.57 6.41 11.41
CA ASN A 69 2.85 7.02 11.81
C ASN A 69 3.96 6.76 10.79
N HIS A 70 3.77 5.76 9.91
CA HIS A 70 4.77 5.43 8.90
C HIS A 70 4.57 6.31 7.66
N LEU A 71 5.66 6.61 6.95
CA LEU A 71 5.61 7.44 5.74
C LEU A 71 5.11 6.64 4.55
N ILE A 72 4.17 7.23 3.80
CA ILE A 72 3.62 6.61 2.60
C ILE A 72 3.93 7.51 1.41
N ARG A 73 4.04 6.93 0.22
CA ARG A 73 4.44 7.71 -0.95
C ARG A 73 3.32 8.62 -1.44
N THR A 74 3.73 9.82 -1.85
CA THR A 74 2.83 10.82 -2.38
C THR A 74 3.46 11.45 -3.63
N ASP A 75 2.76 12.41 -4.24
CA ASP A 75 3.28 13.08 -5.43
C ASP A 75 4.63 13.77 -5.12
N LYS A 76 4.85 14.12 -3.85
CA LYS A 76 6.11 14.76 -3.42
C LYS A 76 7.14 13.76 -2.86
N GLY A 77 6.78 12.47 -2.80
CA GLY A 77 7.68 11.44 -2.26
C GLY A 77 7.12 10.82 -0.97
N TRP A 78 8.00 10.25 -0.14
CA TRP A 78 7.56 9.63 1.12
C TRP A 78 7.14 10.71 2.11
N ILE A 79 5.88 10.66 2.49
CA ILE A 79 5.29 11.64 3.41
C ILE A 79 4.62 10.95 4.60
N LYS A 80 4.83 11.51 5.79
CA LYS A 80 4.25 10.98 7.03
C LYS A 80 2.74 10.80 6.88
N ALA A 81 2.25 9.59 7.23
CA ALA A 81 0.82 9.26 7.10
C ALA A 81 -0.02 10.22 7.92
N ALA A 82 0.44 10.51 9.12
CA ALA A 82 -0.25 11.46 10.01
C ALA A 82 -0.35 12.85 9.35
N ASN A 83 0.71 13.23 8.62
CA ASN A 83 0.78 14.53 7.95
C ASN A 83 -0.17 14.60 6.73
N ILE A 84 -0.45 13.44 6.12
CA ILE A 84 -1.32 13.41 4.92
C ILE A 84 -2.64 14.16 5.17
N THR A 85 -2.95 15.04 4.24
CA THR A 85 -4.17 15.84 4.28
C THR A 85 -5.02 15.55 3.01
N PRO A 86 -6.36 15.70 3.04
CA PRO A 86 -7.21 15.38 1.84
C PRO A 86 -6.62 15.98 0.55
N LYS A 87 -5.98 17.13 0.69
CA LYS A 87 -5.34 17.82 -0.45
C LYS A 87 -4.25 16.93 -1.08
N MET A 88 -3.49 16.23 -0.23
CA MET A 88 -2.38 15.39 -0.69
C MET A 88 -2.83 14.46 -1.82
N LYS A 89 -1.94 14.27 -2.81
CA LYS A 89 -2.22 13.41 -3.95
C LYS A 89 -1.17 12.30 -4.04
N ILE A 90 -1.63 11.08 -4.34
CA ILE A 90 -0.74 9.92 -4.44
C ILE A 90 -0.94 9.17 -5.75
N LEU A 91 0.17 8.88 -6.46
CA LEU A 91 0.12 8.14 -7.71
C LEU A 91 -0.20 6.67 -7.46
N SER A 92 -1.09 6.11 -8.29
CA SER A 92 -1.50 4.71 -8.16
C SER A 92 -1.39 3.98 -9.51
N PRO A 93 -1.07 2.66 -9.52
CA PRO A 93 -0.99 1.86 -10.77
C PRO A 93 -2.38 1.58 -11.34
N GLU A 94 -2.45 1.41 -12.66
CA GLU A 94 -3.73 1.12 -13.33
C GLU A 94 -3.60 -0.15 -14.15
N ILE A 95 -4.48 -1.12 -13.87
CA ILE A 95 -4.47 -2.40 -14.57
C ILE A 95 -5.38 -2.35 -15.80
N ASP A 96 -4.80 -2.57 -16.97
CA ASP A 96 -5.51 -2.55 -18.23
C ASP A 96 -4.60 -3.14 -19.34
N ALA A 97 -4.72 -2.67 -20.61
CA ALA A 97 -3.88 -3.17 -21.69
C ALA A 97 -2.40 -2.93 -21.34
N ALA A 98 -2.13 -1.76 -20.72
CA ALA A 98 -0.79 -1.41 -20.27
C ALA A 98 -0.87 -0.73 -18.91
N VAL A 99 0.10 -1.01 -18.04
CA VAL A 99 0.13 -0.41 -16.69
C VAL A 99 0.35 1.10 -16.81
N LYS A 100 -0.51 1.87 -16.14
CA LYS A 100 -0.44 3.33 -16.18
C LYS A 100 -0.49 3.94 -14.78
N THR A 101 0.10 5.13 -14.64
CA THR A 101 0.12 5.83 -13.34
C THR A 101 -0.80 7.04 -13.35
N ALA A 102 -1.58 7.19 -12.27
CA ALA A 102 -2.51 8.31 -12.13
C ALA A 102 -2.61 8.75 -10.67
N LEU A 103 -2.65 10.07 -10.46
CA LEU A 103 -2.74 10.64 -9.12
C LEU A 103 -4.15 10.49 -8.55
N GLN A 104 -4.22 10.19 -7.25
CA GLN A 104 -5.50 10.06 -6.55
C GLN A 104 -5.64 11.17 -5.51
N ASP A 105 -6.86 11.68 -5.35
CA ASP A 105 -7.14 12.77 -4.41
C ASP A 105 -7.66 12.23 -3.10
N VAL A 106 -6.91 12.47 -2.00
CA VAL A 106 -7.34 11.98 -0.70
C VAL A 106 -8.64 12.68 -0.28
N GLU A 107 -9.72 11.91 -0.17
CA GLU A 107 -11.00 12.46 0.27
C GLU A 107 -10.91 12.82 1.75
N SER A 108 -10.29 11.93 2.54
CA SER A 108 -10.08 12.13 3.97
C SER A 108 -9.37 10.94 4.58
N ILE A 109 -8.93 11.09 5.83
CA ILE A 109 -8.30 9.99 6.58
C ILE A 109 -9.14 9.72 7.83
N GLU A 110 -9.56 8.47 8.02
CA GLU A 110 -10.43 8.12 9.17
C GLU A 110 -9.83 7.02 10.02
N LYS A 111 -9.49 7.37 11.26
CA LYS A 111 -8.90 6.40 12.19
C LYS A 111 -9.87 5.27 12.53
N LEU A 112 -9.42 4.05 12.26
CA LEU A 112 -10.21 2.85 12.56
C LEU A 112 -9.79 2.24 13.92
N GLY A 113 -8.58 2.61 14.39
CA GLY A 113 -8.05 2.13 15.65
C GLY A 113 -7.40 0.77 15.51
N VAL A 114 -7.23 0.08 16.64
CA VAL A 114 -6.59 -1.23 16.65
C VAL A 114 -7.40 -2.25 15.88
N ASN A 115 -6.68 -3.10 15.16
CA ASN A 115 -7.29 -4.11 14.31
C ASN A 115 -6.31 -5.26 14.07
N HIS A 116 -6.78 -6.29 13.38
CA HIS A 116 -5.93 -7.44 13.04
C HIS A 116 -5.21 -7.14 11.75
N VAL A 117 -3.92 -6.79 11.85
CA VAL A 117 -3.12 -6.39 10.69
C VAL A 117 -2.19 -7.48 10.20
N TYR A 118 -1.99 -7.52 8.88
CA TYR A 118 -1.09 -8.46 8.24
C TYR A 118 -0.33 -7.72 7.15
N ASP A 119 0.92 -8.13 6.88
CA ASP A 119 1.73 -7.49 5.85
C ASP A 119 2.94 -8.34 5.46
N ILE A 120 3.57 -8.01 4.31
CA ILE A 120 4.75 -8.76 3.84
C ILE A 120 5.93 -7.81 3.55
N GLU A 121 7.11 -8.40 3.37
CA GLU A 121 8.31 -7.65 3.04
C GLU A 121 8.76 -7.96 1.62
N VAL A 122 9.49 -7.04 0.98
CA VAL A 122 9.94 -7.24 -0.41
C VAL A 122 11.47 -7.26 -0.50
N GLU A 123 11.97 -7.95 -1.53
CA GLU A 123 13.41 -8.19 -1.70
C GLU A 123 14.27 -6.94 -1.93
N HIS A 124 13.82 -5.98 -2.78
CA HIS A 124 14.71 -4.85 -3.19
C HIS A 124 14.25 -3.45 -2.74
N ASN A 125 13.08 -2.99 -3.23
CA ASN A 125 12.62 -1.63 -2.94
C ASN A 125 12.13 -1.43 -1.49
N HIS A 126 11.86 -2.55 -0.79
CA HIS A 126 11.38 -2.49 0.60
C HIS A 126 10.05 -1.70 0.71
N ASN A 127 9.27 -1.72 -0.38
CA ASN A 127 7.98 -1.03 -0.41
C ASN A 127 6.95 -1.87 -1.16
N PHE A 128 5.66 -1.60 -0.91
CA PHE A 128 4.59 -2.33 -1.57
C PHE A 128 3.37 -1.42 -1.77
N VAL A 129 2.47 -1.84 -2.67
CA VAL A 129 1.26 -1.06 -2.96
C VAL A 129 0.03 -1.79 -2.40
N ALA A 130 -0.69 -1.11 -1.50
CA ALA A 130 -1.88 -1.68 -0.89
C ALA A 130 -3.13 -1.04 -1.48
N ASN A 131 -3.96 -1.87 -2.13
CA ASN A 131 -5.20 -1.42 -2.74
C ASN A 131 -4.96 -0.19 -3.66
N GLY A 132 -3.83 -0.19 -4.37
CA GLY A 132 -3.51 0.89 -5.32
C GLY A 132 -2.72 2.06 -4.68
N LEU A 133 -2.57 2.03 -3.34
CA LEU A 133 -1.85 3.09 -2.62
C LEU A 133 -0.45 2.61 -2.21
N LEU A 134 0.59 3.35 -2.64
CA LEU A 134 1.97 3.00 -2.32
C LEU A 134 2.30 3.28 -0.85
N VAL A 135 2.65 2.20 -0.13
CA VAL A 135 2.96 2.27 1.29
C VAL A 135 4.40 1.76 1.55
N HIS A 136 5.17 2.52 2.32
CA HIS A 136 6.55 2.14 2.66
C HIS A 136 6.57 0.96 3.62
N ASN A 137 7.54 0.06 3.44
CA ASN A 137 7.69 -1.12 4.31
C ASN A 137 9.00 -1.04 5.09
N GLU A 1 3.23 0.40 6.92
CA GLU A 1 4.04 -0.70 7.54
C GLU A 1 3.14 -1.91 7.84
N ALA A 2 1.90 -1.64 8.25
CA ALA A 2 0.94 -2.69 8.57
C ALA A 2 -0.43 -2.42 7.95
N LEU A 3 -1.07 -3.47 7.43
CA LEU A 3 -2.40 -3.34 6.82
C LEU A 3 -3.40 -4.16 7.60
N THR A 4 -4.65 -3.68 7.71
CA THR A 4 -5.68 -4.41 8.44
C THR A 4 -6.00 -5.72 7.69
N GLY A 5 -6.55 -6.70 8.41
CA GLY A 5 -6.84 -8.02 7.82
C GLY A 5 -7.79 -7.90 6.63
N ASP A 6 -8.79 -7.03 6.76
CA ASP A 6 -9.76 -6.82 5.66
C ASP A 6 -9.10 -6.11 4.47
N ALA A 7 -8.01 -5.37 4.72
CA ALA A 7 -7.30 -4.64 3.66
C ALA A 7 -6.74 -5.59 2.62
N LEU A 8 -6.60 -5.08 1.39
CA LEU A 8 -6.07 -5.88 0.27
C LEU A 8 -4.86 -5.21 -0.37
N ILE A 9 -3.93 -6.04 -0.86
CA ILE A 9 -2.70 -5.57 -1.49
C ILE A 9 -2.57 -6.15 -2.90
N LEU A 10 -2.13 -5.31 -3.84
CA LEU A 10 -1.91 -5.75 -5.21
C LEU A 10 -0.85 -6.84 -5.25
N SER A 11 -1.08 -7.90 -6.03
CA SER A 11 -0.14 -9.01 -6.12
C SER A 11 0.03 -9.48 -7.56
N ASP A 12 0.78 -10.59 -7.73
CA ASP A 12 1.11 -11.11 -9.04
C ASP A 12 -0.12 -11.19 -9.96
N ARG A 13 -1.27 -11.62 -9.39
CA ARG A 13 -2.51 -11.74 -10.20
C ARG A 13 -3.41 -10.50 -10.12
N GLY A 14 -3.19 -9.64 -9.10
CA GLY A 14 -4.01 -8.41 -8.96
C GLY A 14 -4.40 -8.15 -7.50
N TRP A 15 -5.46 -7.35 -7.32
CA TRP A 15 -5.95 -7.01 -5.98
C TRP A 15 -6.35 -8.28 -5.22
N LEU A 16 -5.68 -8.52 -4.09
CA LEU A 16 -5.98 -9.69 -3.26
C LEU A 16 -5.87 -9.32 -1.78
N ARG A 17 -6.55 -10.09 -0.92
CA ARG A 17 -6.50 -9.85 0.52
C ARG A 17 -5.07 -9.97 1.04
N ILE A 18 -4.76 -9.14 2.02
CA ILE A 18 -3.42 -9.04 2.61
C ILE A 18 -2.86 -10.40 3.07
N ASP A 19 -3.73 -11.32 3.48
CA ASP A 19 -3.28 -12.62 4.02
C ASP A 19 -3.56 -13.79 3.06
N ASP A 20 -3.76 -13.50 1.77
CA ASP A 20 -4.02 -14.55 0.77
C ASP A 20 -2.73 -15.13 0.14
N PRO A 21 -2.78 -16.36 -0.45
CA PRO A 21 -1.56 -17.03 -1.03
C PRO A 21 -0.76 -16.09 -1.93
N THR A 22 -1.46 -15.18 -2.61
CA THR A 22 -0.82 -14.17 -3.47
C THR A 22 0.39 -13.54 -2.76
N LEU A 23 0.13 -12.90 -1.62
CA LEU A 23 1.19 -12.29 -0.81
C LEU A 23 2.15 -13.35 -0.24
N GLN A 24 1.59 -14.50 0.14
CA GLN A 24 2.35 -15.55 0.83
C GLN A 24 3.49 -16.12 -0.02
N GLU A 25 3.22 -16.36 -1.34
CA GLU A 25 4.22 -17.02 -2.20
C GLU A 25 4.41 -16.34 -3.56
N CYS A 26 3.67 -15.24 -3.83
CA CYS A 26 3.80 -14.54 -5.12
C CYS A 26 4.26 -13.11 -4.93
N ARG A 27 4.88 -12.56 -5.98
CA ARG A 27 5.42 -11.20 -5.93
C ARG A 27 4.32 -10.17 -5.77
N VAL A 28 4.69 -9.01 -5.19
CA VAL A 28 3.72 -7.92 -4.96
C VAL A 28 4.13 -6.64 -5.69
N LEU A 29 3.12 -5.80 -5.97
CA LEU A 29 3.32 -4.56 -6.73
C LEU A 29 4.03 -3.50 -5.88
N SER A 30 4.96 -2.77 -6.52
CA SER A 30 5.72 -1.71 -5.87
C SER A 30 6.21 -0.70 -6.91
N TYR A 31 6.80 0.43 -6.45
CA TYR A 31 7.32 1.44 -7.38
C TYR A 31 8.82 1.49 -7.24
N ASN A 32 9.53 0.81 -8.15
CA ASN A 32 10.97 0.72 -8.03
C ASN A 32 11.64 2.01 -8.39
N GLU A 33 12.13 2.71 -7.38
CA GLU A 33 12.89 3.94 -7.59
C GLU A 33 14.16 3.66 -8.42
N SER A 34 14.63 2.39 -8.36
CA SER A 34 15.83 1.97 -9.08
C SER A 34 15.64 2.14 -10.59
N THR A 35 14.47 1.73 -11.10
CA THR A 35 14.18 1.84 -12.54
C THR A 35 13.11 2.92 -12.85
N GLN A 36 12.54 3.52 -11.80
CA GLN A 36 11.51 4.57 -11.96
C GLN A 36 10.28 4.05 -12.73
N GLN A 37 9.83 2.84 -12.36
CA GLN A 37 8.63 2.25 -13.00
C GLN A 37 7.97 1.21 -12.09
N TRP A 38 6.73 0.83 -12.46
CA TRP A 38 5.96 -0.16 -11.71
C TRP A 38 6.50 -1.55 -12.00
N GLU A 39 6.69 -2.35 -10.95
CA GLU A 39 7.17 -3.72 -11.10
C GLU A 39 6.83 -4.57 -9.89
N TRP A 40 6.97 -5.89 -10.02
CA TRP A 40 6.69 -6.83 -8.93
C TRP A 40 7.97 -7.40 -8.33
N GLN A 41 7.97 -7.51 -7.01
CA GLN A 41 9.11 -8.04 -6.26
C GLN A 41 8.66 -9.21 -5.39
N GLN A 42 9.60 -10.09 -5.05
CA GLN A 42 9.28 -11.29 -4.26
C GLN A 42 8.97 -10.95 -2.81
N VAL A 43 7.89 -11.57 -2.31
CA VAL A 43 7.48 -11.40 -0.92
C VAL A 43 8.45 -12.14 -0.01
N LEU A 44 9.32 -11.38 0.64
CA LEU A 44 10.35 -11.96 1.49
C LEU A 44 9.76 -12.79 2.62
N ARG A 45 8.75 -12.22 3.29
CA ARG A 45 8.14 -12.90 4.44
C ARG A 45 6.82 -12.24 4.87
N TRP A 46 5.95 -13.05 5.47
CA TRP A 46 4.64 -12.57 5.94
C TRP A 46 4.73 -12.25 7.44
N LEU A 47 4.51 -10.97 7.77
CA LEU A 47 4.59 -10.49 9.15
C LEU A 47 3.21 -10.18 9.72
N ASP A 48 2.88 -10.84 10.83
CA ASP A 48 1.62 -10.61 11.52
C ASP A 48 1.80 -9.54 12.62
N GLN A 49 1.26 -8.35 12.38
CA GLN A 49 1.36 -7.22 13.32
C GLN A 49 0.37 -7.33 14.50
N GLY A 50 -0.46 -8.39 14.51
CA GLY A 50 -1.42 -8.62 15.58
C GLY A 50 -2.42 -7.47 15.68
N VAL A 51 -2.62 -6.96 16.89
CA VAL A 51 -3.57 -5.85 17.11
C VAL A 51 -2.85 -4.50 17.15
N ARG A 52 -3.16 -3.64 16.18
CA ARG A 52 -2.55 -2.30 16.09
C ARG A 52 -3.57 -1.24 15.69
N GLU A 53 -3.30 -0.01 16.13
CA GLU A 53 -4.15 1.14 15.79
C GLU A 53 -3.98 1.46 14.31
N THR A 54 -5.09 1.83 13.60
CA THR A 54 -4.97 2.12 12.15
C THR A 54 -5.84 3.31 11.69
N TRP A 55 -5.37 3.96 10.62
CA TRP A 55 -6.07 5.11 10.02
C TRP A 55 -6.47 4.77 8.58
N LYS A 56 -7.75 5.01 8.26
CA LYS A 56 -8.28 4.73 6.91
C LYS A 56 -8.11 5.94 6.00
N ILE A 57 -7.04 5.93 5.25
CA ILE A 57 -6.76 6.99 4.28
C ILE A 57 -7.57 6.72 3.03
N LYS A 58 -8.65 7.46 2.89
CA LYS A 58 -9.58 7.32 1.79
C LYS A 58 -9.15 8.17 0.59
N THR A 59 -9.14 7.56 -0.59
CA THR A 59 -8.77 8.25 -1.83
C THR A 59 -9.85 8.06 -2.88
N PHE A 60 -9.81 8.90 -3.92
CA PHE A 60 -10.80 8.87 -4.98
C PHE A 60 -10.84 7.49 -5.67
N GLN A 61 -9.67 6.94 -5.97
CA GLN A 61 -9.58 5.67 -6.69
C GLN A 61 -9.60 4.47 -5.74
N THR A 62 -9.13 4.65 -4.51
CA THR A 62 -9.07 3.54 -3.54
C THR A 62 -9.21 4.02 -2.08
N GLU A 63 -9.10 3.08 -1.14
CA GLU A 63 -9.14 3.36 0.29
C GLU A 63 -8.40 2.25 1.04
N ILE A 64 -7.68 2.60 2.11
CA ILE A 64 -6.87 1.61 2.84
C ILE A 64 -6.61 2.04 4.29
N LYS A 65 -6.65 1.06 5.21
CA LYS A 65 -6.39 1.33 6.64
C LYS A 65 -5.06 0.71 7.07
N CYS A 66 -4.14 1.58 7.51
CA CYS A 66 -2.80 1.17 7.93
C CYS A 66 -2.28 2.09 9.02
N THR A 67 -1.09 1.79 9.56
CA THR A 67 -0.50 2.63 10.62
C THR A 67 -0.56 4.11 10.22
N GLY A 68 -0.80 4.98 11.21
CA GLY A 68 -0.97 6.41 10.97
C GLY A 68 0.35 7.20 11.12
N ASN A 69 1.47 6.49 11.36
CA ASN A 69 2.77 7.18 11.56
C ASN A 69 3.78 6.85 10.45
N HIS A 70 3.56 5.74 9.73
CA HIS A 70 4.49 5.32 8.66
C HIS A 70 4.30 6.20 7.41
N LEU A 71 5.40 6.47 6.70
CA LEU A 71 5.37 7.33 5.50
C LEU A 71 4.70 6.62 4.32
N ILE A 72 3.93 7.39 3.55
CA ILE A 72 3.21 6.88 2.37
C ILE A 72 3.58 7.74 1.14
N ARG A 73 3.92 7.08 0.01
CA ARG A 73 4.32 7.83 -1.19
C ARG A 73 3.23 8.82 -1.60
N THR A 74 3.66 10.06 -1.87
CA THR A 74 2.74 11.12 -2.32
C THR A 74 3.40 11.95 -3.42
N ASP A 75 2.65 12.91 -3.97
CA ASP A 75 3.20 13.79 -5.00
C ASP A 75 4.45 14.53 -4.47
N LYS A 76 4.52 14.70 -3.15
CA LYS A 76 5.68 15.33 -2.50
C LYS A 76 6.64 14.26 -1.93
N GLY A 77 6.60 13.03 -2.49
CA GLY A 77 7.45 11.92 -2.04
C GLY A 77 6.84 11.25 -0.81
N TRP A 78 7.62 10.38 -0.16
CA TRP A 78 7.16 9.67 1.04
C TRP A 78 7.00 10.64 2.21
N ILE A 79 5.78 10.72 2.75
CA ILE A 79 5.43 11.64 3.84
C ILE A 79 4.65 10.91 4.94
N LYS A 80 4.90 11.30 6.19
CA LYS A 80 4.24 10.69 7.35
C LYS A 80 2.72 10.55 7.14
N ALA A 81 2.18 9.38 7.51
CA ALA A 81 0.75 9.09 7.35
C ALA A 81 -0.12 10.09 8.11
N ALA A 82 0.33 10.41 9.32
CA ALA A 82 -0.37 11.38 10.17
C ALA A 82 -0.42 12.76 9.48
N ASN A 83 0.66 13.07 8.76
CA ASN A 83 0.79 14.36 8.06
C ASN A 83 -0.14 14.42 6.84
N ILE A 84 -0.42 13.24 6.23
CA ILE A 84 -1.26 13.19 5.03
C ILE A 84 -2.60 13.91 5.24
N THR A 85 -2.98 14.71 4.25
CA THR A 85 -4.23 15.46 4.27
C THR A 85 -5.00 15.21 2.96
N PRO A 86 -6.32 15.49 2.90
CA PRO A 86 -7.14 15.23 1.68
C PRO A 86 -6.51 15.78 0.39
N LYS A 87 -5.90 16.97 0.47
CA LYS A 87 -5.27 17.59 -0.72
C LYS A 87 -4.14 16.69 -1.27
N MET A 88 -3.53 15.91 -0.38
CA MET A 88 -2.41 15.05 -0.72
C MET A 88 -2.84 14.02 -1.77
N LYS A 89 -1.97 13.82 -2.78
CA LYS A 89 -2.27 12.89 -3.86
C LYS A 89 -1.18 11.82 -3.97
N ILE A 90 -1.59 10.58 -4.27
CA ILE A 90 -0.65 9.45 -4.38
C ILE A 90 -0.75 8.76 -5.75
N LEU A 91 0.40 8.55 -6.38
CA LEU A 91 0.46 7.86 -7.68
C LEU A 91 0.11 6.38 -7.52
N SER A 92 -0.79 5.91 -8.38
CA SER A 92 -1.27 4.52 -8.33
C SER A 92 -1.20 3.85 -9.72
N PRO A 93 -1.00 2.51 -9.80
CA PRO A 93 -0.96 1.79 -11.10
C PRO A 93 -2.36 1.65 -11.72
N GLU A 94 -2.42 1.65 -13.05
CA GLU A 94 -3.69 1.50 -13.78
C GLU A 94 -3.62 0.30 -14.70
N ILE A 95 -4.59 -0.59 -14.57
CA ILE A 95 -4.64 -1.81 -15.39
C ILE A 95 -5.48 -1.59 -16.66
N ASP A 96 -4.84 -1.79 -17.80
CA ASP A 96 -5.46 -1.61 -19.10
C ASP A 96 -4.60 -2.36 -20.16
N ALA A 97 -4.49 -1.83 -21.40
CA ALA A 97 -3.65 -2.47 -22.41
C ALA A 97 -2.20 -2.54 -21.90
N ALA A 98 -1.79 -1.48 -21.20
CA ALA A 98 -0.46 -1.42 -20.59
C ALA A 98 -0.54 -0.70 -19.26
N VAL A 99 0.29 -1.12 -18.29
CA VAL A 99 0.29 -0.50 -16.96
C VAL A 99 0.64 0.98 -17.03
N LYS A 100 -0.13 1.80 -16.31
CA LYS A 100 0.07 3.26 -16.32
C LYS A 100 0.05 3.86 -14.91
N THR A 101 0.61 5.06 -14.77
CA THR A 101 0.67 5.74 -13.47
C THR A 101 -0.29 6.96 -13.44
N ALA A 102 -1.05 7.08 -12.35
CA ALA A 102 -1.99 8.19 -12.19
C ALA A 102 -2.20 8.53 -10.71
N LEU A 103 -2.21 9.83 -10.42
CA LEU A 103 -2.40 10.32 -9.05
C LEU A 103 -3.84 10.13 -8.57
N GLN A 104 -4.01 9.85 -7.27
CA GLN A 104 -5.33 9.71 -6.66
C GLN A 104 -5.51 10.82 -5.62
N ASP A 105 -6.77 11.26 -5.43
CA ASP A 105 -7.06 12.36 -4.51
C ASP A 105 -7.57 11.86 -3.17
N VAL A 106 -6.80 12.12 -2.11
CA VAL A 106 -7.20 11.72 -0.76
C VAL A 106 -8.51 12.44 -0.41
N GLU A 107 -9.60 11.66 -0.27
CA GLU A 107 -10.89 12.25 0.11
C GLU A 107 -10.83 12.68 1.58
N SER A 108 -10.27 11.80 2.41
CA SER A 108 -10.11 12.05 3.85
C SER A 108 -9.45 10.86 4.53
N ILE A 109 -9.13 11.03 5.81
CA ILE A 109 -8.54 9.95 6.63
C ILE A 109 -9.48 9.69 7.81
N GLU A 110 -9.86 8.41 8.01
CA GLU A 110 -10.82 8.07 9.09
C GLU A 110 -10.24 7.06 10.06
N LYS A 111 -10.23 7.41 11.35
CA LYS A 111 -9.71 6.53 12.38
C LYS A 111 -10.54 5.26 12.52
N LEU A 112 -9.85 4.12 12.56
CA LEU A 112 -10.50 2.81 12.76
C LEU A 112 -10.07 2.21 14.11
N GLY A 113 -8.88 2.61 14.58
CA GLY A 113 -8.35 2.17 15.86
C GLY A 113 -7.72 0.80 15.79
N VAL A 114 -7.70 0.11 16.94
CA VAL A 114 -7.07 -1.20 17.06
C VAL A 114 -7.79 -2.24 16.17
N ASN A 115 -7.02 -2.85 15.29
CA ASN A 115 -7.51 -3.89 14.37
C ASN A 115 -6.44 -4.95 14.15
N HIS A 116 -6.85 -6.08 13.58
CA HIS A 116 -5.91 -7.13 13.22
C HIS A 116 -5.13 -6.68 12.00
N VAL A 117 -3.81 -6.73 12.06
CA VAL A 117 -2.94 -6.24 10.97
C VAL A 117 -1.90 -7.26 10.54
N TYR A 118 -1.68 -7.32 9.23
CA TYR A 118 -0.67 -8.20 8.65
C TYR A 118 -0.03 -7.46 7.45
N ASP A 119 1.23 -7.79 7.15
CA ASP A 119 1.96 -7.14 6.05
C ASP A 119 3.21 -7.93 5.67
N ILE A 120 3.72 -7.72 4.44
CA ILE A 120 4.93 -8.46 3.97
C ILE A 120 6.03 -7.51 3.50
N GLU A 121 7.23 -8.07 3.36
CA GLU A 121 8.40 -7.32 2.92
C GLU A 121 8.79 -7.73 1.50
N VAL A 122 9.46 -6.82 0.79
CA VAL A 122 9.91 -7.11 -0.59
C VAL A 122 11.44 -7.17 -0.65
N GLU A 123 11.91 -8.04 -1.54
CA GLU A 123 13.35 -8.35 -1.66
C GLU A 123 14.24 -7.24 -2.28
N HIS A 124 13.69 -6.35 -3.14
CA HIS A 124 14.56 -5.33 -3.80
C HIS A 124 14.15 -3.86 -3.52
N ASN A 125 12.94 -3.48 -3.96
CA ASN A 125 12.47 -2.09 -3.84
C ASN A 125 12.26 -1.64 -2.39
N HIS A 126 11.99 -2.58 -1.51
CA HIS A 126 11.75 -2.28 -0.07
C HIS A 126 10.44 -1.52 0.19
N ASN A 127 9.47 -1.66 -0.74
CA ASN A 127 8.14 -1.07 -0.55
C ASN A 127 7.10 -1.82 -1.38
N PHE A 128 5.82 -1.49 -1.18
CA PHE A 128 4.73 -2.18 -1.89
C PHE A 128 3.48 -1.29 -1.99
N VAL A 129 2.53 -1.71 -2.84
CA VAL A 129 1.28 -0.98 -3.04
C VAL A 129 0.13 -1.77 -2.39
N ALA A 130 -0.53 -1.15 -1.41
CA ALA A 130 -1.67 -1.75 -0.74
C ALA A 130 -2.97 -1.09 -1.18
N ASN A 131 -3.84 -1.88 -1.80
CA ASN A 131 -5.13 -1.39 -2.30
C ASN A 131 -4.93 -0.16 -3.19
N GLY A 132 -3.89 -0.21 -4.02
CA GLY A 132 -3.58 0.88 -4.97
C GLY A 132 -2.83 2.06 -4.31
N LEU A 133 -2.54 1.95 -3.00
CA LEU A 133 -1.81 3.01 -2.29
C LEU A 133 -0.37 2.58 -1.98
N LEU A 134 0.61 3.30 -2.53
CA LEU A 134 2.03 2.99 -2.33
C LEU A 134 2.47 3.36 -0.91
N VAL A 135 3.07 2.37 -0.23
CA VAL A 135 3.57 2.57 1.13
C VAL A 135 5.00 2.08 1.28
N HIS A 136 5.78 2.81 2.08
CA HIS A 136 7.15 2.45 2.40
C HIS A 136 7.18 1.24 3.34
N ASN A 137 8.18 0.37 3.18
CA ASN A 137 8.32 -0.81 4.03
C ASN A 137 9.71 -1.46 3.86
N GLU A 1 3.52 0.33 6.92
CA GLU A 1 4.23 -0.66 7.80
C GLU A 1 3.32 -1.84 8.10
N ALA A 2 2.03 -1.56 8.30
CA ALA A 2 1.06 -2.61 8.62
C ALA A 2 -0.30 -2.32 7.98
N LEU A 3 -0.97 -3.39 7.53
CA LEU A 3 -2.29 -3.28 6.91
C LEU A 3 -3.30 -4.08 7.71
N THR A 4 -4.53 -3.56 7.84
CA THR A 4 -5.58 -4.28 8.60
C THR A 4 -5.95 -5.58 7.90
N GLY A 5 -6.53 -6.53 8.67
CA GLY A 5 -6.87 -7.86 8.13
C GLY A 5 -7.78 -7.77 6.92
N ASP A 6 -8.76 -6.86 6.97
CA ASP A 6 -9.69 -6.67 5.86
C ASP A 6 -9.01 -6.00 4.65
N ALA A 7 -7.92 -5.26 4.91
CA ALA A 7 -7.18 -4.57 3.84
C ALA A 7 -6.63 -5.55 2.83
N LEU A 8 -6.42 -5.07 1.59
CA LEU A 8 -5.93 -5.92 0.50
C LEU A 8 -4.74 -5.29 -0.21
N ILE A 9 -3.83 -6.16 -0.69
CA ILE A 9 -2.61 -5.73 -1.38
C ILE A 9 -2.53 -6.37 -2.77
N LEU A 10 -2.01 -5.60 -3.72
CA LEU A 10 -1.82 -6.06 -5.08
C LEU A 10 -0.78 -7.17 -5.10
N SER A 11 -1.07 -8.23 -5.86
CA SER A 11 -0.17 -9.36 -6.00
C SER A 11 -0.03 -9.74 -7.47
N ASP A 12 0.69 -10.82 -7.74
CA ASP A 12 0.93 -11.25 -9.10
C ASP A 12 -0.40 -11.49 -9.83
N ARG A 13 -1.35 -12.11 -9.13
CA ARG A 13 -2.68 -12.36 -9.69
C ARG A 13 -3.50 -11.06 -9.80
N GLY A 14 -3.29 -10.16 -8.81
CA GLY A 14 -4.04 -8.88 -8.76
C GLY A 14 -4.46 -8.52 -7.33
N TRP A 15 -5.52 -7.72 -7.21
CA TRP A 15 -6.02 -7.27 -5.89
C TRP A 15 -6.52 -8.45 -5.05
N LEU A 16 -5.83 -8.72 -3.94
CA LEU A 16 -6.25 -9.77 -3.00
C LEU A 16 -6.00 -9.34 -1.55
N ARG A 17 -6.79 -9.89 -0.62
CA ARG A 17 -6.68 -9.54 0.81
C ARG A 17 -5.25 -9.73 1.31
N ILE A 18 -4.82 -8.80 2.16
CA ILE A 18 -3.46 -8.75 2.69
C ILE A 18 -2.94 -10.12 3.18
N ASP A 19 -3.85 -11.07 3.46
CA ASP A 19 -3.44 -12.40 3.94
C ASP A 19 -3.67 -13.51 2.88
N ASP A 20 -3.68 -13.11 1.59
CA ASP A 20 -3.86 -14.07 0.51
C ASP A 20 -2.52 -14.79 0.14
N PRO A 21 -2.57 -16.01 -0.41
CA PRO A 21 -1.33 -16.75 -0.82
C PRO A 21 -0.60 -16.09 -2.00
N THR A 22 -1.31 -15.20 -2.72
CA THR A 22 -0.72 -14.52 -3.88
C THR A 22 0.38 -13.55 -3.43
N LEU A 23 0.13 -12.79 -2.35
CA LEU A 23 1.16 -11.89 -1.81
C LEU A 23 2.06 -12.61 -0.78
N GLN A 24 1.61 -13.80 -0.32
CA GLN A 24 2.37 -14.59 0.65
C GLN A 24 3.42 -15.48 -0.07
N GLU A 25 3.09 -15.97 -1.28
CA GLU A 25 3.98 -16.87 -2.01
C GLU A 25 4.37 -16.38 -3.42
N CYS A 26 3.68 -15.33 -3.93
CA CYS A 26 3.97 -14.80 -5.27
C CYS A 26 4.31 -13.31 -5.20
N ARG A 27 4.87 -12.81 -6.29
CA ARG A 27 5.36 -11.42 -6.35
C ARG A 27 4.24 -10.41 -6.17
N VAL A 28 4.62 -9.22 -5.66
CA VAL A 28 3.66 -8.11 -5.48
C VAL A 28 4.18 -6.83 -6.12
N LEU A 29 3.25 -5.91 -6.43
CA LEU A 29 3.60 -4.67 -7.12
C LEU A 29 4.28 -3.67 -6.20
N SER A 30 5.24 -2.94 -6.76
CA SER A 30 5.99 -1.90 -6.04
C SER A 30 6.49 -0.87 -7.03
N TYR A 31 6.94 0.28 -6.50
CA TYR A 31 7.47 1.34 -7.35
C TYR A 31 8.97 1.31 -7.26
N ASN A 32 9.62 0.90 -8.34
CA ASN A 32 11.06 0.82 -8.38
C ASN A 32 11.64 2.19 -8.60
N GLU A 33 12.06 2.82 -7.51
CA GLU A 33 12.66 4.16 -7.59
C GLU A 33 13.91 4.13 -8.47
N SER A 34 14.58 2.96 -8.52
CA SER A 34 15.78 2.77 -9.30
C SER A 34 15.53 3.00 -10.81
N THR A 35 14.43 2.45 -11.33
CA THR A 35 14.08 2.58 -12.77
C THR A 35 12.87 3.50 -13.02
N GLN A 36 12.27 4.01 -11.94
CA GLN A 36 11.10 4.89 -12.03
C GLN A 36 9.93 4.20 -12.79
N GLN A 37 9.81 2.88 -12.61
CA GLN A 37 8.75 2.09 -13.26
C GLN A 37 8.16 1.05 -12.32
N TRP A 38 6.93 0.60 -12.62
CA TRP A 38 6.26 -0.42 -11.80
C TRP A 38 6.86 -1.79 -12.11
N GLU A 39 7.14 -2.56 -11.04
CA GLU A 39 7.72 -3.90 -11.20
C GLU A 39 7.22 -4.85 -10.11
N TRP A 40 7.31 -6.16 -10.39
CA TRP A 40 6.93 -7.19 -9.42
C TRP A 40 8.16 -7.66 -8.64
N GLN A 41 8.07 -7.56 -7.31
CA GLN A 41 9.15 -8.00 -6.43
C GLN A 41 8.74 -9.25 -5.68
N GLN A 42 9.69 -9.92 -5.01
CA GLN A 42 9.42 -11.19 -4.35
C GLN A 42 9.02 -11.00 -2.90
N VAL A 43 7.81 -11.48 -2.55
CA VAL A 43 7.34 -11.44 -1.18
C VAL A 43 8.10 -12.47 -0.36
N LEU A 44 8.86 -12.00 0.63
CA LEU A 44 9.74 -12.89 1.40
C LEU A 44 9.23 -13.24 2.82
N ARG A 45 8.62 -12.28 3.54
CA ARG A 45 8.18 -12.56 4.92
C ARG A 45 6.86 -11.89 5.26
N TRP A 46 5.89 -12.70 5.72
CA TRP A 46 4.59 -12.18 6.15
C TRP A 46 4.53 -12.12 7.68
N LEU A 47 4.47 -10.89 8.21
CA LEU A 47 4.48 -10.67 9.67
C LEU A 47 3.10 -10.32 10.20
N ASP A 48 2.72 -10.97 11.30
CA ASP A 48 1.44 -10.69 11.96
C ASP A 48 1.63 -9.65 13.06
N GLN A 49 1.33 -8.38 12.73
CA GLN A 49 1.47 -7.28 13.69
C GLN A 49 0.53 -7.47 14.88
N GLY A 50 -0.70 -7.96 14.61
CA GLY A 50 -1.69 -8.18 15.67
C GLY A 50 -2.52 -6.93 15.92
N VAL A 51 -2.97 -6.77 17.18
CA VAL A 51 -3.78 -5.60 17.56
C VAL A 51 -2.95 -4.32 17.44
N ARG A 52 -3.40 -3.39 16.56
CA ARG A 52 -2.68 -2.13 16.35
C ARG A 52 -3.62 -1.05 15.78
N GLU A 53 -3.42 0.20 16.22
CA GLU A 53 -4.22 1.34 15.78
C GLU A 53 -3.96 1.64 14.30
N THR A 54 -5.02 2.02 13.54
CA THR A 54 -4.84 2.31 12.10
C THR A 54 -5.67 3.51 11.60
N TRP A 55 -5.11 4.21 10.60
CA TRP A 55 -5.75 5.34 9.96
C TRP A 55 -6.20 4.98 8.54
N LYS A 56 -7.46 5.28 8.22
CA LYS A 56 -8.03 4.95 6.90
C LYS A 56 -7.85 6.08 5.90
N ILE A 57 -6.78 5.98 5.13
CA ILE A 57 -6.52 6.92 4.04
C ILE A 57 -7.49 6.66 2.91
N LYS A 58 -8.48 7.55 2.82
CA LYS A 58 -9.52 7.44 1.81
C LYS A 58 -9.14 8.25 0.59
N THR A 59 -9.20 7.61 -0.60
CA THR A 59 -8.89 8.31 -1.86
C THR A 59 -9.97 8.05 -2.89
N PHE A 60 -10.01 8.87 -3.93
CA PHE A 60 -11.03 8.78 -4.97
C PHE A 60 -10.97 7.44 -5.70
N GLN A 61 -9.76 6.95 -5.95
CA GLN A 61 -9.59 5.69 -6.69
C GLN A 61 -9.58 4.47 -5.76
N THR A 62 -9.08 4.67 -4.52
CA THR A 62 -8.97 3.55 -3.57
C THR A 62 -9.08 4.02 -2.09
N GLU A 63 -8.93 3.06 -1.18
CA GLU A 63 -8.94 3.32 0.26
C GLU A 63 -8.13 2.22 0.96
N ILE A 64 -7.50 2.55 2.09
CA ILE A 64 -6.65 1.58 2.79
C ILE A 64 -6.33 2.05 4.20
N LYS A 65 -6.34 1.12 5.18
CA LYS A 65 -6.03 1.46 6.57
C LYS A 65 -4.69 0.85 6.99
N CYS A 66 -3.77 1.71 7.44
CA CYS A 66 -2.44 1.29 7.86
C CYS A 66 -1.92 2.19 8.97
N THR A 67 -0.75 1.85 9.51
CA THR A 67 -0.15 2.61 10.61
C THR A 67 -0.04 4.09 10.22
N GLY A 68 -0.64 4.95 11.05
CA GLY A 68 -0.66 6.39 10.81
C GLY A 68 0.75 7.00 10.85
N ASN A 69 1.57 6.53 11.79
CA ASN A 69 2.91 7.09 11.98
C ASN A 69 3.88 6.74 10.86
N HIS A 70 3.56 5.69 10.06
CA HIS A 70 4.43 5.28 8.96
C HIS A 70 4.18 6.12 7.70
N LEU A 71 5.25 6.39 6.95
CA LEU A 71 5.17 7.20 5.74
C LEU A 71 4.71 6.39 4.53
N ILE A 72 3.92 7.04 3.68
CA ILE A 72 3.44 6.44 2.43
C ILE A 72 3.76 7.38 1.27
N ARG A 73 3.87 6.83 0.04
CA ARG A 73 4.24 7.66 -1.11
C ARG A 73 3.18 8.71 -1.44
N THR A 74 3.66 9.93 -1.67
CA THR A 74 2.83 11.06 -2.07
C THR A 74 3.49 11.75 -3.26
N ASP A 75 2.77 12.68 -3.93
CA ASP A 75 3.33 13.33 -5.10
C ASP A 75 4.65 14.02 -4.74
N LYS A 76 4.70 14.63 -3.55
CA LYS A 76 5.94 15.26 -3.06
C LYS A 76 6.95 14.21 -2.56
N GLY A 77 6.48 12.97 -2.33
CA GLY A 77 7.35 11.88 -1.84
C GLY A 77 6.75 11.22 -0.60
N TRP A 78 7.55 10.38 0.09
CA TRP A 78 7.08 9.68 1.30
C TRP A 78 6.66 10.70 2.37
N ILE A 79 5.44 10.54 2.88
CA ILE A 79 4.90 11.44 3.92
C ILE A 79 4.16 10.61 4.99
N LYS A 80 4.33 10.99 6.26
CA LYS A 80 3.65 10.31 7.37
C LYS A 80 2.15 10.28 7.13
N ALA A 81 1.52 9.11 7.37
CA ALA A 81 0.08 8.94 7.13
C ALA A 81 -0.73 9.93 7.95
N ALA A 82 -0.31 10.14 9.20
CA ALA A 82 -0.94 11.12 10.07
C ALA A 82 -0.85 12.52 9.45
N ASN A 83 0.29 12.77 8.79
CA ASN A 83 0.55 14.05 8.14
C ASN A 83 -0.31 14.22 6.87
N ILE A 84 -0.63 13.09 6.20
CA ILE A 84 -1.44 13.14 4.97
C ILE A 84 -2.77 13.85 5.24
N THR A 85 -3.15 14.70 4.31
CA THR A 85 -4.41 15.45 4.40
C THR A 85 -5.21 15.23 3.09
N PRO A 86 -6.52 15.53 3.07
CA PRO A 86 -7.35 15.30 1.84
C PRO A 86 -6.69 15.89 0.57
N LYS A 87 -5.97 16.99 0.76
CA LYS A 87 -5.29 17.67 -0.35
C LYS A 87 -4.26 16.75 -1.01
N MET A 88 -3.55 15.96 -0.19
CA MET A 88 -2.48 15.09 -0.70
C MET A 88 -2.96 14.19 -1.85
N LYS A 89 -2.06 13.99 -2.81
CA LYS A 89 -2.32 13.15 -3.97
C LYS A 89 -1.23 12.08 -4.08
N ILE A 90 -1.66 10.85 -4.40
CA ILE A 90 -0.73 9.71 -4.52
C ILE A 90 -0.88 9.03 -5.89
N LEU A 91 0.27 8.83 -6.56
CA LEU A 91 0.27 8.15 -7.86
C LEU A 91 0.02 6.66 -7.70
N SER A 92 -0.89 6.14 -8.52
CA SER A 92 -1.28 4.73 -8.47
C SER A 92 -1.21 4.07 -9.86
N PRO A 93 -0.97 2.74 -9.95
CA PRO A 93 -0.91 2.02 -11.27
C PRO A 93 -2.29 1.90 -11.92
N GLU A 94 -2.30 1.84 -13.25
CA GLU A 94 -3.54 1.70 -14.01
C GLU A 94 -3.46 0.46 -14.88
N ILE A 95 -4.54 -0.33 -14.89
CA ILE A 95 -4.57 -1.58 -15.64
C ILE A 95 -5.11 -1.35 -17.06
N ASP A 96 -4.31 -1.79 -18.03
CA ASP A 96 -4.65 -1.66 -19.45
C ASP A 96 -3.64 -2.48 -20.28
N ALA A 97 -3.54 -2.20 -21.58
CA ALA A 97 -2.55 -2.90 -22.43
C ALA A 97 -1.15 -2.69 -21.85
N ALA A 98 -0.91 -1.46 -21.36
CA ALA A 98 0.33 -1.12 -20.69
C ALA A 98 0.02 -0.38 -19.40
N VAL A 99 0.71 -0.72 -18.32
CA VAL A 99 0.48 -0.10 -17.01
C VAL A 99 0.82 1.40 -17.08
N LYS A 100 -0.11 2.23 -16.60
CA LYS A 100 0.09 3.69 -16.63
C LYS A 100 -0.19 4.32 -15.26
N THR A 101 0.56 5.37 -14.93
CA THR A 101 0.40 6.05 -13.64
C THR A 101 -0.79 7.00 -13.66
N ALA A 102 -1.38 7.20 -12.48
CA ALA A 102 -2.51 8.12 -12.32
C ALA A 102 -2.63 8.55 -10.87
N LEU A 103 -2.74 9.85 -10.64
CA LEU A 103 -2.82 10.41 -9.29
C LEU A 103 -4.23 10.26 -8.71
N GLN A 104 -4.31 10.02 -7.39
CA GLN A 104 -5.59 9.87 -6.71
C GLN A 104 -5.74 10.97 -5.64
N ASP A 105 -6.98 11.42 -5.43
CA ASP A 105 -7.25 12.49 -4.46
C ASP A 105 -7.72 11.92 -3.14
N VAL A 106 -7.05 12.31 -2.05
CA VAL A 106 -7.43 11.83 -0.72
C VAL A 106 -8.69 12.56 -0.24
N GLU A 107 -9.76 11.79 0.04
CA GLU A 107 -10.98 12.37 0.57
C GLU A 107 -10.73 12.81 2.02
N SER A 108 -10.14 11.89 2.81
CA SER A 108 -9.79 12.16 4.21
C SER A 108 -9.17 10.91 4.86
N ILE A 109 -8.66 11.07 6.09
CA ILE A 109 -8.11 9.95 6.87
C ILE A 109 -9.05 9.70 8.08
N GLU A 110 -9.55 8.45 8.20
CA GLU A 110 -10.46 8.10 9.31
C GLU A 110 -9.86 6.98 10.15
N LYS A 111 -9.53 7.29 11.41
CA LYS A 111 -8.94 6.29 12.31
C LYS A 111 -9.97 5.30 12.84
N LEU A 112 -9.83 4.06 12.40
CA LEU A 112 -10.69 2.97 12.87
C LEU A 112 -10.33 2.60 14.29
N GLY A 113 -9.01 2.60 14.57
CA GLY A 113 -8.50 2.28 15.89
C GLY A 113 -7.76 0.96 15.88
N VAL A 114 -7.75 0.30 17.04
CA VAL A 114 -7.05 -0.97 17.20
C VAL A 114 -7.73 -2.06 16.36
N ASN A 115 -6.95 -2.64 15.46
CA ASN A 115 -7.42 -3.71 14.58
C ASN A 115 -6.31 -4.73 14.36
N HIS A 116 -6.67 -5.88 13.79
CA HIS A 116 -5.68 -6.89 13.46
C HIS A 116 -4.92 -6.45 12.22
N VAL A 117 -3.58 -6.41 12.33
CA VAL A 117 -2.74 -5.94 11.21
C VAL A 117 -1.70 -7.00 10.81
N TYR A 118 -1.51 -7.12 9.50
CA TYR A 118 -0.54 -8.06 8.93
C TYR A 118 0.12 -7.37 7.73
N ASP A 119 1.34 -7.77 7.39
CA ASP A 119 2.05 -7.16 6.25
C ASP A 119 3.20 -8.03 5.78
N ILE A 120 3.69 -7.77 4.55
CA ILE A 120 4.80 -8.56 3.98
C ILE A 120 5.84 -7.69 3.27
N GLU A 121 7.10 -8.11 3.41
CA GLU A 121 8.26 -7.39 2.87
C GLU A 121 8.63 -7.89 1.47
N VAL A 122 9.28 -7.01 0.68
CA VAL A 122 9.74 -7.38 -0.67
C VAL A 122 11.27 -7.32 -0.77
N GLU A 123 11.83 -8.15 -1.63
CA GLU A 123 13.28 -8.33 -1.74
C GLU A 123 14.06 -7.14 -2.32
N HIS A 124 13.52 -6.47 -3.36
CA HIS A 124 14.31 -5.45 -4.09
C HIS A 124 14.20 -4.02 -3.53
N ASN A 125 13.00 -3.45 -3.53
CA ASN A 125 12.81 -2.03 -3.10
C ASN A 125 12.16 -1.91 -1.71
N HIS A 126 11.97 -3.04 -1.01
CA HIS A 126 11.31 -3.07 0.32
C HIS A 126 10.08 -2.13 0.37
N ASN A 127 9.44 -1.95 -0.80
CA ASN A 127 8.23 -1.14 -0.92
C ASN A 127 7.14 -1.93 -1.64
N PHE A 128 5.87 -1.66 -1.30
CA PHE A 128 4.75 -2.37 -1.94
C PHE A 128 3.50 -1.51 -2.01
N VAL A 129 2.57 -1.91 -2.88
CA VAL A 129 1.31 -1.15 -3.08
C VAL A 129 0.15 -1.91 -2.44
N ALA A 130 -0.50 -1.27 -1.45
CA ALA A 130 -1.64 -1.86 -0.78
C ALA A 130 -2.94 -1.21 -1.26
N ASN A 131 -3.80 -2.01 -1.87
CA ASN A 131 -5.10 -1.55 -2.34
C ASN A 131 -4.95 -0.33 -3.29
N GLY A 132 -3.94 -0.39 -4.16
CA GLY A 132 -3.69 0.67 -5.16
C GLY A 132 -2.93 1.87 -4.58
N LEU A 133 -2.55 1.80 -3.29
CA LEU A 133 -1.81 2.88 -2.64
C LEU A 133 -0.40 2.42 -2.27
N LEU A 134 0.62 3.13 -2.77
CA LEU A 134 2.01 2.81 -2.48
C LEU A 134 2.37 3.15 -1.04
N VAL A 135 2.89 2.15 -0.31
CA VAL A 135 3.30 2.33 1.07
C VAL A 135 4.72 1.80 1.31
N HIS A 136 5.37 2.39 2.31
CA HIS A 136 6.74 2.04 2.68
C HIS A 136 6.74 1.07 3.86
N ASN A 137 7.78 0.23 3.91
CA ASN A 137 7.92 -0.75 4.99
C ASN A 137 9.39 -1.07 5.24
N GLU A 1 3.47 0.35 6.63
CA GLU A 1 4.18 -0.95 6.83
C GLU A 1 3.21 -2.03 7.34
N ALA A 2 2.16 -1.60 8.07
CA ALA A 2 1.16 -2.54 8.61
C ALA A 2 -0.22 -2.22 8.04
N LEU A 3 -0.93 -3.28 7.58
CA LEU A 3 -2.26 -3.11 6.98
C LEU A 3 -3.29 -3.94 7.74
N THR A 4 -4.54 -3.45 7.81
CA THR A 4 -5.61 -4.19 8.49
C THR A 4 -5.92 -5.48 7.73
N GLY A 5 -6.53 -6.44 8.43
CA GLY A 5 -6.82 -7.76 7.84
C GLY A 5 -7.72 -7.64 6.62
N ASP A 6 -8.71 -6.75 6.71
CA ASP A 6 -9.64 -6.53 5.59
C ASP A 6 -8.96 -5.85 4.40
N ALA A 7 -7.87 -5.13 4.67
CA ALA A 7 -7.13 -4.44 3.63
C ALA A 7 -6.57 -5.43 2.63
N LEU A 8 -6.36 -4.98 1.39
CA LEU A 8 -5.84 -5.83 0.32
C LEU A 8 -4.60 -5.20 -0.32
N ILE A 9 -3.68 -6.05 -0.77
CA ILE A 9 -2.42 -5.62 -1.36
C ILE A 9 -2.27 -6.20 -2.77
N LEU A 10 -1.69 -5.39 -3.67
CA LEU A 10 -1.46 -5.83 -5.05
C LEU A 10 -0.48 -6.99 -5.06
N SER A 11 -0.75 -7.96 -5.94
CA SER A 11 0.10 -9.14 -6.07
C SER A 11 0.27 -9.53 -7.53
N ASP A 12 0.97 -10.64 -7.78
CA ASP A 12 1.24 -11.09 -9.13
C ASP A 12 -0.07 -11.30 -9.89
N ARG A 13 -1.07 -11.88 -9.22
CA ARG A 13 -2.38 -12.07 -9.85
C ARG A 13 -3.13 -10.74 -9.99
N GLY A 14 -2.93 -9.83 -9.00
CA GLY A 14 -3.62 -8.53 -8.99
C GLY A 14 -4.13 -8.20 -7.58
N TRP A 15 -5.16 -7.35 -7.51
CA TRP A 15 -5.75 -6.93 -6.23
C TRP A 15 -6.21 -8.15 -5.41
N LEU A 16 -5.50 -8.43 -4.32
CA LEU A 16 -5.89 -9.53 -3.42
C LEU A 16 -5.68 -9.15 -1.96
N ARG A 17 -6.49 -9.75 -1.09
CA ARG A 17 -6.45 -9.46 0.35
C ARG A 17 -5.04 -9.60 0.91
N ILE A 18 -4.76 -8.86 1.97
CA ILE A 18 -3.43 -8.84 2.61
C ILE A 18 -2.93 -10.25 2.98
N ASP A 19 -3.86 -11.20 3.14
CA ASP A 19 -3.50 -12.58 3.54
C ASP A 19 -3.84 -13.62 2.46
N ASP A 20 -3.91 -13.19 1.19
CA ASP A 20 -4.19 -14.12 0.09
C ASP A 20 -2.91 -14.85 -0.37
N PRO A 21 -3.03 -16.05 -0.99
CA PRO A 21 -1.83 -16.85 -1.44
C PRO A 21 -0.88 -16.04 -2.31
N THR A 22 -1.43 -15.08 -3.06
CA THR A 22 -0.62 -14.25 -3.96
C THR A 22 0.31 -13.32 -3.16
N LEU A 23 -0.18 -12.83 -2.01
CA LEU A 23 0.62 -11.94 -1.16
C LEU A 23 1.65 -12.72 -0.33
N GLN A 24 1.33 -13.97 0.01
CA GLN A 24 2.24 -14.80 0.83
C GLN A 24 3.22 -15.61 -0.02
N GLU A 25 2.83 -15.97 -1.25
CA GLU A 25 3.67 -16.84 -2.11
C GLU A 25 3.98 -16.22 -3.49
N CYS A 26 3.42 -15.04 -3.81
CA CYS A 26 3.67 -14.42 -5.12
C CYS A 26 4.18 -12.99 -5.01
N ARG A 27 4.78 -12.53 -6.10
CA ARG A 27 5.38 -11.20 -6.17
C ARG A 27 4.32 -10.11 -6.00
N VAL A 28 4.77 -8.90 -5.58
CA VAL A 28 3.85 -7.76 -5.40
C VAL A 28 4.39 -6.50 -6.08
N LEU A 29 3.48 -5.56 -6.38
CA LEU A 29 3.83 -4.32 -7.10
C LEU A 29 4.40 -3.25 -6.18
N SER A 30 5.36 -2.50 -6.72
CA SER A 30 5.98 -1.38 -6.01
C SER A 30 6.61 -0.42 -7.01
N TYR A 31 7.07 0.74 -6.53
CA TYR A 31 7.69 1.74 -7.41
C TYR A 31 9.19 1.63 -7.35
N ASN A 32 9.78 1.14 -8.44
CA ASN A 32 11.22 1.02 -8.53
C ASN A 32 11.81 2.36 -8.91
N GLU A 33 11.86 3.25 -7.93
CA GLU A 33 12.42 4.60 -8.11
C GLU A 33 13.83 4.55 -8.72
N SER A 34 14.48 3.38 -8.63
CA SER A 34 15.78 3.18 -9.23
C SER A 34 15.69 3.41 -10.74
N THR A 35 14.63 2.85 -11.35
CA THR A 35 14.41 3.00 -12.80
C THR A 35 13.15 3.86 -13.12
N GLN A 36 12.44 4.31 -12.07
CA GLN A 36 11.22 5.13 -12.24
C GLN A 36 10.14 4.35 -13.02
N GLN A 37 10.07 3.03 -12.77
CA GLN A 37 9.08 2.16 -13.41
C GLN A 37 8.51 1.14 -12.42
N TRP A 38 7.29 0.65 -12.69
CA TRP A 38 6.65 -0.35 -11.82
C TRP A 38 7.36 -1.69 -11.96
N GLU A 39 7.57 -2.36 -10.82
CA GLU A 39 8.25 -3.66 -10.80
C GLU A 39 7.61 -4.60 -9.80
N TRP A 40 7.87 -5.90 -9.98
CA TRP A 40 7.36 -6.94 -9.08
C TRP A 40 8.49 -7.46 -8.18
N GLN A 41 8.15 -7.72 -6.92
CA GLN A 41 9.13 -8.20 -5.93
C GLN A 41 8.55 -9.31 -5.08
N GLN A 42 9.39 -10.28 -4.71
CA GLN A 42 8.92 -11.42 -3.96
C GLN A 42 8.61 -11.06 -2.52
N VAL A 43 7.56 -11.68 -2.01
CA VAL A 43 7.12 -11.49 -0.63
C VAL A 43 7.93 -12.39 0.31
N LEU A 44 8.87 -11.78 1.01
CA LEU A 44 9.79 -12.50 1.88
C LEU A 44 9.11 -13.22 3.04
N ARG A 45 8.18 -12.53 3.72
CA ARG A 45 7.58 -13.08 4.94
C ARG A 45 6.22 -12.43 5.24
N TRP A 46 5.35 -13.21 5.90
CA TRP A 46 4.04 -12.72 6.30
C TRP A 46 4.06 -12.41 7.80
N LEU A 47 3.95 -11.13 8.14
CA LEU A 47 4.02 -10.68 9.53
C LEU A 47 2.62 -10.38 10.09
N ASP A 48 2.26 -11.10 11.16
CA ASP A 48 0.98 -10.91 11.84
C ASP A 48 1.13 -9.93 13.01
N GLN A 49 0.81 -8.66 12.76
CA GLN A 49 0.88 -7.62 13.80
C GLN A 49 -0.21 -7.81 14.86
N GLY A 50 -1.28 -8.54 14.51
CA GLY A 50 -2.41 -8.76 15.41
C GLY A 50 -3.07 -7.45 15.79
N VAL A 51 -3.29 -7.24 17.09
CA VAL A 51 -3.93 -6.01 17.57
C VAL A 51 -3.01 -4.81 17.42
N ARG A 52 -3.29 -3.96 16.42
CA ARG A 52 -2.51 -2.75 16.18
C ARG A 52 -3.41 -1.62 15.68
N GLU A 53 -3.12 -0.41 16.16
CA GLU A 53 -3.88 0.80 15.81
C GLU A 53 -3.75 1.11 14.32
N THR A 54 -4.85 1.60 13.69
CA THR A 54 -4.78 1.93 12.26
C THR A 54 -5.55 3.20 11.89
N TRP A 55 -5.03 3.90 10.87
CA TRP A 55 -5.65 5.11 10.33
C TRP A 55 -6.08 4.87 8.89
N LYS A 56 -7.33 5.20 8.59
CA LYS A 56 -7.86 5.04 7.23
C LYS A 56 -7.54 6.26 6.41
N ILE A 57 -7.03 6.02 5.21
CA ILE A 57 -6.76 7.06 4.24
C ILE A 57 -7.69 6.88 3.06
N LYS A 58 -8.71 7.72 3.00
CA LYS A 58 -9.72 7.64 1.97
C LYS A 58 -9.35 8.46 0.75
N THR A 59 -9.44 7.84 -0.43
CA THR A 59 -9.14 8.53 -1.70
C THR A 59 -10.27 8.32 -2.70
N PHE A 60 -10.26 9.14 -3.73
CA PHE A 60 -11.31 9.11 -4.76
C PHE A 60 -11.33 7.74 -5.46
N GLN A 61 -10.14 7.17 -5.69
CA GLN A 61 -10.03 5.90 -6.41
C GLN A 61 -10.14 4.69 -5.47
N THR A 62 -9.70 4.85 -4.21
CA THR A 62 -9.75 3.75 -3.24
C THR A 62 -9.58 4.24 -1.79
N GLU A 63 -9.39 3.29 -0.86
CA GLU A 63 -9.18 3.60 0.56
C GLU A 63 -8.36 2.47 1.21
N ILE A 64 -7.59 2.82 2.24
CA ILE A 64 -6.73 1.83 2.92
C ILE A 64 -6.41 2.27 4.34
N LYS A 65 -6.41 1.30 5.27
CA LYS A 65 -6.08 1.59 6.68
C LYS A 65 -4.77 0.91 7.07
N CYS A 66 -3.81 1.70 7.55
CA CYS A 66 -2.50 1.20 7.95
C CYS A 66 -2.11 1.76 9.31
N THR A 67 -0.87 1.50 9.76
CA THR A 67 -0.40 1.96 11.08
C THR A 67 -0.71 3.45 11.28
N GLY A 68 -0.50 4.25 10.23
CA GLY A 68 -0.79 5.68 10.28
C GLY A 68 0.43 6.53 10.69
N ASN A 69 1.51 5.86 11.15
CA ASN A 69 2.73 6.57 11.56
C ASN A 69 3.86 6.40 10.54
N HIS A 70 3.74 5.40 9.66
CA HIS A 70 4.76 5.13 8.64
C HIS A 70 4.53 6.01 7.40
N LEU A 71 5.64 6.43 6.77
CA LEU A 71 5.58 7.28 5.58
C LEU A 71 5.09 6.50 4.37
N ILE A 72 4.28 7.16 3.54
CA ILE A 72 3.77 6.58 2.30
C ILE A 72 4.07 7.52 1.14
N ARG A 73 4.18 6.97 -0.07
CA ARG A 73 4.52 7.79 -1.24
C ARG A 73 3.35 8.66 -1.67
N THR A 74 3.63 9.92 -1.93
CA THR A 74 2.65 10.86 -2.46
C THR A 74 3.26 11.61 -3.64
N ASP A 75 2.47 12.47 -4.27
CA ASP A 75 2.94 13.23 -5.42
C ASP A 75 4.18 14.05 -5.03
N LYS A 76 4.14 14.62 -3.82
CA LYS A 76 5.25 15.42 -3.30
C LYS A 76 6.41 14.53 -2.79
N GLY A 77 6.13 13.23 -2.54
CA GLY A 77 7.16 12.29 -2.05
C GLY A 77 6.67 11.55 -0.79
N TRP A 78 7.61 10.84 -0.12
CA TRP A 78 7.27 10.08 1.10
C TRP A 78 6.79 11.05 2.18
N ILE A 79 5.62 10.75 2.74
CA ILE A 79 5.03 11.59 3.81
C ILE A 79 4.37 10.71 4.88
N LYS A 80 4.55 11.10 6.15
CA LYS A 80 3.94 10.37 7.27
C LYS A 80 2.43 10.27 7.07
N ALA A 81 1.87 9.08 7.29
CA ALA A 81 0.43 8.84 7.07
C ALA A 81 -0.41 9.81 7.90
N ALA A 82 0.03 10.05 9.13
CA ALA A 82 -0.64 10.99 10.03
C ALA A 82 -0.64 12.40 9.43
N ASN A 83 0.48 12.75 8.76
CA ASN A 83 0.65 14.08 8.15
C ASN A 83 -0.21 14.25 6.90
N ILE A 84 -0.52 13.14 6.21
CA ILE A 84 -1.31 13.20 4.97
C ILE A 84 -2.62 13.98 5.20
N THR A 85 -2.93 14.86 4.24
CA THR A 85 -4.13 15.69 4.30
C THR A 85 -4.96 15.46 3.02
N PRO A 86 -6.31 15.59 3.06
CA PRO A 86 -7.17 15.34 1.85
C PRO A 86 -6.55 15.89 0.55
N LYS A 87 -5.81 17.00 0.66
CA LYS A 87 -5.17 17.63 -0.50
C LYS A 87 -4.17 16.67 -1.18
N MET A 88 -3.43 15.94 -0.36
CA MET A 88 -2.39 15.02 -0.87
C MET A 88 -2.97 14.06 -1.93
N LYS A 89 -2.18 13.84 -2.98
CA LYS A 89 -2.56 12.93 -4.05
C LYS A 89 -1.47 11.88 -4.24
N ILE A 90 -1.88 10.64 -4.50
CA ILE A 90 -0.93 9.53 -4.67
C ILE A 90 -1.16 8.79 -5.99
N LEU A 91 -0.08 8.60 -6.75
CA LEU A 91 -0.15 7.89 -8.02
C LEU A 91 -0.47 6.41 -7.78
N SER A 92 -1.43 5.89 -8.54
CA SER A 92 -1.85 4.49 -8.41
C SER A 92 -1.68 3.75 -9.76
N PRO A 93 -1.21 2.47 -9.76
CA PRO A 93 -1.00 1.69 -11.03
C PRO A 93 -2.32 1.27 -11.66
N GLU A 94 -2.31 1.16 -12.99
CA GLU A 94 -3.50 0.75 -13.74
C GLU A 94 -3.16 -0.47 -14.59
N ILE A 95 -4.03 -1.48 -14.52
CA ILE A 95 -3.83 -2.73 -15.25
C ILE A 95 -4.50 -2.68 -16.63
N ASP A 96 -3.68 -2.85 -17.66
CA ASP A 96 -4.13 -2.83 -19.04
C ASP A 96 -3.02 -3.40 -19.95
N ALA A 97 -3.05 -3.09 -21.26
CA ALA A 97 -2.01 -3.57 -22.17
C ALA A 97 -0.64 -3.08 -21.69
N ALA A 98 -0.59 -1.83 -21.20
CA ALA A 98 0.62 -1.26 -20.63
C ALA A 98 0.26 -0.52 -19.34
N VAL A 99 0.99 -0.79 -18.27
CA VAL A 99 0.72 -0.17 -16.97
C VAL A 99 0.68 1.35 -17.07
N LYS A 100 -0.33 1.95 -16.44
CA LYS A 100 -0.48 3.41 -16.45
C LYS A 100 -0.67 3.95 -15.04
N THR A 101 -0.21 5.19 -14.83
CA THR A 101 -0.32 5.83 -13.51
C THR A 101 -1.48 6.81 -13.47
N ALA A 102 -2.11 6.91 -12.30
CA ALA A 102 -3.23 7.83 -12.09
C ALA A 102 -3.28 8.27 -10.63
N LEU A 103 -3.19 9.59 -10.41
CA LEU A 103 -3.23 10.13 -9.05
C LEU A 103 -4.63 10.07 -8.48
N GLN A 104 -4.72 9.79 -7.18
CA GLN A 104 -6.01 9.74 -6.50
C GLN A 104 -6.05 10.82 -5.40
N ASP A 105 -7.21 11.48 -5.28
CA ASP A 105 -7.39 12.58 -4.33
C ASP A 105 -7.89 12.08 -3.00
N VAL A 106 -7.13 12.35 -1.94
CA VAL A 106 -7.51 11.92 -0.60
C VAL A 106 -8.77 12.69 -0.17
N GLU A 107 -9.88 11.97 0.05
CA GLU A 107 -11.11 12.57 0.52
C GLU A 107 -10.93 13.01 1.97
N SER A 108 -10.37 12.10 2.78
CA SER A 108 -10.06 12.35 4.19
C SER A 108 -9.42 11.12 4.81
N ILE A 109 -8.90 11.28 6.03
CA ILE A 109 -8.29 10.17 6.78
C ILE A 109 -9.08 9.96 8.08
N GLU A 110 -9.55 8.72 8.32
CA GLU A 110 -10.33 8.44 9.56
C GLU A 110 -9.76 7.28 10.35
N LYS A 111 -9.48 7.52 11.65
CA LYS A 111 -8.90 6.49 12.51
C LYS A 111 -9.93 5.45 12.93
N LEU A 112 -9.55 4.18 12.77
CA LEU A 112 -10.39 3.04 13.16
C LEU A 112 -9.91 2.40 14.48
N GLY A 113 -8.68 2.78 14.91
CA GLY A 113 -8.10 2.25 16.14
C GLY A 113 -7.52 0.87 15.93
N VAL A 114 -7.40 0.10 17.02
CA VAL A 114 -6.83 -1.24 16.96
C VAL A 114 -7.68 -2.18 16.14
N ASN A 115 -6.99 -3.02 15.37
CA ASN A 115 -7.62 -3.97 14.48
C ASN A 115 -6.66 -5.14 14.24
N HIS A 116 -7.12 -6.12 13.45
CA HIS A 116 -6.25 -7.20 13.03
C HIS A 116 -5.33 -6.65 11.96
N VAL A 117 -4.02 -6.70 12.20
CA VAL A 117 -3.04 -6.07 11.28
C VAL A 117 -2.02 -7.10 10.78
N TYR A 118 -1.87 -7.17 9.45
CA TYR A 118 -0.96 -8.10 8.79
C TYR A 118 -0.21 -7.36 7.68
N ASP A 119 1.01 -7.82 7.37
CA ASP A 119 1.83 -7.19 6.32
C ASP A 119 2.90 -8.15 5.80
N ILE A 120 3.65 -7.74 4.76
CA ILE A 120 4.75 -8.57 4.23
C ILE A 120 5.95 -7.71 3.82
N GLU A 121 7.09 -8.37 3.64
CA GLU A 121 8.32 -7.71 3.24
C GLU A 121 8.65 -8.09 1.80
N VAL A 122 9.39 -7.22 1.07
CA VAL A 122 9.70 -7.49 -0.35
C VAL A 122 11.21 -7.50 -0.61
N GLU A 123 11.61 -8.15 -1.72
CA GLU A 123 13.03 -8.34 -2.04
C GLU A 123 13.70 -7.22 -2.88
N HIS A 124 13.04 -6.82 -3.99
CA HIS A 124 13.70 -5.91 -4.97
C HIS A 124 13.84 -4.44 -4.51
N ASN A 125 12.71 -3.75 -4.27
CA ASN A 125 12.76 -2.31 -3.91
C ASN A 125 12.42 -2.03 -2.44
N HIS A 126 12.26 -3.07 -1.63
CA HIS A 126 11.93 -2.90 -0.20
C HIS A 126 10.66 -2.04 -0.02
N ASN A 127 9.80 -2.00 -1.06
CA ASN A 127 8.54 -1.22 -1.00
C ASN A 127 7.40 -2.02 -1.63
N PHE A 128 6.15 -1.70 -1.24
CA PHE A 128 4.97 -2.38 -1.82
C PHE A 128 3.76 -1.46 -1.84
N VAL A 129 2.75 -1.82 -2.66
CA VAL A 129 1.53 -1.02 -2.80
C VAL A 129 0.34 -1.76 -2.19
N ALA A 130 -0.34 -1.10 -1.25
CA ALA A 130 -1.53 -1.66 -0.61
C ALA A 130 -2.79 -0.91 -1.06
N ASN A 131 -3.77 -1.66 -1.59
CA ASN A 131 -5.03 -1.07 -2.07
C ASN A 131 -4.76 -0.02 -3.17
N GLY A 132 -3.67 -0.22 -3.95
CA GLY A 132 -3.30 0.72 -5.00
C GLY A 132 -2.54 1.96 -4.45
N LEU A 133 -2.29 1.96 -3.12
CA LEU A 133 -1.57 3.06 -2.47
C LEU A 133 -0.14 2.61 -2.12
N LEU A 134 0.85 3.32 -2.67
CA LEU A 134 2.26 2.98 -2.43
C LEU A 134 2.67 3.25 -0.98
N VAL A 135 3.23 2.22 -0.35
CA VAL A 135 3.67 2.30 1.05
C VAL A 135 5.13 1.86 1.21
N HIS A 136 5.89 2.67 1.95
CA HIS A 136 7.29 2.37 2.26
C HIS A 136 7.38 1.19 3.23
N ASN A 137 8.42 0.37 3.08
CA ASN A 137 8.62 -0.78 3.96
C ASN A 137 10.09 -1.21 3.99
N GLU A 1 3.18 0.28 5.85
CA GLU A 1 3.98 -0.91 6.25
C GLU A 1 3.04 -2.00 6.79
N ALA A 2 2.01 -1.59 7.53
CA ALA A 2 1.07 -2.52 8.14
C ALA A 2 -0.35 -2.29 7.60
N LEU A 3 -1.05 -3.39 7.25
CA LEU A 3 -2.41 -3.30 6.70
C LEU A 3 -3.39 -4.08 7.56
N THR A 4 -4.62 -3.56 7.73
CA THR A 4 -5.63 -4.28 8.53
C THR A 4 -5.99 -5.61 7.85
N GLY A 5 -6.54 -6.55 8.64
CA GLY A 5 -6.86 -7.89 8.14
C GLY A 5 -7.83 -7.85 6.97
N ASP A 6 -8.82 -6.96 7.03
CA ASP A 6 -9.82 -6.84 5.95
C ASP A 6 -9.29 -6.01 4.75
N ALA A 7 -8.05 -5.50 4.87
CA ALA A 7 -7.41 -4.75 3.78
C ALA A 7 -6.96 -5.70 2.69
N LEU A 8 -6.76 -5.16 1.48
CA LEU A 8 -6.32 -5.97 0.34
C LEU A 8 -5.09 -5.35 -0.33
N ILE A 9 -4.20 -6.22 -0.81
CA ILE A 9 -2.95 -5.80 -1.44
C ILE A 9 -2.84 -6.37 -2.85
N LEU A 10 -2.36 -5.53 -3.78
CA LEU A 10 -2.13 -5.97 -5.15
C LEU A 10 -1.02 -6.99 -5.16
N SER A 11 -1.20 -8.03 -5.98
CA SER A 11 -0.23 -9.11 -6.06
C SER A 11 -0.08 -9.61 -7.50
N ASP A 12 0.66 -10.71 -7.68
CA ASP A 12 0.90 -11.26 -9.02
C ASP A 12 -0.42 -11.46 -9.78
N ARG A 13 -1.50 -11.80 -9.05
CA ARG A 13 -2.81 -12.01 -9.67
C ARG A 13 -3.63 -10.71 -9.73
N GLY A 14 -3.45 -9.84 -8.72
CA GLY A 14 -4.19 -8.57 -8.66
C GLY A 14 -4.60 -8.23 -7.21
N TRP A 15 -5.75 -7.55 -7.07
CA TRP A 15 -6.27 -7.13 -5.75
C TRP A 15 -6.81 -8.33 -4.95
N LEU A 16 -6.09 -8.71 -3.88
CA LEU A 16 -6.55 -9.80 -3.00
C LEU A 16 -6.25 -9.48 -1.53
N ARG A 17 -7.09 -10.01 -0.63
CA ARG A 17 -6.96 -9.75 0.83
C ARG A 17 -5.51 -9.93 1.32
N ILE A 18 -5.13 -9.12 2.30
CA ILE A 18 -3.77 -9.13 2.87
C ILE A 18 -3.28 -10.55 3.19
N ASP A 19 -4.21 -11.45 3.52
CA ASP A 19 -3.86 -12.83 3.90
C ASP A 19 -4.07 -13.80 2.73
N ASP A 20 -3.88 -13.30 1.49
CA ASP A 20 -4.05 -14.13 0.30
C ASP A 20 -2.73 -14.88 -0.08
N PRO A 21 -2.82 -16.03 -0.78
CA PRO A 21 -1.61 -16.79 -1.24
C PRO A 21 -0.74 -15.97 -2.21
N THR A 22 -1.36 -14.98 -2.88
CA THR A 22 -0.65 -14.21 -3.91
C THR A 22 0.50 -13.35 -3.35
N LEU A 23 0.28 -12.64 -2.22
CA LEU A 23 1.41 -11.90 -1.59
C LEU A 23 2.16 -12.76 -0.56
N GLN A 24 1.54 -13.89 -0.16
CA GLN A 24 2.18 -14.80 0.79
C GLN A 24 3.16 -15.77 0.09
N GLU A 25 2.92 -16.05 -1.22
CA GLU A 25 3.76 -17.00 -1.96
C GLU A 25 4.21 -16.49 -3.35
N CYS A 26 3.66 -15.36 -3.82
CA CYS A 26 4.01 -14.82 -5.13
C CYS A 26 4.42 -13.35 -5.05
N ARG A 27 4.93 -12.83 -6.17
CA ARG A 27 5.44 -11.44 -6.22
C ARG A 27 4.35 -10.42 -5.92
N VAL A 28 4.78 -9.25 -5.42
CA VAL A 28 3.87 -8.16 -5.08
C VAL A 28 4.33 -6.87 -5.80
N LEU A 29 3.35 -6.06 -6.25
CA LEU A 29 3.65 -4.83 -6.99
C LEU A 29 4.25 -3.76 -6.08
N SER A 30 5.27 -3.08 -6.59
CA SER A 30 5.96 -2.01 -5.86
C SER A 30 6.48 -0.98 -6.85
N TYR A 31 6.97 0.16 -6.33
CA TYR A 31 7.52 1.20 -7.19
C TYR A 31 9.02 1.23 -7.02
N ASN A 32 9.73 0.75 -8.04
CA ASN A 32 11.18 0.71 -7.98
C ASN A 32 11.75 2.09 -8.19
N GLU A 33 12.19 2.71 -7.11
CA GLU A 33 12.75 4.07 -7.16
C GLU A 33 14.00 4.12 -8.05
N SER A 34 14.80 3.07 -7.98
CA SER A 34 16.04 2.99 -8.76
C SER A 34 15.75 3.03 -10.26
N THR A 35 14.76 2.25 -10.67
CA THR A 35 14.36 2.16 -12.08
C THR A 35 13.36 3.28 -12.46
N GLN A 36 12.67 3.82 -11.45
CA GLN A 36 11.63 4.85 -11.66
C GLN A 36 10.44 4.28 -12.46
N GLN A 37 10.20 2.96 -12.30
CA GLN A 37 9.10 2.28 -12.99
C GLN A 37 8.47 1.20 -12.09
N TRP A 38 7.26 0.75 -12.45
CA TRP A 38 6.57 -0.30 -11.68
C TRP A 38 7.23 -1.65 -11.94
N GLU A 39 7.47 -2.40 -10.86
CA GLU A 39 8.11 -3.72 -10.97
C GLU A 39 7.59 -4.67 -9.89
N TRP A 40 7.65 -5.98 -10.17
CA TRP A 40 7.24 -7.00 -9.21
C TRP A 40 8.41 -7.39 -8.32
N GLN A 41 8.15 -7.47 -7.02
CA GLN A 41 9.16 -7.83 -6.04
C GLN A 41 8.77 -9.13 -5.36
N GLN A 42 9.76 -9.84 -4.78
CA GLN A 42 9.48 -11.11 -4.14
C GLN A 42 9.02 -10.87 -2.71
N VAL A 43 7.89 -11.49 -2.34
CA VAL A 43 7.35 -11.37 -1.00
C VAL A 43 8.23 -12.13 -0.02
N LEU A 44 9.07 -11.37 0.64
CA LEU A 44 10.08 -11.87 1.52
C LEU A 44 9.51 -12.63 2.74
N ARG A 45 8.48 -12.06 3.41
CA ARG A 45 7.92 -12.73 4.60
C ARG A 45 6.60 -12.10 5.04
N TRP A 46 5.70 -12.95 5.59
CA TRP A 46 4.39 -12.47 6.08
C TRP A 46 4.48 -12.16 7.58
N LEU A 47 4.18 -10.91 7.94
CA LEU A 47 4.27 -10.47 9.34
C LEU A 47 2.88 -10.30 9.97
N ASP A 48 2.66 -11.00 11.09
CA ASP A 48 1.42 -10.89 11.84
C ASP A 48 1.56 -9.86 12.97
N GLN A 49 1.14 -8.61 12.71
CA GLN A 49 1.21 -7.56 13.74
C GLN A 49 0.25 -7.83 14.88
N GLY A 50 -0.93 -8.37 14.54
CA GLY A 50 -1.97 -8.62 15.53
C GLY A 50 -2.59 -7.31 15.98
N VAL A 51 -2.46 -7.01 17.27
CA VAL A 51 -2.98 -5.76 17.83
C VAL A 51 -2.13 -4.59 17.32
N ARG A 52 -2.74 -3.70 16.52
CA ARG A 52 -2.02 -2.55 15.96
C ARG A 52 -2.98 -1.42 15.59
N GLU A 53 -2.52 -0.18 15.77
CA GLU A 53 -3.32 1.02 15.48
C GLU A 53 -3.24 1.36 13.98
N THR A 54 -4.36 1.84 13.38
CA THR A 54 -4.35 2.16 11.95
C THR A 54 -5.21 3.38 11.59
N TRP A 55 -4.81 4.06 10.51
CA TRP A 55 -5.53 5.22 9.97
C TRP A 55 -6.04 4.88 8.58
N LYS A 56 -7.28 5.26 8.28
CA LYS A 56 -7.90 4.95 6.97
C LYS A 56 -7.81 6.12 6.02
N ILE A 57 -6.78 6.10 5.18
CA ILE A 57 -6.60 7.11 4.15
C ILE A 57 -7.54 6.81 3.00
N LYS A 58 -8.61 7.58 2.93
CA LYS A 58 -9.63 7.42 1.92
C LYS A 58 -9.31 8.28 0.70
N THR A 59 -9.38 7.68 -0.49
CA THR A 59 -9.10 8.40 -1.75
C THR A 59 -10.26 8.20 -2.72
N PHE A 60 -10.31 9.05 -3.74
CA PHE A 60 -11.39 9.03 -4.72
C PHE A 60 -11.44 7.71 -5.47
N GLN A 61 -10.26 7.14 -5.79
CA GLN A 61 -10.19 5.89 -6.57
C GLN A 61 -10.23 4.67 -5.65
N THR A 62 -9.66 4.81 -4.44
CA THR A 62 -9.60 3.68 -3.49
C THR A 62 -9.59 4.17 -2.03
N GLU A 63 -9.44 3.22 -1.11
CA GLU A 63 -9.35 3.51 0.32
C GLU A 63 -8.57 2.39 1.01
N ILE A 64 -7.76 2.73 2.03
CA ILE A 64 -6.96 1.72 2.72
C ILE A 64 -6.61 2.15 4.14
N LYS A 65 -6.57 1.17 5.06
CA LYS A 65 -6.22 1.42 6.47
C LYS A 65 -4.87 0.78 6.81
N CYS A 66 -3.92 1.63 7.21
CA CYS A 66 -2.56 1.20 7.54
C CYS A 66 -2.01 2.06 8.65
N THR A 67 -0.82 1.70 9.16
CA THR A 67 -0.18 2.45 10.24
C THR A 67 -0.12 3.95 9.89
N GLY A 68 -0.49 4.79 10.85
CA GLY A 68 -0.54 6.23 10.65
C GLY A 68 0.82 6.93 10.89
N ASN A 69 1.88 6.14 11.14
CA ASN A 69 3.21 6.70 11.42
C ASN A 69 4.25 6.41 10.32
N HIS A 70 3.96 5.41 9.47
CA HIS A 70 4.87 5.07 8.35
C HIS A 70 4.59 5.95 7.14
N LEU A 71 5.66 6.25 6.38
CA LEU A 71 5.54 7.13 5.19
C LEU A 71 4.86 6.40 4.04
N ILE A 72 4.01 7.14 3.33
CA ILE A 72 3.28 6.62 2.16
C ILE A 72 3.64 7.50 0.97
N ARG A 73 3.97 6.89 -0.19
CA ARG A 73 4.39 7.70 -1.36
C ARG A 73 3.30 8.70 -1.73
N THR A 74 3.73 9.92 -2.01
CA THR A 74 2.83 10.99 -2.39
C THR A 74 3.39 11.73 -3.59
N ASP A 75 2.56 12.53 -4.26
CA ASP A 75 3.02 13.30 -5.43
C ASP A 75 4.22 14.17 -5.05
N LYS A 76 4.25 14.60 -3.77
CA LYS A 76 5.37 15.39 -3.24
C LYS A 76 6.55 14.47 -2.80
N GLY A 77 6.27 13.16 -2.65
CA GLY A 77 7.28 12.19 -2.22
C GLY A 77 6.81 11.48 -0.94
N TRP A 78 7.72 10.73 -0.31
CA TRP A 78 7.38 10.01 0.93
C TRP A 78 6.89 10.99 1.99
N ILE A 79 5.70 10.73 2.53
CA ILE A 79 5.14 11.56 3.61
C ILE A 79 4.49 10.68 4.70
N LYS A 80 4.78 11.02 5.96
CA LYS A 80 4.22 10.30 7.10
C LYS A 80 2.69 10.28 7.00
N ALA A 81 2.09 9.12 7.26
CA ALA A 81 0.63 8.95 7.14
C ALA A 81 -0.10 9.94 8.04
N ALA A 82 0.46 10.19 9.22
CA ALA A 82 -0.12 11.16 10.16
C ALA A 82 -0.16 12.55 9.51
N ASN A 83 0.89 12.88 8.73
CA ASN A 83 0.99 14.17 8.05
C ASN A 83 0.05 14.29 6.85
N ILE A 84 -0.29 13.14 6.23
CA ILE A 84 -1.17 13.15 5.04
C ILE A 84 -2.50 13.85 5.34
N THR A 85 -2.95 14.64 4.37
CA THR A 85 -4.21 15.38 4.47
C THR A 85 -5.02 15.19 3.16
N PRO A 86 -6.34 15.49 3.14
CA PRO A 86 -7.19 15.28 1.92
C PRO A 86 -6.52 15.81 0.63
N LYS A 87 -5.83 16.94 0.71
CA LYS A 87 -5.21 17.56 -0.48
C LYS A 87 -4.13 16.66 -1.11
N MET A 88 -3.53 15.76 -0.29
CA MET A 88 -2.46 14.89 -0.78
C MET A 88 -2.97 13.97 -1.88
N LYS A 89 -2.10 13.72 -2.88
CA LYS A 89 -2.43 12.84 -3.99
C LYS A 89 -1.36 11.77 -4.15
N ILE A 90 -1.79 10.52 -4.38
CA ILE A 90 -0.86 9.39 -4.54
C ILE A 90 -1.11 8.66 -5.86
N LEU A 91 -0.04 8.46 -6.64
CA LEU A 91 -0.14 7.76 -7.91
C LEU A 91 -0.54 6.29 -7.72
N SER A 92 -1.43 5.81 -8.59
CA SER A 92 -1.92 4.44 -8.52
C SER A 92 -1.76 3.75 -9.90
N PRO A 93 -1.51 2.42 -9.94
CA PRO A 93 -1.32 1.69 -11.24
C PRO A 93 -2.62 1.55 -12.02
N GLU A 94 -2.51 1.51 -13.34
CA GLU A 94 -3.67 1.36 -14.21
C GLU A 94 -3.47 0.15 -15.13
N ILE A 95 -4.51 -0.67 -15.24
CA ILE A 95 -4.45 -1.89 -16.05
C ILE A 95 -4.94 -1.61 -17.49
N ASP A 96 -4.06 -1.90 -18.45
CA ASP A 96 -4.35 -1.70 -19.86
C ASP A 96 -3.25 -2.42 -20.68
N ALA A 97 -3.02 -2.01 -21.95
CA ALA A 97 -1.98 -2.61 -22.77
C ALA A 97 -0.63 -2.47 -22.07
N ALA A 98 -0.41 -1.29 -21.46
CA ALA A 98 0.79 -1.03 -20.69
C ALA A 98 0.42 -0.30 -19.39
N VAL A 99 1.01 -0.73 -18.27
CA VAL A 99 0.72 -0.10 -16.97
C VAL A 99 0.89 1.42 -17.02
N LYS A 100 -0.10 2.14 -16.51
CA LYS A 100 -0.07 3.62 -16.49
C LYS A 100 -0.39 4.15 -15.11
N THR A 101 0.29 5.24 -14.73
CA THR A 101 0.07 5.86 -13.42
C THR A 101 -1.15 6.77 -13.46
N ALA A 102 -1.80 6.92 -12.30
CA ALA A 102 -2.96 7.79 -12.17
C ALA A 102 -3.11 8.26 -10.72
N LEU A 103 -3.04 9.57 -10.52
CA LEU A 103 -3.12 10.15 -9.18
C LEU A 103 -4.53 10.04 -8.61
N GLN A 104 -4.60 9.78 -7.30
CA GLN A 104 -5.87 9.69 -6.60
C GLN A 104 -5.92 10.78 -5.51
N ASP A 105 -7.10 11.37 -5.31
CA ASP A 105 -7.25 12.45 -4.33
C ASP A 105 -7.77 11.92 -3.02
N VAL A 106 -7.08 12.26 -1.93
CA VAL A 106 -7.48 11.82 -0.60
C VAL A 106 -8.74 12.59 -0.17
N GLU A 107 -9.84 11.87 0.04
CA GLU A 107 -11.06 12.48 0.53
C GLU A 107 -10.84 12.92 1.97
N SER A 108 -10.25 12.01 2.76
CA SER A 108 -9.89 12.26 4.16
C SER A 108 -9.26 11.02 4.77
N ILE A 109 -8.79 11.15 6.01
CA ILE A 109 -8.21 10.03 6.75
C ILE A 109 -9.10 9.75 7.98
N GLU A 110 -9.56 8.50 8.12
CA GLU A 110 -10.44 8.14 9.25
C GLU A 110 -9.81 7.10 10.14
N LYS A 111 -9.66 7.46 11.42
CA LYS A 111 -9.03 6.57 12.39
C LYS A 111 -9.88 5.34 12.66
N LEU A 112 -9.23 4.19 12.62
CA LEU A 112 -9.87 2.90 12.94
C LEU A 112 -9.28 2.36 14.27
N GLY A 113 -8.06 2.78 14.59
CA GLY A 113 -7.39 2.40 15.83
C GLY A 113 -6.95 0.95 15.83
N VAL A 114 -7.00 0.34 17.02
CA VAL A 114 -6.53 -1.03 17.21
C VAL A 114 -7.38 -2.02 16.40
N ASN A 115 -6.70 -2.74 15.49
CA ASN A 115 -7.32 -3.78 14.67
C ASN A 115 -6.31 -4.89 14.41
N HIS A 116 -6.76 -5.96 13.75
CA HIS A 116 -5.86 -7.02 13.34
C HIS A 116 -5.09 -6.52 12.12
N VAL A 117 -3.76 -6.59 12.19
CA VAL A 117 -2.91 -6.01 11.13
C VAL A 117 -1.86 -7.04 10.65
N TYR A 118 -1.74 -7.15 9.31
CA TYR A 118 -0.82 -8.11 8.67
C TYR A 118 -0.15 -7.41 7.47
N ASP A 119 1.07 -7.84 7.10
CA ASP A 119 1.77 -7.25 5.95
C ASP A 119 2.84 -8.19 5.39
N ILE A 120 3.48 -7.78 4.27
CA ILE A 120 4.56 -8.59 3.66
C ILE A 120 5.79 -7.72 3.33
N GLU A 121 6.97 -8.34 3.39
CA GLU A 121 8.23 -7.65 3.09
C GLU A 121 8.66 -7.94 1.66
N VAL A 122 9.45 -7.04 1.07
CA VAL A 122 9.91 -7.23 -0.33
C VAL A 122 11.43 -7.14 -0.44
N GLU A 123 11.97 -7.89 -1.39
CA GLU A 123 13.43 -8.01 -1.57
C GLU A 123 14.14 -6.76 -2.14
N HIS A 124 13.51 -6.06 -3.10
CA HIS A 124 14.24 -5.01 -3.86
C HIS A 124 14.25 -3.59 -3.22
N ASN A 125 13.08 -2.94 -3.16
CA ASN A 125 13.01 -1.53 -2.68
C ASN A 125 12.36 -1.39 -1.30
N HIS A 126 11.92 -2.51 -0.72
CA HIS A 126 11.25 -2.47 0.60
C HIS A 126 9.97 -1.63 0.54
N ASN A 127 9.29 -1.66 -0.62
CA ASN A 127 8.02 -0.92 -0.81
C ASN A 127 6.98 -1.82 -1.48
N PHE A 128 5.69 -1.54 -1.23
CA PHE A 128 4.61 -2.33 -1.86
C PHE A 128 3.32 -1.51 -2.01
N VAL A 129 2.40 -2.00 -2.85
CA VAL A 129 1.14 -1.30 -3.11
C VAL A 129 -0.03 -2.04 -2.45
N ALA A 130 -0.72 -1.35 -1.54
CA ALA A 130 -1.90 -1.92 -0.88
C ALA A 130 -3.16 -1.19 -1.33
N ASN A 131 -4.08 -1.94 -1.93
CA ASN A 131 -5.34 -1.39 -2.44
C ASN A 131 -5.08 -0.15 -3.33
N GLY A 132 -4.04 -0.23 -4.15
CA GLY A 132 -3.69 0.85 -5.08
C GLY A 132 -2.88 1.99 -4.43
N LEU A 133 -2.53 1.84 -3.14
CA LEU A 133 -1.77 2.88 -2.42
C LEU A 133 -0.35 2.39 -2.09
N LEU A 134 0.66 3.11 -2.61
CA LEU A 134 2.07 2.78 -2.37
C LEU A 134 2.46 3.13 -0.93
N VAL A 135 3.00 2.15 -0.21
CA VAL A 135 3.44 2.36 1.18
C VAL A 135 4.90 1.95 1.38
N HIS A 136 5.54 2.52 2.40
CA HIS A 136 6.94 2.24 2.71
C HIS A 136 7.05 1.18 3.82
N ASN A 137 7.75 0.08 3.52
CA ASN A 137 7.96 -1.00 4.47
C ASN A 137 9.33 -0.87 5.14
N GLU A 1 3.57 -0.36 6.57
CA GLU A 1 4.17 -1.20 7.66
C GLU A 1 3.22 -2.33 8.01
N ALA A 2 2.01 -1.96 8.42
CA ALA A 2 0.99 -2.93 8.80
C ALA A 2 -0.34 -2.61 8.16
N LEU A 3 -1.02 -3.63 7.65
CA LEU A 3 -2.32 -3.47 7.02
C LEU A 3 -3.35 -4.26 7.81
N THR A 4 -4.58 -3.72 7.92
CA THR A 4 -5.62 -4.43 8.69
C THR A 4 -5.93 -5.78 8.06
N GLY A 5 -6.49 -6.70 8.86
CA GLY A 5 -6.75 -8.06 8.42
C GLY A 5 -7.64 -8.11 7.17
N ASP A 6 -8.67 -7.25 7.15
CA ASP A 6 -9.58 -7.21 5.97
C ASP A 6 -9.02 -6.34 4.84
N ALA A 7 -7.82 -5.75 5.06
CA ALA A 7 -7.15 -4.95 4.04
C ALA A 7 -6.68 -5.86 2.92
N LEU A 8 -6.47 -5.29 1.72
CA LEU A 8 -6.04 -6.09 0.57
C LEU A 8 -4.86 -5.45 -0.14
N ILE A 9 -3.93 -6.30 -0.59
CA ILE A 9 -2.72 -5.86 -1.28
C ILE A 9 -2.64 -6.48 -2.67
N LEU A 10 -2.18 -5.69 -3.64
CA LEU A 10 -2.01 -6.15 -5.00
C LEU A 10 -0.89 -7.18 -5.08
N SER A 11 -1.19 -8.34 -5.69
CA SER A 11 -0.20 -9.38 -5.86
C SER A 11 -0.07 -9.74 -7.33
N ASP A 12 0.68 -10.81 -7.64
CA ASP A 12 0.89 -11.22 -9.02
C ASP A 12 -0.46 -11.50 -9.71
N ARG A 13 -1.36 -12.15 -8.96
CA ARG A 13 -2.71 -12.43 -9.46
C ARG A 13 -3.59 -11.16 -9.51
N GLY A 14 -3.40 -10.24 -8.54
CA GLY A 14 -4.18 -8.99 -8.49
C GLY A 14 -4.60 -8.60 -7.06
N TRP A 15 -5.65 -7.76 -6.96
CA TRP A 15 -6.15 -7.30 -5.65
C TRP A 15 -6.66 -8.48 -4.81
N LEU A 16 -5.96 -8.76 -3.70
CA LEU A 16 -6.37 -9.83 -2.79
C LEU A 16 -6.13 -9.43 -1.33
N ARG A 17 -6.89 -10.06 -0.40
CA ARG A 17 -6.75 -9.75 1.03
C ARG A 17 -5.33 -10.05 1.53
N ILE A 18 -4.88 -9.24 2.48
CA ILE A 18 -3.52 -9.32 3.04
C ILE A 18 -3.11 -10.74 3.44
N ASP A 19 -4.09 -11.61 3.71
CA ASP A 19 -3.79 -13.00 4.13
C ASP A 19 -3.96 -14.01 2.97
N ASP A 20 -4.00 -13.48 1.74
CA ASP A 20 -4.12 -14.29 0.55
C ASP A 20 -2.73 -14.86 0.13
N PRO A 21 -2.62 -16.17 -0.21
CA PRO A 21 -1.31 -16.78 -0.59
C PRO A 21 -0.60 -16.02 -1.72
N THR A 22 -1.39 -15.36 -2.59
CA THR A 22 -0.82 -14.67 -3.75
C THR A 22 0.21 -13.62 -3.33
N LEU A 23 -0.11 -12.81 -2.31
CA LEU A 23 0.86 -11.81 -1.83
C LEU A 23 1.85 -12.42 -0.82
N GLN A 24 1.41 -13.49 -0.15
CA GLN A 24 2.25 -14.15 0.85
C GLN A 24 3.45 -14.90 0.23
N GLU A 25 3.24 -15.57 -0.94
CA GLU A 25 4.32 -16.35 -1.58
C GLU A 25 4.61 -15.96 -3.04
N CYS A 26 3.80 -15.05 -3.65
CA CYS A 26 4.06 -14.63 -5.04
C CYS A 26 4.35 -13.13 -5.09
N ARG A 27 4.91 -12.69 -6.21
CA ARG A 27 5.35 -11.31 -6.39
C ARG A 27 4.23 -10.31 -6.20
N VAL A 28 4.58 -9.11 -5.69
CA VAL A 28 3.62 -8.03 -5.47
C VAL A 28 4.09 -6.73 -6.12
N LEU A 29 3.14 -5.81 -6.36
CA LEU A 29 3.46 -4.54 -7.02
C LEU A 29 4.22 -3.60 -6.09
N SER A 30 5.15 -2.84 -6.68
CA SER A 30 5.96 -1.88 -5.95
C SER A 30 6.46 -0.81 -6.91
N TYR A 31 7.04 0.27 -6.36
CA TYR A 31 7.57 1.34 -7.19
C TYR A 31 9.08 1.27 -7.19
N ASN A 32 9.65 0.84 -8.31
CA ASN A 32 11.09 0.72 -8.42
C ASN A 32 11.70 2.08 -8.63
N GLU A 33 12.17 2.68 -7.53
CA GLU A 33 12.82 3.99 -7.60
C GLU A 33 14.06 3.92 -8.52
N SER A 34 14.63 2.72 -8.65
CA SER A 34 15.80 2.48 -9.49
C SER A 34 15.50 2.84 -10.95
N THR A 35 14.33 2.40 -11.45
CA THR A 35 13.94 2.65 -12.86
C THR A 35 12.79 3.67 -12.98
N GLN A 36 12.26 4.14 -11.85
CA GLN A 36 11.16 5.12 -11.83
C GLN A 36 9.91 4.54 -12.55
N GLN A 37 9.72 3.22 -12.44
CA GLN A 37 8.57 2.55 -13.07
C GLN A 37 8.02 1.45 -12.14
N TRP A 38 6.77 1.04 -12.39
CA TRP A 38 6.15 -0.03 -11.59
C TRP A 38 6.83 -1.36 -11.89
N GLU A 39 7.12 -2.12 -10.83
CA GLU A 39 7.77 -3.43 -10.97
C GLU A 39 7.28 -4.39 -9.89
N TRP A 40 7.33 -5.69 -10.22
CA TRP A 40 6.93 -6.74 -9.27
C TRP A 40 8.14 -7.19 -8.44
N GLN A 41 7.94 -7.25 -7.13
CA GLN A 41 8.99 -7.68 -6.20
C GLN A 41 8.57 -8.96 -5.50
N GLN A 42 9.56 -9.76 -5.07
CA GLN A 42 9.27 -11.02 -4.40
C GLN A 42 8.98 -10.79 -2.92
N VAL A 43 7.85 -11.34 -2.47
CA VAL A 43 7.43 -11.22 -1.10
C VAL A 43 8.26 -12.15 -0.20
N LEU A 44 9.12 -11.54 0.58
CA LEU A 44 10.05 -12.26 1.42
C LEU A 44 9.36 -13.13 2.46
N ARG A 45 8.33 -12.57 3.12
CA ARG A 45 7.67 -13.28 4.22
C ARG A 45 6.39 -12.55 4.68
N TRP A 46 5.43 -13.31 5.23
CA TRP A 46 4.19 -12.75 5.76
C TRP A 46 4.27 -12.67 7.28
N LEU A 47 4.25 -11.43 7.79
CA LEU A 47 4.40 -11.18 9.23
C LEU A 47 3.08 -10.70 9.83
N ASP A 48 2.70 -11.31 10.96
CA ASP A 48 1.51 -10.90 11.70
C ASP A 48 1.88 -9.88 12.78
N GLN A 49 1.59 -8.60 12.51
CA GLN A 49 1.92 -7.53 13.45
C GLN A 49 1.17 -7.70 14.77
N GLY A 50 -0.10 -8.14 14.67
CA GLY A 50 -0.94 -8.33 15.86
C GLY A 50 -2.10 -7.37 15.85
N VAL A 51 -2.24 -6.60 16.94
CA VAL A 51 -3.30 -5.61 17.05
C VAL A 51 -2.71 -4.22 17.27
N ARG A 52 -3.13 -3.26 16.44
CA ARG A 52 -2.62 -1.89 16.56
C ARG A 52 -3.62 -0.86 15.99
N GLU A 53 -3.41 0.40 16.34
CA GLU A 53 -4.23 1.52 15.87
C GLU A 53 -3.95 1.76 14.38
N THR A 54 -5.02 2.07 13.60
CA THR A 54 -4.83 2.31 12.15
C THR A 54 -5.70 3.46 11.62
N TRP A 55 -5.20 4.09 10.55
CA TRP A 55 -5.87 5.22 9.90
C TRP A 55 -6.35 4.83 8.50
N LYS A 56 -7.59 5.22 8.16
CA LYS A 56 -8.18 4.91 6.85
C LYS A 56 -7.92 6.04 5.86
N ILE A 57 -6.80 5.96 5.15
CA ILE A 57 -6.47 6.96 4.12
C ILE A 57 -7.30 6.68 2.89
N LYS A 58 -8.30 7.53 2.68
CA LYS A 58 -9.24 7.36 1.58
C LYS A 58 -8.87 8.23 0.38
N THR A 59 -8.90 7.62 -0.79
CA THR A 59 -8.64 8.33 -2.06
C THR A 59 -9.75 8.05 -3.04
N PHE A 60 -9.84 8.87 -4.07
CA PHE A 60 -10.89 8.77 -5.07
C PHE A 60 -10.85 7.41 -5.77
N GLN A 61 -9.64 6.90 -6.02
CA GLN A 61 -9.50 5.63 -6.74
C GLN A 61 -9.56 4.43 -5.79
N THR A 62 -8.99 4.60 -4.59
CA THR A 62 -8.96 3.51 -3.59
C THR A 62 -8.93 4.05 -2.15
N GLU A 63 -8.81 3.14 -1.19
CA GLU A 63 -8.66 3.50 0.23
C GLU A 63 -7.96 2.34 0.95
N ILE A 64 -7.36 2.61 2.10
CA ILE A 64 -6.67 1.55 2.84
C ILE A 64 -6.36 1.96 4.29
N LYS A 65 -6.41 0.98 5.21
CA LYS A 65 -6.13 1.22 6.62
C LYS A 65 -4.77 0.64 7.03
N CYS A 66 -3.88 1.54 7.49
CA CYS A 66 -2.52 1.17 7.89
C CYS A 66 -2.02 2.10 8.99
N THR A 67 -0.82 1.81 9.52
CA THR A 67 -0.24 2.60 10.60
C THR A 67 -0.16 4.10 10.20
N GLY A 68 -0.69 4.97 11.08
CA GLY A 68 -0.72 6.41 10.84
C GLY A 68 0.67 7.03 10.74
N ASN A 69 1.57 6.61 11.62
CA ASN A 69 2.93 7.17 11.66
C ASN A 69 3.82 6.66 10.50
N HIS A 70 3.38 5.58 9.85
CA HIS A 70 4.11 5.02 8.71
C HIS A 70 3.99 5.95 7.49
N LEU A 71 5.10 6.08 6.73
CA LEU A 71 5.12 6.96 5.55
C LEU A 71 4.53 6.28 4.32
N ILE A 72 3.84 7.08 3.51
CA ILE A 72 3.21 6.63 2.27
C ILE A 72 3.57 7.58 1.13
N ARG A 73 3.89 7.04 -0.05
CA ARG A 73 4.34 7.86 -1.19
C ARG A 73 3.24 8.81 -1.67
N THR A 74 3.61 10.08 -1.84
CA THR A 74 2.70 11.10 -2.36
C THR A 74 3.38 11.88 -3.49
N ASP A 75 2.67 12.87 -4.05
CA ASP A 75 3.22 13.67 -5.15
C ASP A 75 4.53 14.36 -4.74
N LYS A 76 4.67 14.69 -3.44
CA LYS A 76 5.90 15.33 -2.92
C LYS A 76 6.94 14.26 -2.46
N GLY A 77 6.50 13.00 -2.31
CA GLY A 77 7.38 11.92 -1.87
C GLY A 77 6.80 11.20 -0.65
N TRP A 78 7.66 10.46 0.08
CA TRP A 78 7.21 9.72 1.28
C TRP A 78 6.82 10.70 2.37
N ILE A 79 5.59 10.55 2.88
CA ILE A 79 5.08 11.44 3.94
C ILE A 79 4.31 10.65 5.01
N LYS A 80 4.49 11.06 6.26
CA LYS A 80 3.78 10.45 7.41
C LYS A 80 2.28 10.43 7.14
N ALA A 81 1.63 9.26 7.36
CA ALA A 81 0.18 9.14 7.14
C ALA A 81 -0.58 10.17 7.97
N ALA A 82 -0.09 10.43 9.18
CA ALA A 82 -0.69 11.42 10.06
C ALA A 82 -0.70 12.80 9.40
N ASN A 83 0.40 13.12 8.69
CA ASN A 83 0.55 14.41 8.02
C ASN A 83 -0.34 14.51 6.77
N ILE A 84 -0.60 13.38 6.11
CA ILE A 84 -1.41 13.37 4.87
C ILE A 84 -2.76 14.02 5.11
N THR A 85 -3.18 14.83 4.14
CA THR A 85 -4.47 15.52 4.19
C THR A 85 -5.23 15.29 2.87
N PRO A 86 -6.56 15.51 2.80
CA PRO A 86 -7.34 15.25 1.56
C PRO A 86 -6.69 15.85 0.30
N LYS A 87 -6.08 17.02 0.45
CA LYS A 87 -5.44 17.72 -0.68
C LYS A 87 -4.27 16.92 -1.29
N MET A 88 -3.65 16.05 -0.47
CA MET A 88 -2.51 15.23 -0.94
C MET A 88 -2.96 14.25 -2.02
N LYS A 89 -2.07 13.98 -2.99
CA LYS A 89 -2.36 13.02 -4.06
C LYS A 89 -1.26 11.99 -4.15
N ILE A 90 -1.65 10.76 -4.51
CA ILE A 90 -0.70 9.63 -4.57
C ILE A 90 -0.73 8.94 -5.94
N LEU A 91 0.46 8.71 -6.51
CA LEU A 91 0.56 8.03 -7.80
C LEU A 91 0.32 6.53 -7.63
N SER A 92 -0.64 6.02 -8.40
CA SER A 92 -1.04 4.61 -8.33
C SER A 92 -1.09 3.97 -9.74
N PRO A 93 -0.95 2.63 -9.85
CA PRO A 93 -0.98 1.94 -11.19
C PRO A 93 -2.37 1.94 -11.81
N GLU A 94 -2.40 1.90 -13.14
CA GLU A 94 -3.65 1.86 -13.90
C GLU A 94 -3.69 0.63 -14.77
N ILE A 95 -4.86 -0.01 -14.83
CA ILE A 95 -5.03 -1.22 -15.63
C ILE A 95 -5.49 -0.86 -17.05
N ASP A 96 -4.72 -1.32 -18.03
CA ASP A 96 -4.98 -1.06 -19.43
C ASP A 96 -4.10 -1.99 -20.29
N ALA A 97 -3.87 -1.64 -21.57
CA ALA A 97 -2.99 -2.43 -22.43
C ALA A 97 -1.60 -2.49 -21.79
N ALA A 98 -1.18 -1.36 -21.22
CA ALA A 98 0.07 -1.27 -20.49
C ALA A 98 -0.16 -0.49 -19.19
N VAL A 99 0.42 -0.97 -18.09
CA VAL A 99 0.26 -0.33 -16.79
C VAL A 99 0.75 1.13 -16.84
N LYS A 100 -0.11 2.06 -16.39
CA LYS A 100 0.24 3.50 -16.39
C LYS A 100 0.01 4.14 -15.02
N THR A 101 0.84 5.13 -14.69
CA THR A 101 0.74 5.82 -13.39
C THR A 101 -0.37 6.88 -13.43
N ALA A 102 -0.97 7.14 -12.26
CA ALA A 102 -2.00 8.16 -12.14
C ALA A 102 -2.21 8.57 -10.69
N LEU A 103 -2.27 9.88 -10.44
CA LEU A 103 -2.47 10.41 -9.09
C LEU A 103 -3.93 10.23 -8.64
N GLN A 104 -4.11 9.94 -7.34
CA GLN A 104 -5.47 9.81 -6.77
C GLN A 104 -5.67 10.88 -5.69
N ASP A 105 -6.89 11.42 -5.63
CA ASP A 105 -7.22 12.50 -4.69
C ASP A 105 -7.70 11.96 -3.36
N VAL A 106 -6.94 12.26 -2.29
CA VAL A 106 -7.31 11.81 -0.96
C VAL A 106 -8.61 12.49 -0.54
N GLU A 107 -9.66 11.68 -0.31
CA GLU A 107 -10.94 12.23 0.15
C GLU A 107 -10.78 12.69 1.59
N SER A 108 -10.20 11.79 2.42
CA SER A 108 -9.91 12.08 3.83
C SER A 108 -9.28 10.87 4.50
N ILE A 109 -8.83 11.06 5.74
CA ILE A 109 -8.28 9.98 6.55
C ILE A 109 -9.19 9.75 7.76
N GLU A 110 -9.69 8.50 7.93
CA GLU A 110 -10.61 8.20 9.04
C GLU A 110 -10.06 7.11 9.95
N LYS A 111 -9.94 7.44 11.25
CA LYS A 111 -9.40 6.49 12.23
C LYS A 111 -10.30 5.27 12.43
N LEU A 112 -9.67 4.09 12.54
CA LEU A 112 -10.40 2.84 12.79
C LEU A 112 -10.07 2.28 14.18
N GLY A 113 -8.87 2.62 14.68
CA GLY A 113 -8.44 2.18 16.00
C GLY A 113 -7.76 0.81 15.95
N VAL A 114 -7.73 0.14 17.11
CA VAL A 114 -7.07 -1.16 17.24
C VAL A 114 -7.75 -2.20 16.34
N ASN A 115 -6.95 -2.79 15.45
CA ASN A 115 -7.44 -3.82 14.52
C ASN A 115 -6.39 -4.88 14.31
N HIS A 116 -6.82 -6.04 13.80
CA HIS A 116 -5.88 -7.11 13.47
C HIS A 116 -5.06 -6.65 12.28
N VAL A 117 -3.75 -6.85 12.34
CA VAL A 117 -2.83 -6.36 11.28
C VAL A 117 -1.88 -7.44 10.79
N TYR A 118 -1.67 -7.45 9.47
CA TYR A 118 -0.76 -8.39 8.82
C TYR A 118 -0.11 -7.67 7.63
N ASP A 119 1.14 -8.05 7.29
CA ASP A 119 1.84 -7.41 6.17
C ASP A 119 3.04 -8.25 5.72
N ILE A 120 3.58 -7.94 4.52
CA ILE A 120 4.74 -8.70 3.98
C ILE A 120 5.91 -7.76 3.63
N GLU A 121 7.06 -8.37 3.34
CA GLU A 121 8.28 -7.64 2.98
C GLU A 121 8.68 -8.00 1.56
N VAL A 122 9.44 -7.09 0.90
CA VAL A 122 9.90 -7.33 -0.49
C VAL A 122 11.43 -7.33 -0.58
N GLU A 123 11.95 -7.98 -1.62
CA GLU A 123 13.41 -8.21 -1.76
C GLU A 123 14.27 -6.94 -1.95
N HIS A 124 14.09 -6.23 -3.10
CA HIS A 124 15.01 -5.12 -3.45
C HIS A 124 14.44 -3.71 -3.23
N ASN A 125 13.32 -3.40 -3.89
CA ASN A 125 12.74 -2.05 -3.83
C ASN A 125 12.26 -1.67 -2.41
N HIS A 126 12.00 -2.69 -1.58
CA HIS A 126 11.54 -2.46 -0.19
C HIS A 126 10.24 -1.65 -0.14
N ASN A 127 9.41 -1.79 -1.18
CA ASN A 127 8.11 -1.11 -1.22
C ASN A 127 7.05 -2.05 -1.76
N PHE A 128 5.78 -1.79 -1.41
CA PHE A 128 4.66 -2.57 -1.91
C PHE A 128 3.42 -1.70 -2.01
N VAL A 129 2.45 -2.12 -2.82
CA VAL A 129 1.21 -1.35 -3.01
C VAL A 129 0.05 -2.08 -2.36
N ALA A 130 -0.56 -1.45 -1.34
CA ALA A 130 -1.72 -2.02 -0.66
C ALA A 130 -2.99 -1.31 -1.09
N ASN A 131 -3.88 -2.08 -1.74
CA ASN A 131 -5.15 -1.55 -2.24
C ASN A 131 -4.93 -0.26 -3.08
N GLY A 132 -3.89 -0.28 -3.92
CA GLY A 132 -3.58 0.87 -4.80
C GLY A 132 -2.76 1.96 -4.08
N LEU A 133 -2.42 1.76 -2.80
CA LEU A 133 -1.63 2.74 -2.04
C LEU A 133 -0.17 2.27 -1.92
N LEU A 134 0.77 3.08 -2.43
CA LEU A 134 2.20 2.74 -2.35
C LEU A 134 2.74 3.01 -0.95
N VAL A 135 3.29 1.96 -0.34
CA VAL A 135 3.81 2.02 1.02
C VAL A 135 5.30 1.60 1.08
N HIS A 136 6.10 2.39 1.81
CA HIS A 136 7.54 2.12 1.98
C HIS A 136 7.79 1.11 3.11
N ASN A 137 8.29 -0.09 2.76
CA ASN A 137 8.59 -1.12 3.78
C ASN A 137 9.77 -1.98 3.35
N GLU A 1 3.60 -0.02 5.90
CA GLU A 1 4.35 -0.84 6.89
C GLU A 1 3.43 -1.93 7.43
N ALA A 2 2.21 -1.54 7.82
CA ALA A 2 1.24 -2.47 8.37
C ALA A 2 -0.16 -2.18 7.81
N LEU A 3 -0.89 -3.26 7.46
CA LEU A 3 -2.25 -3.12 6.91
C LEU A 3 -3.23 -3.93 7.74
N THR A 4 -4.48 -3.45 7.85
CA THR A 4 -5.49 -4.19 8.62
C THR A 4 -5.83 -5.49 7.91
N GLY A 5 -6.38 -6.46 8.65
CA GLY A 5 -6.73 -7.77 8.07
C GLY A 5 -7.73 -7.63 6.94
N ASP A 6 -8.69 -6.72 7.12
CA ASP A 6 -9.73 -6.47 6.11
C ASP A 6 -9.16 -5.81 4.84
N ALA A 7 -8.03 -5.10 4.99
CA ALA A 7 -7.39 -4.41 3.87
C ALA A 7 -6.88 -5.40 2.83
N LEU A 8 -6.66 -4.91 1.60
CA LEU A 8 -6.17 -5.76 0.49
C LEU A 8 -4.89 -5.19 -0.12
N ILE A 9 -4.04 -6.10 -0.58
CA ILE A 9 -2.75 -5.74 -1.19
C ILE A 9 -2.65 -6.35 -2.60
N LEU A 10 -2.15 -5.55 -3.55
CA LEU A 10 -1.98 -6.01 -4.92
C LEU A 10 -0.92 -7.09 -4.99
N SER A 11 -1.20 -8.16 -5.74
CA SER A 11 -0.28 -9.25 -5.92
C SER A 11 -0.09 -9.53 -7.41
N ASP A 12 0.64 -10.59 -7.75
CA ASP A 12 0.89 -10.91 -9.15
C ASP A 12 -0.43 -11.13 -9.88
N ARG A 13 -1.35 -11.83 -9.21
CA ARG A 13 -2.67 -12.09 -9.77
C ARG A 13 -3.56 -10.82 -9.78
N GLY A 14 -3.41 -9.95 -8.75
CA GLY A 14 -4.22 -8.71 -8.67
C GLY A 14 -4.58 -8.33 -7.22
N TRP A 15 -5.61 -7.47 -7.07
CA TRP A 15 -6.08 -7.02 -5.74
C TRP A 15 -6.61 -8.20 -4.94
N LEU A 16 -5.96 -8.49 -3.79
CA LEU A 16 -6.38 -9.59 -2.92
C LEU A 16 -6.22 -9.24 -1.45
N ARG A 17 -6.94 -9.97 -0.61
CA ARG A 17 -6.88 -9.77 0.84
C ARG A 17 -5.43 -9.86 1.34
N ILE A 18 -5.09 -9.00 2.28
CA ILE A 18 -3.72 -8.94 2.84
C ILE A 18 -3.18 -10.32 3.26
N ASP A 19 -4.08 -11.28 3.50
CA ASP A 19 -3.67 -12.63 3.96
C ASP A 19 -3.86 -13.73 2.88
N ASP A 20 -4.08 -13.30 1.63
CA ASP A 20 -4.27 -14.25 0.51
C ASP A 20 -2.94 -14.91 0.05
N PRO A 21 -3.01 -16.16 -0.50
CA PRO A 21 -1.79 -16.91 -0.97
C PRO A 21 -0.95 -16.13 -1.98
N THR A 22 -1.63 -15.31 -2.82
CA THR A 22 -0.93 -14.56 -3.87
C THR A 22 0.16 -13.68 -3.29
N LEU A 23 -0.18 -12.75 -2.41
CA LEU A 23 0.85 -11.87 -1.83
C LEU A 23 1.76 -12.63 -0.84
N GLN A 24 1.29 -13.79 -0.35
CA GLN A 24 2.09 -14.60 0.58
C GLN A 24 2.98 -15.64 -0.16
N GLU A 25 2.80 -15.77 -1.50
CA GLU A 25 3.55 -16.78 -2.27
C GLU A 25 4.16 -16.24 -3.57
N CYS A 26 3.61 -15.14 -4.11
CA CYS A 26 4.11 -14.57 -5.38
C CYS A 26 4.42 -13.08 -5.24
N ARG A 27 4.89 -12.49 -6.33
CA ARG A 27 5.32 -11.09 -6.34
C ARG A 27 4.17 -10.13 -6.11
N VAL A 28 4.51 -8.95 -5.59
CA VAL A 28 3.54 -7.87 -5.37
C VAL A 28 4.05 -6.57 -5.98
N LEU A 29 3.14 -5.63 -6.24
CA LEU A 29 3.50 -4.37 -6.91
C LEU A 29 4.28 -3.43 -5.99
N SER A 30 5.26 -2.75 -6.59
CA SER A 30 6.08 -1.76 -5.90
C SER A 30 6.58 -0.73 -6.90
N TYR A 31 7.01 0.43 -6.39
CA TYR A 31 7.54 1.49 -7.26
C TYR A 31 9.04 1.51 -7.14
N ASN A 32 9.72 1.25 -8.25
CA ASN A 32 11.16 1.25 -8.28
C ASN A 32 11.68 2.67 -8.46
N GLU A 33 11.98 3.32 -7.33
CA GLU A 33 12.53 4.68 -7.37
C GLU A 33 13.85 4.72 -8.14
N SER A 34 14.53 3.57 -8.20
CA SER A 34 15.80 3.43 -8.89
C SER A 34 15.66 3.76 -10.38
N THR A 35 14.60 3.23 -11.02
CA THR A 35 14.39 3.46 -12.47
C THR A 35 13.07 4.25 -12.77
N GLN A 36 12.35 4.63 -11.72
CA GLN A 36 11.10 5.43 -11.85
C GLN A 36 9.99 4.70 -12.65
N GLN A 37 9.89 3.37 -12.47
CA GLN A 37 8.82 2.58 -13.13
C GLN A 37 8.32 1.44 -12.23
N TRP A 38 7.11 0.93 -12.54
CA TRP A 38 6.49 -0.13 -11.73
C TRP A 38 7.05 -1.51 -12.05
N GLU A 39 7.27 -2.32 -10.98
CA GLU A 39 7.73 -3.70 -11.14
C GLU A 39 7.15 -4.61 -10.05
N TRP A 40 7.18 -5.92 -10.32
CA TRP A 40 6.71 -6.92 -9.36
C TRP A 40 7.90 -7.51 -8.61
N GLN A 41 7.93 -7.30 -7.29
CA GLN A 41 8.99 -7.82 -6.43
C GLN A 41 8.47 -9.01 -5.66
N GLN A 42 9.36 -9.97 -5.37
CA GLN A 42 8.96 -11.20 -4.69
C GLN A 42 8.71 -10.95 -3.22
N VAL A 43 7.60 -11.53 -2.73
CA VAL A 43 7.22 -11.43 -1.35
C VAL A 43 8.07 -12.37 -0.51
N LEU A 44 8.97 -11.80 0.28
CA LEU A 44 9.91 -12.58 1.06
C LEU A 44 9.21 -13.48 2.06
N ARG A 45 8.22 -12.93 2.78
CA ARG A 45 7.54 -13.69 3.84
C ARG A 45 6.33 -12.91 4.38
N TRP A 46 5.34 -13.66 4.90
CA TRP A 46 4.16 -13.06 5.51
C TRP A 46 4.43 -12.74 6.98
N LEU A 47 4.36 -11.45 7.32
CA LEU A 47 4.64 -10.99 8.68
C LEU A 47 3.36 -10.52 9.37
N ASP A 48 2.97 -11.22 10.44
CA ASP A 48 1.78 -10.84 11.22
C ASP A 48 2.15 -9.79 12.26
N GLN A 49 1.14 -9.02 12.71
CA GLN A 49 1.36 -7.97 13.71
C GLN A 49 0.27 -7.96 14.79
N GLY A 50 -0.91 -8.50 14.45
CA GLY A 50 -2.03 -8.58 15.39
C GLY A 50 -2.47 -7.19 15.87
N VAL A 51 -2.59 -7.05 17.19
CA VAL A 51 -3.02 -5.80 17.81
C VAL A 51 -2.16 -4.61 17.34
N ARG A 52 -2.78 -3.73 16.53
CA ARG A 52 -2.08 -2.54 16.01
C ARG A 52 -3.08 -1.44 15.61
N GLU A 53 -2.71 -0.20 15.88
CA GLU A 53 -3.55 0.98 15.57
C GLU A 53 -3.48 1.29 14.06
N THR A 54 -4.62 1.74 13.47
CA THR A 54 -4.62 2.04 12.02
C THR A 54 -5.49 3.26 11.65
N TRP A 55 -5.04 3.98 10.60
CA TRP A 55 -5.77 5.13 10.05
C TRP A 55 -6.13 4.85 8.58
N LYS A 56 -7.39 5.13 8.20
CA LYS A 56 -7.87 4.88 6.83
C LYS A 56 -7.79 6.12 5.96
N ILE A 57 -6.77 6.14 5.10
CA ILE A 57 -6.62 7.19 4.11
C ILE A 57 -7.54 6.91 2.94
N LYS A 58 -8.60 7.70 2.86
CA LYS A 58 -9.61 7.54 1.83
C LYS A 58 -9.32 8.44 0.62
N THR A 59 -9.36 7.84 -0.58
CA THR A 59 -9.13 8.59 -1.84
C THR A 59 -10.24 8.28 -2.84
N PHE A 60 -10.33 9.09 -3.90
CA PHE A 60 -11.37 8.91 -4.91
C PHE A 60 -11.24 7.57 -5.65
N GLN A 61 -10.00 7.14 -5.90
CA GLN A 61 -9.77 5.89 -6.63
C GLN A 61 -9.70 4.68 -5.70
N THR A 62 -9.18 4.91 -4.48
CA THR A 62 -9.02 3.81 -3.50
C THR A 62 -9.18 4.28 -2.05
N GLU A 63 -9.08 3.32 -1.13
CA GLU A 63 -9.13 3.60 0.30
C GLU A 63 -8.41 2.45 1.05
N ILE A 64 -7.60 2.80 2.05
CA ILE A 64 -6.81 1.78 2.78
C ILE A 64 -6.47 2.22 4.21
N LYS A 65 -6.45 1.24 5.14
CA LYS A 65 -6.10 1.49 6.54
C LYS A 65 -4.77 0.83 6.89
N CYS A 66 -3.81 1.64 7.36
CA CYS A 66 -2.49 1.19 7.74
C CYS A 66 -2.07 1.79 9.07
N THR A 67 -0.84 1.48 9.54
CA THR A 67 -0.35 1.96 10.85
C THR A 67 -0.73 3.44 11.08
N GLY A 68 -0.54 4.27 10.06
CA GLY A 68 -0.89 5.70 10.14
C GLY A 68 0.29 6.56 10.63
N ASN A 69 1.36 5.90 11.13
CA ASN A 69 2.54 6.62 11.63
C ASN A 69 3.73 6.51 10.65
N HIS A 70 3.68 5.52 9.74
CA HIS A 70 4.73 5.32 8.75
C HIS A 70 4.48 6.18 7.52
N LEU A 71 5.57 6.53 6.83
CA LEU A 71 5.50 7.37 5.64
C LEU A 71 5.01 6.57 4.42
N ILE A 72 4.18 7.19 3.60
CA ILE A 72 3.67 6.57 2.37
C ILE A 72 3.94 7.49 1.18
N ARG A 73 4.01 6.92 -0.03
CA ARG A 73 4.32 7.71 -1.22
C ARG A 73 3.16 8.61 -1.62
N THR A 74 3.51 9.85 -1.97
CA THR A 74 2.56 10.82 -2.48
C THR A 74 3.21 11.62 -3.59
N ASP A 75 2.48 12.59 -4.12
CA ASP A 75 3.00 13.45 -5.19
C ASP A 75 4.29 14.13 -4.73
N LYS A 76 4.37 14.46 -3.43
CA LYS A 76 5.55 15.12 -2.86
C LYS A 76 6.51 14.09 -2.21
N GLY A 77 6.45 12.81 -2.65
CA GLY A 77 7.32 11.76 -2.12
C GLY A 77 6.77 11.18 -0.83
N TRP A 78 7.62 10.45 -0.10
CA TRP A 78 7.22 9.80 1.16
C TRP A 78 6.77 10.85 2.19
N ILE A 79 5.57 10.66 2.75
CA ILE A 79 5.02 11.56 3.76
C ILE A 79 4.28 10.76 4.85
N LYS A 80 4.43 11.18 6.10
CA LYS A 80 3.78 10.51 7.23
C LYS A 80 2.26 10.42 6.99
N ALA A 81 1.70 9.22 7.22
CA ALA A 81 0.27 8.97 6.99
C ALA A 81 -0.60 9.91 7.81
N ALA A 82 -0.19 10.13 9.07
CA ALA A 82 -0.90 11.04 9.96
C ALA A 82 -0.91 12.46 9.39
N ASN A 83 0.20 12.84 8.74
CA ASN A 83 0.34 14.18 8.15
C ASN A 83 -0.50 14.36 6.89
N ILE A 84 -0.79 13.25 6.19
CA ILE A 84 -1.57 13.31 4.93
C ILE A 84 -2.88 14.10 5.14
N THR A 85 -3.13 15.02 4.21
CA THR A 85 -4.33 15.85 4.23
C THR A 85 -5.15 15.60 2.94
N PRO A 86 -6.49 15.79 2.94
CA PRO A 86 -7.31 15.51 1.72
C PRO A 86 -6.67 16.08 0.44
N LYS A 87 -5.90 17.16 0.61
CA LYS A 87 -5.21 17.81 -0.51
C LYS A 87 -4.22 16.83 -1.18
N MET A 88 -3.51 16.04 -0.37
CA MET A 88 -2.49 15.12 -0.87
C MET A 88 -3.02 14.25 -2.01
N LYS A 89 -2.16 14.03 -3.01
CA LYS A 89 -2.47 13.18 -4.15
C LYS A 89 -1.43 12.08 -4.26
N ILE A 90 -1.86 10.84 -4.53
CA ILE A 90 -0.92 9.70 -4.62
C ILE A 90 -1.03 9.00 -5.97
N LEU A 91 0.12 8.81 -6.63
CA LEU A 91 0.18 8.09 -7.90
C LEU A 91 -0.18 6.62 -7.69
N SER A 92 -1.18 6.13 -8.44
CA SER A 92 -1.64 4.75 -8.31
C SER A 92 -1.38 3.95 -9.61
N PRO A 93 -0.82 2.71 -9.54
CA PRO A 93 -0.54 1.89 -10.76
C PRO A 93 -1.82 1.35 -11.38
N GLU A 94 -1.79 1.13 -12.70
CA GLU A 94 -2.94 0.59 -13.42
C GLU A 94 -2.54 -0.67 -14.18
N ILE A 95 -3.27 -1.77 -13.91
CA ILE A 95 -3.00 -3.05 -14.56
C ILE A 95 -3.84 -3.19 -15.82
N ASP A 96 -3.16 -3.32 -16.95
CA ASP A 96 -3.80 -3.45 -18.25
C ASP A 96 -2.74 -3.91 -19.29
N ALA A 97 -2.96 -3.61 -20.59
CA ALA A 97 -1.99 -3.98 -21.62
C ALA A 97 -0.62 -3.35 -21.30
N ALA A 98 -0.65 -2.11 -20.81
CA ALA A 98 0.57 -1.41 -20.40
C ALA A 98 0.36 -0.71 -19.07
N VAL A 99 1.27 -0.95 -18.11
CA VAL A 99 1.17 -0.34 -16.79
C VAL A 99 1.09 1.19 -16.90
N LYS A 100 0.14 1.80 -16.18
CA LYS A 100 -0.04 3.27 -16.23
C LYS A 100 -0.23 3.86 -14.84
N THR A 101 0.41 5.00 -14.60
CA THR A 101 0.32 5.69 -13.31
C THR A 101 -0.69 6.84 -13.39
N ALA A 102 -1.52 6.95 -12.35
CA ALA A 102 -2.52 8.02 -12.27
C ALA A 102 -2.75 8.44 -10.83
N LEU A 103 -2.67 9.74 -10.56
CA LEU A 103 -2.85 10.28 -9.21
C LEU A 103 -4.31 10.21 -8.77
N GLN A 104 -4.50 10.00 -7.46
CA GLN A 104 -5.82 9.97 -6.86
C GLN A 104 -5.89 11.05 -5.78
N ASP A 105 -7.09 11.56 -5.52
CA ASP A 105 -7.26 12.63 -4.54
C ASP A 105 -7.75 12.05 -3.23
N VAL A 106 -7.12 12.49 -2.14
CA VAL A 106 -7.50 12.01 -0.81
C VAL A 106 -8.76 12.75 -0.35
N GLU A 107 -9.85 12.00 -0.13
CA GLU A 107 -11.08 12.59 0.36
C GLU A 107 -10.86 13.02 1.82
N SER A 108 -10.23 12.13 2.59
CA SER A 108 -9.87 12.38 3.99
C SER A 108 -9.17 11.16 4.58
N ILE A 109 -8.81 11.25 5.87
CA ILE A 109 -8.16 10.15 6.58
C ILE A 109 -8.98 9.87 7.86
N GLU A 110 -9.27 8.58 8.14
CA GLU A 110 -10.12 8.24 9.31
C GLU A 110 -9.34 7.46 10.37
N LYS A 111 -9.79 7.57 11.62
CA LYS A 111 -9.16 6.84 12.72
C LYS A 111 -9.89 5.52 12.95
N LEU A 112 -9.19 4.41 12.67
CA LEU A 112 -9.77 3.06 12.84
C LEU A 112 -9.35 2.45 14.18
N GLY A 113 -8.22 2.92 14.73
CA GLY A 113 -7.74 2.45 16.01
C GLY A 113 -7.13 1.05 15.92
N VAL A 114 -7.14 0.35 17.05
CA VAL A 114 -6.56 -0.99 17.14
C VAL A 114 -7.41 -2.01 16.38
N ASN A 115 -6.75 -2.72 15.46
CA ASN A 115 -7.37 -3.77 14.65
C ASN A 115 -6.35 -4.87 14.39
N HIS A 116 -6.79 -5.95 13.74
CA HIS A 116 -5.87 -7.01 13.34
C HIS A 116 -5.07 -6.50 12.15
N VAL A 117 -3.74 -6.58 12.24
CA VAL A 117 -2.86 -6.00 11.20
C VAL A 117 -1.79 -7.00 10.71
N TYR A 118 -1.64 -7.09 9.39
CA TYR A 118 -0.68 -8.01 8.76
C TYR A 118 -0.02 -7.33 7.55
N ASP A 119 1.18 -7.80 7.17
CA ASP A 119 1.90 -7.23 6.01
C ASP A 119 3.03 -8.16 5.54
N ILE A 120 3.64 -7.84 4.38
CA ILE A 120 4.73 -8.67 3.82
C ILE A 120 5.96 -7.83 3.45
N GLU A 121 7.06 -8.52 3.10
CA GLU A 121 8.32 -7.87 2.73
C GLU A 121 8.67 -8.20 1.27
N VAL A 122 9.46 -7.31 0.61
CA VAL A 122 9.86 -7.56 -0.79
C VAL A 122 11.38 -7.53 -0.96
N GLU A 123 11.85 -8.23 -2.00
CA GLU A 123 13.31 -8.44 -2.23
C GLU A 123 14.14 -7.18 -2.56
N HIS A 124 13.60 -6.25 -3.39
CA HIS A 124 14.47 -5.15 -3.93
C HIS A 124 14.27 -3.77 -3.27
N ASN A 125 13.08 -3.16 -3.45
CA ASN A 125 12.85 -1.79 -2.94
C ASN A 125 12.23 -1.78 -1.54
N HIS A 126 11.93 -2.97 -1.00
CA HIS A 126 11.32 -3.06 0.34
C HIS A 126 10.06 -2.20 0.41
N ASN A 127 9.30 -2.17 -0.70
CA ASN A 127 8.07 -1.38 -0.79
C ASN A 127 6.95 -2.22 -1.42
N PHE A 128 5.69 -1.83 -1.15
CA PHE A 128 4.54 -2.53 -1.71
C PHE A 128 3.35 -1.59 -1.91
N VAL A 129 2.40 -2.00 -2.75
CA VAL A 129 1.20 -1.20 -3.01
C VAL A 129 -0.01 -1.89 -2.37
N ALA A 130 -0.68 -1.17 -1.44
CA ALA A 130 -1.86 -1.70 -0.77
C ALA A 130 -3.12 -1.01 -1.27
N ASN A 131 -4.01 -1.81 -1.88
CA ASN A 131 -5.27 -1.29 -2.38
C ASN A 131 -5.05 -0.10 -3.34
N GLY A 132 -4.00 -0.19 -4.17
CA GLY A 132 -3.68 0.87 -5.14
C GLY A 132 -2.91 2.04 -4.51
N LEU A 133 -2.60 1.94 -3.20
CA LEU A 133 -1.85 2.99 -2.50
C LEU A 133 -0.46 2.50 -2.12
N LEU A 134 0.57 3.18 -2.64
CA LEU A 134 1.96 2.80 -2.38
C LEU A 134 2.36 3.10 -0.94
N VAL A 135 2.76 2.03 -0.21
CA VAL A 135 3.16 2.16 1.19
C VAL A 135 4.60 1.62 1.38
N HIS A 136 5.42 2.41 2.06
CA HIS A 136 6.80 2.03 2.38
C HIS A 136 6.84 0.95 3.46
N ASN A 137 7.77 0.00 3.31
CA ASN A 137 7.93 -1.08 4.30
C ASN A 137 9.34 -1.07 4.88
N GLU A 1 3.40 -0.09 6.55
CA GLU A 1 3.99 -0.79 7.72
C GLU A 1 3.08 -1.95 8.11
N ALA A 2 1.80 -1.64 8.35
CA ALA A 2 0.82 -2.65 8.73
C ALA A 2 -0.53 -2.38 8.06
N LEU A 3 -1.20 -3.46 7.64
CA LEU A 3 -2.49 -3.35 6.98
C LEU A 3 -3.52 -4.16 7.75
N THR A 4 -4.77 -3.64 7.83
CA THR A 4 -5.82 -4.36 8.57
C THR A 4 -6.13 -5.70 7.91
N GLY A 5 -6.73 -6.63 8.67
CA GLY A 5 -7.01 -7.99 8.17
C GLY A 5 -7.91 -7.96 6.94
N ASP A 6 -8.91 -7.09 6.95
CA ASP A 6 -9.85 -6.99 5.81
C ASP A 6 -9.24 -6.23 4.62
N ALA A 7 -8.12 -5.53 4.86
CA ALA A 7 -7.43 -4.79 3.80
C ALA A 7 -6.92 -5.74 2.73
N LEU A 8 -6.65 -5.19 1.54
CA LEU A 8 -6.14 -6.00 0.42
C LEU A 8 -4.89 -5.38 -0.18
N ILE A 9 -4.00 -6.25 -0.66
CA ILE A 9 -2.73 -5.85 -1.26
C ILE A 9 -2.63 -6.42 -2.67
N LEU A 10 -2.14 -5.61 -3.62
CA LEU A 10 -2.02 -6.05 -5.00
C LEU A 10 -0.94 -7.12 -5.11
N SER A 11 -1.19 -8.15 -5.91
CA SER A 11 -0.26 -9.25 -6.10
C SER A 11 -0.13 -9.63 -7.57
N ASP A 12 0.58 -10.74 -7.85
CA ASP A 12 0.82 -11.17 -9.21
C ASP A 12 -0.49 -11.30 -9.99
N ARG A 13 -1.53 -11.84 -9.33
CA ARG A 13 -2.84 -11.97 -9.97
C ARG A 13 -3.59 -10.63 -10.01
N GLY A 14 -3.38 -9.81 -8.97
CA GLY A 14 -4.07 -8.52 -8.86
C GLY A 14 -4.47 -8.24 -7.40
N TRP A 15 -5.55 -7.43 -7.22
CA TRP A 15 -6.02 -7.09 -5.87
C TRP A 15 -6.51 -8.33 -5.12
N LEU A 16 -5.85 -8.64 -3.99
CA LEU A 16 -6.21 -9.78 -3.15
C LEU A 16 -6.04 -9.44 -1.67
N ARG A 17 -6.71 -10.20 -0.78
CA ARG A 17 -6.64 -9.94 0.67
C ARG A 17 -5.20 -9.97 1.20
N ILE A 18 -4.95 -9.19 2.26
CA ILE A 18 -3.61 -9.06 2.86
C ILE A 18 -2.98 -10.41 3.21
N ASP A 19 -3.79 -11.48 3.28
CA ASP A 19 -3.30 -12.82 3.61
C ASP A 19 -3.65 -13.85 2.51
N ASP A 20 -3.67 -13.38 1.26
CA ASP A 20 -3.98 -14.24 0.11
C ASP A 20 -2.68 -14.91 -0.44
N PRO A 21 -2.73 -16.18 -0.89
CA PRO A 21 -1.50 -16.91 -1.39
C PRO A 21 -0.68 -16.12 -2.42
N THR A 22 -1.35 -15.22 -3.16
CA THR A 22 -0.67 -14.44 -4.21
C THR A 22 0.43 -13.56 -3.63
N LEU A 23 0.19 -12.94 -2.46
CA LEU A 23 1.23 -12.13 -1.81
C LEU A 23 2.10 -12.98 -0.88
N GLN A 24 1.58 -14.16 -0.45
CA GLN A 24 2.33 -15.04 0.44
C GLN A 24 3.58 -15.59 -0.26
N GLU A 25 3.44 -15.95 -1.56
CA GLU A 25 4.57 -16.58 -2.29
C GLU A 25 4.82 -16.00 -3.70
N CYS A 26 3.92 -15.13 -4.21
CA CYS A 26 4.11 -14.56 -5.56
C CYS A 26 4.37 -13.07 -5.50
N ARG A 27 4.91 -12.54 -6.59
CA ARG A 27 5.34 -11.14 -6.66
C ARG A 27 4.19 -10.16 -6.43
N VAL A 28 4.55 -9.00 -5.87
CA VAL A 28 3.58 -7.93 -5.61
C VAL A 28 4.05 -6.60 -6.22
N LEU A 29 3.12 -5.65 -6.38
CA LEU A 29 3.44 -4.36 -7.01
C LEU A 29 4.19 -3.43 -6.08
N SER A 30 5.21 -2.77 -6.63
CA SER A 30 6.04 -1.81 -5.88
C SER A 30 6.62 -0.79 -6.84
N TYR A 31 7.21 0.28 -6.30
CA TYR A 31 7.83 1.30 -7.14
C TYR A 31 9.32 1.17 -7.11
N ASN A 32 9.91 0.86 -8.27
CA ASN A 32 11.34 0.71 -8.38
C ASN A 32 11.96 2.04 -8.76
N GLU A 33 12.04 2.93 -7.78
CA GLU A 33 12.63 4.26 -7.96
C GLU A 33 14.04 4.16 -8.55
N SER A 34 14.68 2.99 -8.38
CA SER A 34 15.99 2.73 -8.96
C SER A 34 15.89 2.81 -10.48
N THR A 35 14.83 2.20 -11.03
CA THR A 35 14.59 2.21 -12.49
C THR A 35 13.55 3.28 -12.90
N GLN A 36 12.94 3.95 -11.91
CA GLN A 36 11.93 5.00 -12.17
C GLN A 36 10.72 4.44 -12.95
N GLN A 37 10.30 3.22 -12.56
CA GLN A 37 9.14 2.57 -13.19
C GLN A 37 8.55 1.50 -12.28
N TRP A 38 7.30 1.07 -12.60
CA TRP A 38 6.63 0.03 -11.80
C TRP A 38 7.30 -1.31 -12.03
N GLU A 39 7.50 -2.05 -10.94
CA GLU A 39 8.13 -3.37 -11.01
C GLU A 39 7.51 -4.32 -10.01
N TRP A 40 7.56 -5.62 -10.33
CA TRP A 40 7.05 -6.65 -9.43
C TRP A 40 8.18 -7.18 -8.55
N GLN A 41 8.04 -6.98 -7.24
CA GLN A 41 9.05 -7.42 -6.27
C GLN A 41 8.60 -8.72 -5.62
N GLN A 42 9.58 -9.47 -5.09
CA GLN A 42 9.30 -10.75 -4.47
C GLN A 42 8.86 -10.57 -3.03
N VAL A 43 7.83 -11.32 -2.65
CA VAL A 43 7.29 -11.27 -1.30
C VAL A 43 8.22 -12.02 -0.35
N LEU A 44 8.93 -11.24 0.41
CA LEU A 44 9.95 -11.71 1.33
C LEU A 44 9.39 -12.65 2.40
N ARG A 45 8.42 -12.15 3.17
CA ARG A 45 7.87 -12.92 4.30
C ARG A 45 6.65 -12.22 4.90
N TRP A 46 5.64 -13.01 5.24
CA TRP A 46 4.41 -12.46 5.81
C TRP A 46 4.53 -12.26 7.31
N LEU A 47 4.55 -10.99 7.72
CA LEU A 47 4.66 -10.63 9.14
C LEU A 47 3.31 -10.14 9.68
N ASP A 48 2.87 -10.75 10.77
CA ASP A 48 1.63 -10.37 11.44
C ASP A 48 1.95 -9.34 12.54
N GLN A 49 1.28 -8.17 12.50
CA GLN A 49 1.53 -7.12 13.50
C GLN A 49 0.55 -7.19 14.70
N GLY A 50 -0.28 -8.25 14.74
CA GLY A 50 -1.23 -8.43 15.84
C GLY A 50 -2.31 -7.36 15.85
N VAL A 51 -2.43 -6.65 16.97
CA VAL A 51 -3.46 -5.63 17.12
C VAL A 51 -2.85 -4.25 17.39
N ARG A 52 -3.29 -3.27 16.61
CA ARG A 52 -2.84 -1.88 16.76
C ARG A 52 -3.85 -0.88 16.19
N GLU A 53 -3.61 0.40 16.46
CA GLU A 53 -4.45 1.48 15.93
C GLU A 53 -4.17 1.67 14.45
N THR A 54 -5.22 2.05 13.69
CA THR A 54 -5.03 2.26 12.24
C THR A 54 -5.81 3.47 11.73
N TRP A 55 -5.25 4.10 10.69
CA TRP A 55 -5.86 5.28 10.07
C TRP A 55 -6.40 4.93 8.69
N LYS A 56 -7.70 5.20 8.46
CA LYS A 56 -8.33 4.92 7.16
C LYS A 56 -8.13 6.07 6.21
N ILE A 57 -7.04 6.00 5.45
CA ILE A 57 -6.75 7.02 4.43
C ILE A 57 -7.63 6.78 3.23
N LYS A 58 -8.59 7.67 3.03
CA LYS A 58 -9.55 7.56 1.95
C LYS A 58 -9.15 8.42 0.76
N THR A 59 -9.25 7.83 -0.44
CA THR A 59 -8.95 8.55 -1.68
C THR A 59 -10.09 8.34 -2.68
N PHE A 60 -10.12 9.17 -3.71
CA PHE A 60 -11.18 9.12 -4.70
C PHE A 60 -11.18 7.78 -5.44
N GLN A 61 -9.98 7.22 -5.71
CA GLN A 61 -9.86 5.97 -6.45
C GLN A 61 -9.93 4.74 -5.53
N THR A 62 -9.48 4.91 -4.27
CA THR A 62 -9.48 3.79 -3.32
C THR A 62 -9.44 4.28 -1.85
N GLU A 63 -9.41 3.32 -0.93
CA GLU A 63 -9.32 3.60 0.50
C GLU A 63 -8.58 2.47 1.19
N ILE A 64 -7.94 2.76 2.33
CA ILE A 64 -7.15 1.75 3.04
C ILE A 64 -6.87 2.15 4.48
N LYS A 65 -6.79 1.15 5.38
CA LYS A 65 -6.48 1.41 6.79
C LYS A 65 -5.16 0.76 7.17
N CYS A 66 -4.22 1.60 7.61
CA CYS A 66 -2.88 1.17 7.97
C CYS A 66 -2.28 2.08 9.03
N THR A 67 -1.10 1.71 9.54
CA THR A 67 -0.42 2.48 10.59
C THR A 67 -0.35 3.96 10.19
N GLY A 68 -0.65 4.84 11.15
CA GLY A 68 -0.70 6.29 10.90
C GLY A 68 0.67 6.99 11.04
N ASN A 69 1.73 6.21 11.32
CA ASN A 69 3.08 6.79 11.50
C ASN A 69 4.06 6.41 10.38
N HIS A 70 3.65 5.48 9.49
CA HIS A 70 4.50 5.06 8.37
C HIS A 70 4.39 6.08 7.21
N LEU A 71 5.42 6.15 6.37
CA LEU A 71 5.42 7.07 5.22
C LEU A 71 4.91 6.38 3.96
N ILE A 72 4.08 7.11 3.21
CA ILE A 72 3.52 6.63 1.94
C ILE A 72 3.86 7.62 0.84
N ARG A 73 3.95 7.14 -0.41
CA ARG A 73 4.35 8.01 -1.52
C ARG A 73 3.31 9.07 -1.82
N THR A 74 3.82 10.27 -2.11
CA THR A 74 2.99 11.41 -2.46
C THR A 74 3.56 12.06 -3.72
N ASP A 75 2.73 12.84 -4.42
CA ASP A 75 3.17 13.50 -5.67
C ASP A 75 4.52 14.24 -5.46
N LYS A 76 4.84 14.58 -4.20
CA LYS A 76 6.11 15.25 -3.88
C LYS A 76 7.15 14.29 -3.26
N GLY A 77 6.69 13.11 -2.79
CA GLY A 77 7.59 12.11 -2.20
C GLY A 77 6.96 11.40 -0.99
N TRP A 78 7.78 10.63 -0.26
CA TRP A 78 7.30 9.89 0.92
C TRP A 78 6.84 10.87 2.00
N ILE A 79 5.64 10.60 2.56
CA ILE A 79 5.07 11.46 3.62
C ILE A 79 4.39 10.60 4.70
N LYS A 80 4.61 10.97 5.96
CA LYS A 80 4.01 10.25 7.10
C LYS A 80 2.48 10.23 6.99
N ALA A 81 1.88 9.07 7.34
CA ALA A 81 0.42 8.90 7.24
C ALA A 81 -0.31 9.93 8.09
N ALA A 82 0.25 10.23 9.26
CA ALA A 82 -0.32 11.24 10.16
C ALA A 82 -0.40 12.60 9.46
N ASN A 83 0.64 12.90 8.67
CA ASN A 83 0.73 14.17 7.94
C ASN A 83 -0.26 14.24 6.77
N ILE A 84 -0.61 13.07 6.20
CA ILE A 84 -1.50 13.03 5.04
C ILE A 84 -2.79 13.81 5.31
N THR A 85 -3.18 14.60 4.31
CA THR A 85 -4.36 15.45 4.36
C THR A 85 -5.16 15.29 3.04
N PRO A 86 -6.50 15.52 3.03
CA PRO A 86 -7.31 15.33 1.78
C PRO A 86 -6.65 15.98 0.56
N LYS A 87 -5.99 17.11 0.77
CA LYS A 87 -5.28 17.81 -0.32
C LYS A 87 -4.21 16.90 -0.93
N MET A 88 -3.54 16.13 -0.08
CA MET A 88 -2.46 15.23 -0.50
C MET A 88 -2.91 14.35 -1.69
N LYS A 89 -1.99 14.10 -2.63
CA LYS A 89 -2.31 13.30 -3.82
C LYS A 89 -1.23 12.21 -4.03
N ILE A 90 -1.69 10.96 -4.26
CA ILE A 90 -0.77 9.81 -4.39
C ILE A 90 -0.96 9.07 -5.73
N LEU A 91 0.17 8.75 -6.38
CA LEU A 91 0.15 7.99 -7.64
C LEU A 91 -0.20 6.53 -7.40
N SER A 92 -1.09 5.99 -8.24
CA SER A 92 -1.53 4.59 -8.14
C SER A 92 -1.39 3.87 -9.50
N PRO A 93 -1.08 2.55 -9.51
CA PRO A 93 -0.94 1.78 -10.79
C PRO A 93 -2.30 1.45 -11.41
N GLU A 94 -2.32 1.29 -12.75
CA GLU A 94 -3.53 0.94 -13.46
C GLU A 94 -3.31 -0.34 -14.26
N ILE A 95 -4.26 -1.27 -14.16
CA ILE A 95 -4.17 -2.55 -14.85
C ILE A 95 -4.81 -2.47 -16.24
N ASP A 96 -4.00 -2.76 -17.25
CA ASP A 96 -4.43 -2.73 -18.64
C ASP A 96 -3.37 -3.42 -19.52
N ALA A 97 -3.34 -3.12 -20.84
CA ALA A 97 -2.34 -3.71 -21.72
C ALA A 97 -0.94 -3.35 -21.22
N ALA A 98 -0.79 -2.10 -20.75
CA ALA A 98 0.46 -1.63 -20.16
C ALA A 98 0.16 -0.83 -18.89
N VAL A 99 0.86 -1.17 -17.80
CA VAL A 99 0.66 -0.48 -16.50
C VAL A 99 0.72 1.04 -16.69
N LYS A 100 -0.26 1.75 -16.12
CA LYS A 100 -0.33 3.21 -16.24
C LYS A 100 -0.53 3.87 -14.87
N THR A 101 0.29 4.89 -14.60
CA THR A 101 0.21 5.61 -13.33
C THR A 101 -0.91 6.67 -13.35
N ALA A 102 -1.62 6.79 -12.23
CA ALA A 102 -2.69 7.78 -12.09
C ALA A 102 -2.79 8.26 -10.65
N LEU A 103 -2.75 9.58 -10.47
CA LEU A 103 -2.81 10.17 -9.13
C LEU A 103 -4.22 10.16 -8.58
N GLN A 104 -4.32 10.01 -7.24
CA GLN A 104 -5.61 9.95 -6.56
C GLN A 104 -5.68 11.07 -5.52
N ASP A 105 -6.89 11.59 -5.29
CA ASP A 105 -7.09 12.67 -4.33
C ASP A 105 -7.63 12.14 -3.03
N VAL A 106 -6.96 12.48 -1.93
CA VAL A 106 -7.39 12.03 -0.61
C VAL A 106 -8.66 12.79 -0.21
N GLU A 107 -9.69 12.05 0.18
CA GLU A 107 -10.95 12.65 0.60
C GLU A 107 -10.91 12.93 2.10
N SER A 108 -10.39 11.97 2.87
CA SER A 108 -10.25 12.11 4.31
C SER A 108 -9.58 10.89 4.93
N ILE A 109 -9.04 11.07 6.14
CA ILE A 109 -8.43 9.97 6.91
C ILE A 109 -9.27 9.72 8.15
N GLU A 110 -9.79 8.49 8.31
CA GLU A 110 -10.66 8.17 9.46
C GLU A 110 -10.05 7.12 10.38
N LYS A 111 -9.83 7.48 11.64
CA LYS A 111 -9.30 6.55 12.63
C LYS A 111 -10.30 5.44 12.92
N LEU A 112 -9.78 4.23 13.10
CA LEU A 112 -10.63 3.06 13.41
C LEU A 112 -10.23 2.47 14.75
N GLY A 113 -8.93 2.51 15.05
CA GLY A 113 -8.41 2.03 16.32
C GLY A 113 -7.87 0.63 16.22
N VAL A 114 -7.92 -0.09 17.34
CA VAL A 114 -7.36 -1.44 17.43
C VAL A 114 -8.01 -2.36 16.39
N ASN A 115 -7.16 -2.91 15.52
CA ASN A 115 -7.59 -3.83 14.49
C ASN A 115 -6.55 -4.91 14.28
N HIS A 116 -6.98 -6.03 13.67
CA HIS A 116 -6.06 -7.10 13.33
C HIS A 116 -5.21 -6.63 12.17
N VAL A 117 -3.88 -6.76 12.30
CA VAL A 117 -2.95 -6.26 11.28
C VAL A 117 -2.03 -7.35 10.77
N TYR A 118 -1.79 -7.30 9.47
CA TYR A 118 -0.88 -8.24 8.81
C TYR A 118 -0.20 -7.49 7.67
N ASP A 119 1.03 -7.88 7.34
CA ASP A 119 1.75 -7.21 6.25
C ASP A 119 2.88 -8.09 5.78
N ILE A 120 3.38 -7.84 4.54
CA ILE A 120 4.47 -8.63 3.97
C ILE A 120 5.59 -7.76 3.42
N GLU A 121 6.80 -8.23 3.65
CA GLU A 121 8.02 -7.53 3.26
C GLU A 121 8.48 -8.03 1.92
N VAL A 122 9.26 -7.19 1.21
CA VAL A 122 9.77 -7.56 -0.12
C VAL A 122 11.28 -7.38 -0.18
N GLU A 123 11.90 -7.99 -1.18
CA GLU A 123 13.39 -8.03 -1.28
C GLU A 123 14.04 -6.84 -2.05
N HIS A 124 13.86 -6.80 -3.38
CA HIS A 124 14.63 -5.85 -4.23
C HIS A 124 14.40 -4.35 -3.91
N ASN A 125 13.14 -3.90 -3.82
CA ASN A 125 12.87 -2.44 -3.59
C ASN A 125 12.38 -2.12 -2.17
N HIS A 126 12.17 -3.15 -1.35
CA HIS A 126 11.71 -2.95 0.03
C HIS A 126 10.42 -2.10 0.06
N ASN A 127 9.56 -2.31 -0.96
CA ASN A 127 8.30 -1.56 -1.07
C ASN A 127 7.15 -2.45 -1.56
N PHE A 128 5.92 -2.06 -1.22
CA PHE A 128 4.73 -2.74 -1.71
C PHE A 128 3.56 -1.77 -1.81
N VAL A 129 2.54 -2.14 -2.60
CA VAL A 129 1.36 -1.30 -2.80
C VAL A 129 0.12 -2.01 -2.24
N ALA A 130 -0.60 -1.31 -1.35
CA ALA A 130 -1.81 -1.88 -0.74
C ALA A 130 -3.05 -1.06 -1.10
N ASN A 131 -4.09 -1.76 -1.59
CA ASN A 131 -5.35 -1.12 -1.97
C ASN A 131 -5.12 -0.02 -3.03
N GLY A 132 -4.08 -0.20 -3.86
CA GLY A 132 -3.74 0.77 -4.91
C GLY A 132 -2.93 1.96 -4.36
N LEU A 133 -2.59 1.94 -3.05
CA LEU A 133 -1.82 3.01 -2.43
C LEU A 133 -0.37 2.54 -2.19
N LEU A 134 0.58 3.27 -2.77
CA LEU A 134 2.00 2.91 -2.66
C LEU A 134 2.53 3.20 -1.25
N VAL A 135 3.08 2.15 -0.62
CA VAL A 135 3.59 2.25 0.76
C VAL A 135 5.05 1.77 0.85
N HIS A 136 5.87 2.56 1.53
CA HIS A 136 7.28 2.24 1.76
C HIS A 136 7.42 1.32 2.98
N ASN A 137 8.21 0.25 2.84
CA ASN A 137 8.44 -0.69 3.94
C ASN A 137 9.58 -1.65 3.63
N GLU A 1 3.35 0.05 6.32
CA GLU A 1 4.05 -0.81 7.32
C GLU A 1 3.13 -1.95 7.74
N ALA A 2 1.92 -1.61 8.19
CA ALA A 2 0.95 -2.62 8.62
C ALA A 2 -0.43 -2.34 8.03
N LEU A 3 -1.06 -3.38 7.48
CA LEU A 3 -2.39 -3.27 6.88
C LEU A 3 -3.38 -4.07 7.71
N THR A 4 -4.61 -3.55 7.89
CA THR A 4 -5.63 -4.29 8.67
C THR A 4 -5.91 -5.63 7.99
N GLY A 5 -6.44 -6.58 8.76
CA GLY A 5 -6.70 -7.93 8.25
C GLY A 5 -7.66 -7.89 7.06
N ASP A 6 -8.68 -7.05 7.16
CA ASP A 6 -9.68 -6.90 6.10
C ASP A 6 -9.10 -6.21 4.85
N ALA A 7 -8.03 -5.42 5.05
CA ALA A 7 -7.40 -4.69 3.94
C ALA A 7 -6.89 -5.64 2.86
N LEU A 8 -6.73 -5.09 1.65
CA LEU A 8 -6.27 -5.89 0.50
C LEU A 8 -5.04 -5.26 -0.16
N ILE A 9 -4.14 -6.11 -0.65
CA ILE A 9 -2.88 -5.68 -1.27
C ILE A 9 -2.75 -6.26 -2.67
N LEU A 10 -2.17 -5.47 -3.58
CA LEU A 10 -1.95 -5.91 -4.95
C LEU A 10 -0.93 -7.04 -5.00
N SER A 11 -1.23 -8.05 -5.82
CA SER A 11 -0.36 -9.19 -6.00
C SER A 11 -0.34 -9.59 -7.48
N ASP A 12 0.47 -10.62 -7.81
CA ASP A 12 0.64 -11.02 -9.22
C ASP A 12 -0.71 -11.14 -9.96
N ARG A 13 -1.74 -11.71 -9.29
CA ARG A 13 -3.06 -11.84 -9.92
C ARG A 13 -3.89 -10.53 -9.87
N GLY A 14 -3.64 -9.69 -8.84
CA GLY A 14 -4.37 -8.42 -8.70
C GLY A 14 -4.73 -8.11 -7.24
N TRP A 15 -5.79 -7.30 -7.04
CA TRP A 15 -6.24 -6.92 -5.68
C TRP A 15 -6.78 -8.13 -4.93
N LEU A 16 -6.11 -8.50 -3.83
CA LEU A 16 -6.55 -9.62 -3.00
C LEU A 16 -6.27 -9.32 -1.51
N ARG A 17 -6.92 -10.08 -0.62
CA ARG A 17 -6.77 -9.88 0.83
C ARG A 17 -5.30 -9.94 1.26
N ILE A 18 -4.97 -9.16 2.30
CA ILE A 18 -3.61 -9.03 2.83
C ILE A 18 -2.99 -10.38 3.23
N ASP A 19 -3.83 -11.40 3.48
CA ASP A 19 -3.32 -12.72 3.91
C ASP A 19 -3.57 -13.83 2.87
N ASP A 20 -3.62 -13.44 1.59
CA ASP A 20 -3.85 -14.42 0.51
C ASP A 20 -2.51 -15.06 0.00
N PRO A 21 -2.57 -16.25 -0.62
CA PRO A 21 -1.35 -16.93 -1.20
C PRO A 21 -0.64 -16.09 -2.26
N THR A 22 -1.40 -15.21 -2.95
CA THR A 22 -0.84 -14.41 -4.06
C THR A 22 0.29 -13.52 -3.57
N LEU A 23 0.05 -12.75 -2.50
CA LEU A 23 1.10 -11.87 -1.94
C LEU A 23 2.03 -12.63 -0.98
N GLN A 24 1.60 -13.82 -0.54
CA GLN A 24 2.40 -14.64 0.38
C GLN A 24 3.45 -15.50 -0.38
N GLU A 25 3.10 -15.91 -1.61
CA GLU A 25 3.98 -16.81 -2.41
C GLU A 25 4.38 -16.23 -3.77
N CYS A 26 3.74 -15.13 -4.20
CA CYS A 26 4.06 -14.52 -5.50
C CYS A 26 4.42 -13.05 -5.35
N ARG A 27 4.87 -12.46 -6.45
CA ARG A 27 5.34 -11.08 -6.46
C ARG A 27 4.20 -10.09 -6.26
N VAL A 28 4.54 -8.91 -5.74
CA VAL A 28 3.55 -7.83 -5.52
C VAL A 28 4.01 -6.53 -6.19
N LEU A 29 3.05 -5.62 -6.46
CA LEU A 29 3.36 -4.36 -7.14
C LEU A 29 4.10 -3.38 -6.24
N SER A 30 5.13 -2.77 -6.81
CA SER A 30 5.96 -1.78 -6.10
C SER A 30 6.45 -0.75 -7.10
N TYR A 31 6.98 0.38 -6.59
CA TYR A 31 7.54 1.40 -7.47
C TYR A 31 9.03 1.44 -7.27
N ASN A 32 9.76 0.98 -8.28
CA ASN A 32 11.21 0.95 -8.19
C ASN A 32 11.78 2.33 -8.45
N GLU A 33 12.16 3.00 -7.37
CA GLU A 33 12.74 4.35 -7.47
C GLU A 33 14.04 4.32 -8.28
N SER A 34 14.78 3.23 -8.15
CA SER A 34 16.06 3.05 -8.85
C SER A 34 15.87 3.11 -10.36
N THR A 35 14.80 2.47 -10.84
CA THR A 35 14.50 2.40 -12.27
C THR A 35 13.48 3.49 -12.70
N GLN A 36 12.76 4.06 -11.73
CA GLN A 36 11.71 5.06 -11.97
C GLN A 36 10.54 4.44 -12.79
N GLN A 37 10.28 3.14 -12.56
CA GLN A 37 9.20 2.43 -13.25
C GLN A 37 8.52 1.42 -12.33
N TRP A 38 7.28 1.01 -12.68
CA TRP A 38 6.56 0.00 -11.90
C TRP A 38 7.15 -1.38 -12.15
N GLU A 39 7.38 -2.12 -11.08
CA GLU A 39 7.95 -3.47 -11.18
C GLU A 39 7.40 -4.38 -10.09
N TRP A 40 7.46 -5.70 -10.35
CA TRP A 40 7.01 -6.69 -9.37
C TRP A 40 8.18 -7.13 -8.49
N GLN A 41 7.95 -7.08 -7.18
CA GLN A 41 8.98 -7.47 -6.19
C GLN A 41 8.65 -8.85 -5.65
N GLN A 42 9.63 -9.51 -5.00
CA GLN A 42 9.37 -10.84 -4.43
C GLN A 42 9.02 -10.73 -2.96
N VAL A 43 7.91 -11.37 -2.58
CA VAL A 43 7.43 -11.34 -1.20
C VAL A 43 8.20 -12.31 -0.32
N LEU A 44 8.94 -11.75 0.64
CA LEU A 44 9.79 -12.55 1.52
C LEU A 44 9.00 -13.33 2.56
N ARG A 45 8.15 -12.63 3.35
CA ARG A 45 7.45 -13.30 4.45
C ARG A 45 6.23 -12.51 4.97
N TRP A 46 5.22 -13.25 5.42
CA TRP A 46 4.00 -12.64 5.97
C TRP A 46 4.15 -12.47 7.48
N LEU A 47 4.17 -11.20 7.92
CA LEU A 47 4.35 -10.86 9.34
C LEU A 47 3.06 -10.35 9.96
N ASP A 48 2.66 -10.98 11.07
CA ASP A 48 1.48 -10.58 11.82
C ASP A 48 1.86 -9.61 12.94
N GLN A 49 1.68 -8.30 12.69
CA GLN A 49 1.99 -7.28 13.68
C GLN A 49 1.10 -7.44 14.92
N GLY A 50 -0.16 -7.80 14.69
CA GLY A 50 -1.11 -8.00 15.78
C GLY A 50 -1.97 -6.77 16.02
N VAL A 51 -2.48 -6.63 17.24
CA VAL A 51 -3.35 -5.49 17.60
C VAL A 51 -2.57 -4.17 17.53
N ARG A 52 -3.03 -3.27 16.64
CA ARG A 52 -2.39 -1.95 16.47
C ARG A 52 -3.37 -0.93 15.87
N GLU A 53 -3.22 0.32 16.30
CA GLU A 53 -4.06 1.44 15.85
C GLU A 53 -3.89 1.67 14.35
N THR A 54 -5.00 2.03 13.64
CA THR A 54 -4.90 2.26 12.17
C THR A 54 -5.64 3.53 11.70
N TRP A 55 -5.05 4.20 10.69
CA TRP A 55 -5.63 5.39 10.07
C TRP A 55 -6.11 5.03 8.66
N LYS A 56 -7.34 5.45 8.29
CA LYS A 56 -7.90 5.07 6.98
C LYS A 56 -7.82 6.18 5.93
N ILE A 57 -6.77 6.09 5.12
CA ILE A 57 -6.55 7.00 3.99
C ILE A 57 -7.59 6.71 2.90
N LYS A 58 -8.62 7.52 2.90
CA LYS A 58 -9.69 7.42 1.94
C LYS A 58 -9.35 8.26 0.71
N THR A 59 -9.41 7.65 -0.48
CA THR A 59 -9.10 8.37 -1.73
C THR A 59 -10.23 8.17 -2.73
N PHE A 60 -10.26 9.05 -3.74
CA PHE A 60 -11.31 9.04 -4.74
C PHE A 60 -11.32 7.72 -5.53
N GLN A 61 -10.12 7.21 -5.85
CA GLN A 61 -10.01 5.98 -6.63
C GLN A 61 -10.02 4.73 -5.74
N THR A 62 -9.45 4.85 -4.54
CA THR A 62 -9.36 3.70 -3.62
C THR A 62 -9.45 4.13 -2.14
N GLU A 63 -9.28 3.17 -1.23
CA GLU A 63 -9.31 3.42 0.21
C GLU A 63 -8.53 2.33 0.95
N ILE A 64 -7.88 2.68 2.07
CA ILE A 64 -7.06 1.70 2.81
C ILE A 64 -6.74 2.17 4.25
N LYS A 65 -6.67 1.20 5.20
CA LYS A 65 -6.34 1.49 6.60
C LYS A 65 -5.05 0.79 7.00
N CYS A 66 -4.11 1.57 7.54
CA CYS A 66 -2.80 1.08 7.94
C CYS A 66 -2.33 1.75 9.24
N THR A 67 -1.12 1.40 9.70
CA THR A 67 -0.59 1.94 10.97
C THR A 67 -0.79 3.47 11.06
N GLY A 68 -0.49 4.18 9.96
CA GLY A 68 -0.67 5.64 9.91
C GLY A 68 0.61 6.41 10.33
N ASN A 69 1.61 5.68 10.86
CA ASN A 69 2.86 6.31 11.32
C ASN A 69 3.98 6.21 10.27
N HIS A 70 3.83 5.27 9.32
CA HIS A 70 4.80 5.09 8.24
C HIS A 70 4.50 6.01 7.07
N LEU A 71 5.52 6.30 6.27
CA LEU A 71 5.37 7.18 5.11
C LEU A 71 4.79 6.41 3.93
N ILE A 72 3.87 7.08 3.19
CA ILE A 72 3.30 6.51 1.97
C ILE A 72 3.53 7.46 0.80
N ARG A 73 3.77 6.91 -0.39
CA ARG A 73 4.11 7.73 -1.55
C ARG A 73 3.04 8.76 -1.85
N THR A 74 3.48 9.98 -2.12
CA THR A 74 2.60 11.10 -2.44
C THR A 74 3.19 11.89 -3.62
N ASP A 75 2.42 12.84 -4.17
CA ASP A 75 2.88 13.61 -5.33
C ASP A 75 4.24 14.26 -5.05
N LYS A 76 4.46 14.69 -3.80
CA LYS A 76 5.74 15.30 -3.42
C LYS A 76 6.76 14.24 -2.90
N GLY A 77 6.31 12.98 -2.74
CA GLY A 77 7.21 11.89 -2.29
C GLY A 77 6.62 11.14 -1.10
N TRP A 78 7.43 10.20 -0.54
CA TRP A 78 7.01 9.40 0.61
C TRP A 78 6.90 10.30 1.86
N ILE A 79 5.67 10.43 2.38
CA ILE A 79 5.39 11.30 3.54
C ILE A 79 4.59 10.54 4.61
N LYS A 80 4.91 10.81 5.89
CA LYS A 80 4.24 10.18 7.02
C LYS A 80 2.71 10.30 6.88
N ALA A 81 2.01 9.17 7.11
CA ALA A 81 0.55 9.11 6.97
C ALA A 81 -0.14 10.11 7.88
N ALA A 82 0.39 10.27 9.10
CA ALA A 82 -0.16 11.23 10.04
C ALA A 82 -0.13 12.64 9.44
N ASN A 83 0.94 12.93 8.68
CA ASN A 83 1.11 14.24 8.03
C ASN A 83 0.15 14.41 6.85
N ILE A 84 -0.18 13.28 6.17
CA ILE A 84 -1.05 13.32 4.99
C ILE A 84 -2.40 13.99 5.31
N THR A 85 -2.87 14.77 4.36
CA THR A 85 -4.15 15.48 4.46
C THR A 85 -4.97 15.19 3.20
N PRO A 86 -6.32 15.38 3.20
CA PRO A 86 -7.15 15.09 2.00
C PRO A 86 -6.61 15.76 0.72
N LYS A 87 -5.87 16.86 0.90
CA LYS A 87 -5.27 17.58 -0.22
C LYS A 87 -4.27 16.69 -0.96
N MET A 88 -3.50 15.92 -0.19
CA MET A 88 -2.45 15.07 -0.75
C MET A 88 -3.00 14.12 -1.82
N LYS A 89 -2.19 13.89 -2.86
CA LYS A 89 -2.56 12.99 -3.95
C LYS A 89 -1.50 11.90 -4.10
N ILE A 90 -1.94 10.67 -4.38
CA ILE A 90 -1.02 9.53 -4.51
C ILE A 90 -1.18 8.83 -5.87
N LEU A 91 -0.04 8.60 -6.53
CA LEU A 91 -0.02 7.91 -7.82
C LEU A 91 -0.36 6.43 -7.63
N SER A 92 -1.38 5.97 -8.37
CA SER A 92 -1.82 4.58 -8.29
C SER A 92 -1.57 3.83 -9.63
N PRO A 93 -1.21 2.53 -9.60
CA PRO A 93 -0.96 1.74 -10.86
C PRO A 93 -2.25 1.39 -11.58
N GLU A 94 -2.15 1.24 -12.91
CA GLU A 94 -3.30 0.87 -13.74
C GLU A 94 -2.98 -0.36 -14.57
N ILE A 95 -3.94 -1.28 -14.65
CA ILE A 95 -3.77 -2.54 -15.38
C ILE A 95 -4.25 -2.39 -16.83
N ASP A 96 -3.35 -2.66 -17.76
CA ASP A 96 -3.63 -2.58 -19.19
C ASP A 96 -2.46 -3.20 -19.98
N ALA A 97 -2.34 -2.89 -21.29
CA ALA A 97 -1.24 -3.42 -22.10
C ALA A 97 0.10 -3.01 -21.49
N ALA A 98 0.16 -1.77 -21.00
CA ALA A 98 1.33 -1.27 -20.30
C ALA A 98 0.89 -0.49 -19.06
N VAL A 99 1.44 -0.85 -17.90
CA VAL A 99 1.07 -0.20 -16.63
C VAL A 99 1.03 1.33 -16.77
N LYS A 100 -0.03 1.95 -16.22
CA LYS A 100 -0.18 3.41 -16.30
C LYS A 100 -0.45 4.01 -14.92
N THR A 101 0.20 5.15 -14.65
CA THR A 101 0.08 5.81 -13.34
C THR A 101 -0.97 6.93 -13.36
N ALA A 102 -1.78 7.00 -12.30
CA ALA A 102 -2.80 8.04 -12.16
C ALA A 102 -2.97 8.42 -10.69
N LEU A 103 -2.88 9.72 -10.40
CA LEU A 103 -2.99 10.23 -9.04
C LEU A 103 -4.42 10.15 -8.52
N GLN A 104 -4.55 9.91 -7.21
CA GLN A 104 -5.86 9.83 -6.55
C GLN A 104 -5.97 10.95 -5.51
N ASP A 105 -7.18 11.46 -5.31
CA ASP A 105 -7.41 12.55 -4.35
C ASP A 105 -7.87 12.00 -3.01
N VAL A 106 -7.07 12.27 -1.95
CA VAL A 106 -7.43 11.77 -0.62
C VAL A 106 -8.68 12.50 -0.13
N GLU A 107 -9.77 11.75 0.00
CA GLU A 107 -11.03 12.32 0.47
C GLU A 107 -10.92 12.65 1.96
N SER A 108 -10.31 11.74 2.74
CA SER A 108 -10.13 11.93 4.19
C SER A 108 -9.32 10.82 4.83
N ILE A 109 -8.95 11.02 6.11
CA ILE A 109 -8.31 9.98 6.92
C ILE A 109 -9.18 9.72 8.15
N GLU A 110 -9.62 8.46 8.32
CA GLU A 110 -10.47 8.09 9.46
C GLU A 110 -9.94 6.83 10.14
N LYS A 111 -9.38 7.00 11.35
CA LYS A 111 -8.83 5.86 12.08
C LYS A 111 -9.90 4.97 12.68
N LEU A 112 -9.71 3.67 12.51
CA LEU A 112 -10.60 2.66 13.08
C LEU A 112 -10.11 2.21 14.48
N GLY A 113 -8.92 2.70 14.89
CA GLY A 113 -8.35 2.35 16.17
C GLY A 113 -7.60 1.03 16.11
N VAL A 114 -7.49 0.36 17.26
CA VAL A 114 -6.74 -0.89 17.37
C VAL A 114 -7.42 -1.99 16.54
N ASN A 115 -6.64 -2.59 15.64
CA ASN A 115 -7.11 -3.68 14.77
C ASN A 115 -6.01 -4.71 14.58
N HIS A 116 -6.38 -5.83 13.97
CA HIS A 116 -5.41 -6.88 13.65
C HIS A 116 -4.74 -6.56 12.33
N VAL A 117 -3.45 -6.24 12.40
CA VAL A 117 -2.66 -5.83 11.21
C VAL A 117 -1.69 -6.92 10.77
N TYR A 118 -1.61 -7.09 9.45
CA TYR A 118 -0.71 -8.06 8.85
C TYR A 118 -0.04 -7.39 7.64
N ASP A 119 1.20 -7.78 7.34
CA ASP A 119 1.92 -7.19 6.21
C ASP A 119 3.09 -8.07 5.80
N ILE A 120 3.56 -7.89 4.55
CA ILE A 120 4.66 -8.69 4.01
C ILE A 120 5.76 -7.82 3.41
N GLU A 121 7.00 -8.30 3.56
CA GLU A 121 8.18 -7.60 3.10
C GLU A 121 8.58 -8.03 1.69
N VAL A 122 9.29 -7.15 0.99
CA VAL A 122 9.80 -7.47 -0.36
C VAL A 122 11.32 -7.38 -0.35
N GLU A 123 11.97 -8.06 -1.31
CA GLU A 123 13.45 -8.16 -1.32
C GLU A 123 14.13 -7.35 -2.43
N HIS A 124 13.44 -6.35 -3.02
CA HIS A 124 14.07 -5.51 -4.06
C HIS A 124 14.11 -4.02 -3.68
N ASN A 125 12.92 -3.39 -3.57
CA ASN A 125 12.86 -1.95 -3.18
C ASN A 125 12.25 -1.73 -1.78
N HIS A 126 11.94 -2.82 -1.08
CA HIS A 126 11.38 -2.75 0.29
C HIS A 126 10.10 -1.88 0.39
N ASN A 127 9.19 -2.03 -0.59
CA ASN A 127 7.90 -1.33 -0.55
C ASN A 127 6.83 -2.12 -1.32
N PHE A 128 5.56 -1.78 -1.09
CA PHE A 128 4.44 -2.46 -1.76
C PHE A 128 3.23 -1.53 -1.88
N VAL A 129 2.30 -1.89 -2.78
CA VAL A 129 1.08 -1.10 -2.97
C VAL A 129 -0.11 -1.82 -2.36
N ALA A 130 -0.77 -1.16 -1.39
CA ALA A 130 -1.94 -1.72 -0.73
C ALA A 130 -3.20 -1.04 -1.22
N ASN A 131 -4.09 -1.83 -1.82
CA ASN A 131 -5.36 -1.33 -2.35
C ASN A 131 -5.13 -0.09 -3.26
N GLY A 132 -4.08 -0.16 -4.08
CA GLY A 132 -3.77 0.92 -5.04
C GLY A 132 -2.98 2.08 -4.40
N LEU A 133 -2.64 1.96 -3.11
CA LEU A 133 -1.87 3.01 -2.41
C LEU A 133 -0.44 2.51 -2.12
N LEU A 134 0.56 3.22 -2.69
CA LEU A 134 1.97 2.84 -2.47
C LEU A 134 2.40 3.16 -1.04
N VAL A 135 2.98 2.14 -0.39
CA VAL A 135 3.38 2.25 1.02
C VAL A 135 4.85 1.81 1.22
N HIS A 136 5.60 2.61 1.96
CA HIS A 136 6.99 2.29 2.30
C HIS A 136 7.02 1.22 3.41
N ASN A 137 7.89 0.21 3.24
CA ASN A 137 8.02 -0.86 4.23
C ASN A 137 9.25 -1.74 3.94
#